data_2I2R
#
_entry.id   2I2R
#
_cell.length_a   93.151
_cell.length_b   98.105
_cell.length_c   97.783
_cell.angle_alpha   91.00
_cell.angle_beta   112.56
_cell.angle_gamma   111.77
#
_symmetry.space_group_name_H-M   'P 1'
#
loop_
_entity.id
_entity.type
_entity.pdbx_description
1 polymer 'Potassium voltage-gated channel subfamily D member 3'
2 polymer 'Kv channel-interacting protein 1'
3 non-polymer 'ZINC ION'
4 non-polymer 'CALCIUM ION'
5 non-polymer 'SODIUM ION'
#
loop_
_entity_poly.entity_id
_entity_poly.type
_entity_poly.pdbx_seq_one_letter_code
_entity_poly.pdbx_strand_id
1 'polypeptide(L)'
;GAAAGVAAWLPFARAAAIGWMPVANCPMPLAPADKNKRQDELIVLNVSGRRFQTWRTTLERYPDTLLGSTEKEFFFNEDT
KEYFFDRDPEVFRCVLNFYRTGKLHYPRYECISAYDDELAFYGILPEIIGDCCYEEYKDRKREN
;
A,B,C,D,I,J,K,L
2 'polypeptide(L)'
;EGLEQLEAQTNFTKRELQVLYRGFKNECPSGVVNEDTFKQIYAQFFPHGDASTYAHYLFNAFDTTQTGSVKFEDFVTALS
ILLRGTVHEKLRWTFNLYDINKDGYINKEEMMDIVKAIYDMMGAYTYPVLAEDTPRQHVDVFFQKMDKNKDGIVTLDEFL
ESCQEDDNIMRSLQLFQNVM
;
E,F,G,H,M,N,O,P
#
loop_
_chem_comp.id
_chem_comp.type
_chem_comp.name
_chem_comp.formula
CA non-polymer 'CALCIUM ION' 'Ca 2'
NA non-polymer 'SODIUM ION' 'Na 1'
ZN non-polymer 'ZINC ION' 'Zn 2'
#
# COMPACT_ATOMS: atom_id res chain seq x y z
N ALA A 4 -25.01 -4.43 20.34
CA ALA A 4 -24.67 -3.70 19.08
C ALA A 4 -25.81 -3.73 18.03
N GLY A 5 -26.18 -4.96 17.62
CA GLY A 5 -27.23 -5.16 16.63
C GLY A 5 -28.53 -5.54 17.30
N VAL A 6 -28.61 -5.32 18.61
CA VAL A 6 -29.84 -5.56 19.36
C VAL A 6 -30.82 -4.42 19.10
N ALA A 7 -30.29 -3.26 18.73
CA ALA A 7 -31.14 -2.13 18.36
C ALA A 7 -32.17 -2.50 17.28
N ALA A 8 -31.77 -3.39 16.37
CA ALA A 8 -32.63 -3.82 15.28
C ALA A 8 -33.75 -4.79 15.68
N TRP A 9 -33.82 -5.17 16.96
CA TRP A 9 -34.91 -6.01 17.48
C TRP A 9 -35.96 -5.22 18.25
N LEU A 10 -35.55 -4.10 18.83
CA LEU A 10 -36.51 -3.22 19.52
C LEU A 10 -37.81 -2.79 18.75
N PRO A 11 -37.78 -2.58 17.39
CA PRO A 11 -39.05 -2.27 16.75
C PRO A 11 -40.15 -3.32 16.92
N PHE A 12 -39.77 -4.57 17.16
CA PHE A 12 -40.78 -5.62 17.44
C PHE A 12 -41.43 -5.40 18.78
N ALA A 13 -40.68 -4.80 19.71
CA ALA A 13 -41.29 -4.34 20.95
C ALA A 13 -42.11 -3.06 20.69
N ARG A 14 -41.50 -2.04 20.07
CA ARG A 14 -42.20 -0.77 19.84
C ARG A 14 -43.55 -1.02 19.13
N ALA A 15 -43.62 -2.09 18.34
CA ALA A 15 -44.86 -2.45 17.61
C ALA A 15 -46.02 -2.74 18.53
N ALA A 16 -45.74 -3.41 19.66
CA ALA A 16 -46.78 -3.87 20.56
C ALA A 16 -47.33 -2.77 21.47
N ALA A 17 -46.69 -1.61 21.48
CA ALA A 17 -47.23 -0.43 22.17
C ALA A 17 -48.42 0.23 21.43
N ILE A 18 -48.27 0.50 20.12
CA ILE A 18 -49.28 1.17 19.29
C ILE A 18 -50.69 0.85 19.74
N GLY A 19 -51.40 1.86 20.26
CA GLY A 19 -52.81 1.72 20.64
C GLY A 19 -53.07 2.16 22.07
N TRP A 20 -51.98 2.42 22.78
CA TRP A 20 -51.98 2.84 24.21
C TRP A 20 -50.64 3.51 24.55
N MET A 21 -50.17 3.27 25.78
CA MET A 21 -48.87 3.77 26.22
C MET A 21 -48.80 5.29 26.48
N ALA A 24 -44.48 4.63 32.69
CA ALA A 24 -43.75 5.48 31.74
C ALA A 24 -43.41 4.80 30.35
N ASN A 25 -42.14 4.41 30.14
CA ASN A 25 -41.62 3.78 28.89
C ASN A 25 -40.08 3.90 28.78
N CYS A 26 -39.47 3.00 28.00
CA CYS A 26 -38.06 3.11 27.62
C CYS A 26 -37.79 2.45 26.25
N PRO A 27 -38.90 2.11 25.57
CA PRO A 27 -38.94 1.61 24.16
C PRO A 27 -39.20 2.78 23.19
N MET A 28 -38.28 3.76 23.27
CA MET A 28 -38.26 4.98 22.46
C MET A 28 -38.46 4.70 20.97
N ASN A 36 -32.10 11.38 11.77
CA ASN A 36 -31.20 10.24 11.55
C ASN A 36 -30.56 9.67 12.85
N LYS A 37 -29.75 8.62 12.71
CA LYS A 37 -29.02 8.01 13.85
C LYS A 37 -27.58 8.55 13.94
N ARG A 38 -26.61 7.64 13.94
CA ARG A 38 -25.20 7.98 13.71
C ARG A 38 -24.67 7.04 12.62
N GLN A 39 -23.37 7.08 12.37
CA GLN A 39 -22.72 6.33 11.28
C GLN A 39 -22.44 4.84 11.67
N ASP A 40 -21.63 4.13 10.89
CA ASP A 40 -20.70 3.12 11.43
C ASP A 40 -19.44 2.98 10.59
N GLU A 41 -18.27 2.99 11.24
CA GLU A 41 -16.98 2.78 10.59
C GLU A 41 -16.29 1.58 11.20
N LEU A 42 -15.39 0.93 10.47
CA LEU A 42 -14.45 0.03 11.16
C LEU A 42 -13.33 0.91 11.62
N ILE A 43 -12.90 0.70 12.86
CA ILE A 43 -11.72 1.43 13.34
C ILE A 43 -10.54 0.50 13.36
N VAL A 44 -9.32 1.07 13.30
CA VAL A 44 -8.13 0.29 13.06
C VAL A 44 -7.29 0.39 14.28
N LEU A 45 -7.05 -0.73 14.95
CA LEU A 45 -6.20 -0.69 16.13
C LEU A 45 -4.84 -1.32 15.86
N ASN A 46 -3.83 -0.51 15.65
CA ASN A 46 -2.47 -0.96 15.40
C ASN A 46 -1.81 -1.41 16.69
N VAL A 47 -1.47 -2.68 16.84
CA VAL A 47 -0.92 -3.05 18.14
C VAL A 47 0.45 -3.66 18.00
N SER A 48 1.44 -2.81 18.11
CA SER A 48 2.84 -3.19 18.01
C SER A 48 3.14 -3.63 16.59
N GLY A 49 2.21 -3.40 15.68
CA GLY A 49 2.40 -3.93 14.36
C GLY A 49 1.12 -4.55 13.87
N ARG A 50 0.62 -5.58 14.56
CA ARG A 50 -0.65 -6.26 14.17
C ARG A 50 -1.76 -5.22 14.06
N ARG A 51 -2.32 -5.05 12.87
CA ARG A 51 -3.36 -4.07 12.64
C ARG A 51 -4.67 -4.73 12.87
N PHE A 52 -5.20 -4.59 14.09
CA PHE A 52 -6.57 -5.09 14.41
C PHE A 52 -7.67 -4.20 13.81
N GLN A 53 -8.80 -4.81 13.43
CA GLN A 53 -9.91 -4.05 12.90
C GLN A 53 -11.21 -4.46 13.54
N THR A 54 -12.02 -3.47 13.91
CA THR A 54 -13.31 -3.74 14.53
C THR A 54 -14.30 -2.62 14.26
N TRP A 55 -15.58 -2.94 14.36
CA TRP A 55 -16.64 -1.95 14.19
C TRP A 55 -16.65 -0.99 15.35
N ARG A 56 -16.86 0.28 15.05
CA ARG A 56 -16.78 1.30 16.08
C ARG A 56 -17.71 0.94 17.23
N THR A 57 -18.95 0.60 16.88
CA THR A 57 -19.95 0.12 17.83
C THR A 57 -19.42 -0.97 18.74
N THR A 58 -18.67 -1.91 18.19
CA THR A 58 -18.13 -3.00 19.01
C THR A 58 -17.40 -2.46 20.22
N LEU A 59 -16.66 -1.37 20.03
CA LEU A 59 -15.90 -0.78 21.11
C LEU A 59 -16.82 -0.03 22.05
N GLU A 60 -17.77 0.69 21.47
CA GLU A 60 -18.71 1.53 22.22
C GLU A 60 -19.49 0.73 23.24
N ARG A 61 -19.48 -0.59 23.08
CA ARG A 61 -20.24 -1.51 23.93
C ARG A 61 -19.96 -1.41 25.44
N TYR A 62 -18.71 -1.16 25.80
CA TYR A 62 -18.36 -0.96 27.19
C TYR A 62 -17.70 0.36 27.25
N PRO A 63 -18.49 1.46 27.30
CA PRO A 63 -17.77 2.71 27.44
C PRO A 63 -17.21 2.71 28.84
N ASP A 64 -16.36 3.68 29.12
CA ASP A 64 -15.64 3.77 30.40
C ASP A 64 -14.56 2.68 30.60
N THR A 65 -14.19 2.03 29.50
CA THR A 65 -12.96 1.24 29.46
C THR A 65 -12.18 1.82 28.30
N LEU A 66 -10.86 1.98 28.51
CA LEU A 66 -9.94 2.59 27.53
C LEU A 66 -10.45 2.72 26.10
N LEU A 67 -10.68 1.60 25.41
CA LEU A 67 -11.13 1.69 24.01
C LEU A 67 -12.59 2.15 23.91
N GLY A 68 -13.42 1.60 24.80
CA GLY A 68 -14.84 1.95 24.81
C GLY A 68 -15.07 3.42 25.08
N SER A 69 -14.08 4.05 25.70
CA SER A 69 -14.24 5.42 26.18
C SER A 69 -13.61 6.45 25.27
N THR A 70 -13.40 7.63 25.83
CA THR A 70 -12.73 8.75 25.19
C THR A 70 -11.21 8.66 25.31
N GLU A 71 -10.74 7.94 26.33
CA GLU A 71 -9.32 7.80 26.65
C GLU A 71 -8.47 7.48 25.44
N LYS A 72 -8.92 6.53 24.62
CA LYS A 72 -8.19 6.10 23.42
C LYS A 72 -7.81 7.26 22.49
N GLU A 73 -8.46 8.41 22.64
CA GLU A 73 -8.11 9.53 21.79
C GLU A 73 -6.66 9.91 21.96
N PHE A 74 -6.09 9.62 23.14
CA PHE A 74 -4.68 9.86 23.44
C PHE A 74 -3.73 8.93 22.67
N PHE A 75 -4.27 7.92 21.99
CA PHE A 75 -3.42 6.96 21.30
C PHE A 75 -3.63 7.04 19.81
N PHE A 76 -4.37 8.04 19.38
CA PHE A 76 -4.65 8.16 17.96
C PHE A 76 -3.51 8.87 17.26
N ASN A 77 -3.13 8.37 16.10
CA ASN A 77 -2.10 9.00 15.32
C ASN A 77 -2.74 9.73 14.17
N GLU A 78 -2.55 11.03 14.16
CA GLU A 78 -3.03 11.93 13.11
C GLU A 78 -2.63 11.51 11.68
N ASP A 79 -1.33 11.25 11.52
CA ASP A 79 -0.72 10.78 10.26
C ASP A 79 -1.17 9.35 9.90
N THR A 80 -0.64 8.35 10.62
CA THR A 80 -0.98 6.96 10.35
C THR A 80 -2.50 6.75 10.32
N LYS A 81 -3.24 7.73 10.81
CA LYS A 81 -4.71 7.73 10.85
C LYS A 81 -5.26 6.49 11.57
N GLU A 82 -4.58 6.08 12.64
CA GLU A 82 -4.96 4.91 13.42
C GLU A 82 -4.56 5.01 14.90
N TYR A 83 -5.28 4.25 15.72
CA TYR A 83 -4.92 4.04 17.12
C TYR A 83 -3.75 3.09 17.13
N PHE A 84 -2.70 3.46 17.85
CA PHE A 84 -1.53 2.60 18.01
C PHE A 84 -1.24 2.37 19.48
N PHE A 85 -1.06 1.11 19.85
CA PHE A 85 -0.68 0.74 21.21
C PHE A 85 0.64 -0.06 21.24
N ASP A 86 1.63 0.36 22.02
CA ASP A 86 2.90 -0.31 22.04
C ASP A 86 2.75 -1.40 23.08
N ARG A 87 1.61 -2.05 23.10
CA ARG A 87 1.44 -3.21 23.97
C ARG A 87 1.61 -4.54 23.20
N ASP A 88 1.49 -5.63 23.93
CA ASP A 88 1.58 -6.96 23.39
C ASP A 88 0.37 -7.19 22.54
N PRO A 89 0.57 -7.70 21.33
CA PRO A 89 -0.52 -7.82 20.42
C PRO A 89 -1.34 -9.03 20.79
N GLU A 90 -0.70 -10.06 21.31
CA GLU A 90 -1.44 -11.25 21.67
C GLU A 90 -2.56 -11.02 22.68
N VAL A 91 -2.25 -10.51 23.86
CA VAL A 91 -3.26 -10.42 24.91
C VAL A 91 -4.40 -9.56 24.40
N PHE A 92 -4.04 -8.54 23.62
CA PHE A 92 -5.02 -7.65 22.97
C PHE A 92 -6.14 -8.40 22.24
N ARG A 93 -5.84 -9.59 21.75
CA ARG A 93 -6.88 -10.49 21.19
C ARG A 93 -8.02 -10.71 22.17
N CYS A 94 -7.69 -10.96 23.42
CA CYS A 94 -8.72 -11.27 24.38
C CYS A 94 -9.49 -10.04 24.68
N VAL A 95 -8.75 -8.96 24.90
CA VAL A 95 -9.39 -7.69 25.19
C VAL A 95 -10.37 -7.35 24.06
N LEU A 96 -9.95 -7.46 22.81
CA LEU A 96 -10.87 -7.15 21.72
C LEU A 96 -12.02 -8.10 21.72
N ASN A 97 -11.72 -9.39 21.83
CA ASN A 97 -12.75 -10.42 21.87
C ASN A 97 -13.74 -10.31 23.00
N PHE A 98 -13.36 -9.65 24.09
CA PHE A 98 -14.29 -9.37 25.15
C PHE A 98 -15.33 -8.36 24.69
N TYR A 99 -14.93 -7.40 23.86
CA TYR A 99 -15.89 -6.45 23.33
C TYR A 99 -16.85 -7.13 22.37
N ARG A 100 -16.39 -8.23 21.78
CA ARG A 100 -17.14 -8.91 20.73
C ARG A 100 -18.26 -9.84 21.25
N THR A 101 -17.91 -11.02 21.77
CA THR A 101 -18.81 -11.74 22.69
C THR A 101 -18.70 -11.04 24.03
N GLY A 102 -19.75 -11.12 24.84
CA GLY A 102 -19.68 -10.57 26.18
C GLY A 102 -18.53 -11.08 27.04
N LYS A 103 -18.04 -12.28 26.74
CA LYS A 103 -17.15 -13.01 27.65
C LYS A 103 -15.67 -12.61 27.51
N LEU A 104 -15.02 -12.40 28.66
CA LEU A 104 -13.57 -12.28 28.70
C LEU A 104 -12.99 -13.62 29.10
N HIS A 105 -12.16 -14.18 28.24
CA HIS A 105 -11.62 -15.50 28.45
C HIS A 105 -10.17 -15.42 28.89
N TYR A 106 -9.78 -16.36 29.75
CA TYR A 106 -8.40 -16.48 30.13
C TYR A 106 -7.71 -17.50 29.24
N PRO A 107 -6.79 -17.04 28.37
CA PRO A 107 -5.98 -17.93 27.53
C PRO A 107 -5.13 -18.96 28.36
N ARG A 108 -5.55 -20.22 28.45
CA ARG A 108 -4.93 -21.20 29.38
C ARG A 108 -3.46 -21.55 29.11
N TYR A 109 -2.74 -20.59 28.52
CA TYR A 109 -1.32 -20.71 28.20
C TYR A 109 -0.50 -19.52 28.73
N GLU A 110 -1.01 -18.30 28.53
CA GLU A 110 -0.34 -17.06 28.93
C GLU A 110 -0.15 -16.98 30.43
N CYS A 111 0.86 -16.23 30.84
CA CYS A 111 1.15 -16.07 32.27
C CYS A 111 0.12 -15.12 32.90
N ILE A 112 -0.34 -15.50 34.08
CA ILE A 112 -1.30 -14.70 34.85
C ILE A 112 -0.85 -13.25 34.86
N SER A 113 0.29 -13.00 35.50
CA SER A 113 0.84 -11.66 35.63
C SER A 113 0.87 -10.95 34.28
N ALA A 114 1.33 -11.64 33.25
CA ALA A 114 1.45 -11.05 31.91
C ALA A 114 0.17 -10.38 31.45
N TYR A 115 -0.96 -10.98 31.82
CA TYR A 115 -2.25 -10.63 31.27
C TYR A 115 -3.14 -9.84 32.25
N ASP A 116 -2.81 -9.84 33.54
CA ASP A 116 -3.46 -8.91 34.48
C ASP A 116 -2.95 -7.52 34.16
N ASP A 117 -1.62 -7.39 34.02
CA ASP A 117 -0.93 -6.15 33.69
C ASP A 117 -1.69 -5.45 32.57
N GLU A 118 -1.97 -6.23 31.54
CA GLU A 118 -2.63 -5.74 30.35
C GLU A 118 -4.10 -5.37 30.63
N LEU A 119 -4.82 -6.20 31.40
CA LEU A 119 -6.21 -5.88 31.74
C LEU A 119 -6.31 -4.57 32.49
N ALA A 120 -5.33 -4.31 33.34
CA ALA A 120 -5.29 -3.09 34.12
C ALA A 120 -5.13 -1.86 33.23
N PHE A 121 -4.29 -2.01 32.20
CA PHE A 121 -4.07 -0.97 31.20
C PHE A 121 -5.36 -0.62 30.46
N TYR A 122 -6.05 -1.62 29.91
CA TYR A 122 -7.22 -1.35 29.06
C TYR A 122 -8.50 -1.04 29.82
N GLY A 123 -8.42 -1.05 31.15
CA GLY A 123 -9.55 -0.68 32.00
C GLY A 123 -10.59 -1.76 32.28
N ILE A 124 -10.19 -3.00 32.10
CA ILE A 124 -11.05 -4.14 32.32
C ILE A 124 -10.73 -4.79 33.66
N LEU A 125 -11.77 -5.04 34.42
CA LEU A 125 -11.63 -5.54 35.79
C LEU A 125 -11.31 -7.03 35.82
N PRO A 126 -10.28 -7.42 36.61
CA PRO A 126 -9.75 -8.76 36.81
C PRO A 126 -10.79 -9.86 36.60
N GLU A 127 -11.87 -9.85 37.38
CA GLU A 127 -12.87 -10.92 37.25
C GLU A 127 -14.29 -10.52 36.76
N ILE A 128 -14.32 -9.94 35.56
CA ILE A 128 -15.49 -9.98 34.69
C ILE A 128 -15.34 -11.25 33.85
N ILE A 129 -14.36 -12.08 34.21
CA ILE A 129 -14.10 -13.36 33.54
C ILE A 129 -15.31 -14.28 33.71
N GLY A 130 -15.74 -14.88 32.60
CA GLY A 130 -16.86 -15.81 32.61
C GLY A 130 -16.55 -17.04 33.45
N ASP A 131 -17.59 -17.84 33.68
CA ASP A 131 -17.51 -19.05 34.52
C ASP A 131 -16.56 -20.12 33.96
N CYS A 132 -16.43 -20.15 32.64
CA CYS A 132 -15.55 -21.09 31.97
C CYS A 132 -14.07 -20.93 32.38
N CYS A 133 -13.64 -19.68 32.59
CA CYS A 133 -12.22 -19.38 32.73
C CYS A 133 -11.80 -18.90 34.12
N TYR A 134 -12.72 -18.26 34.85
CA TYR A 134 -12.47 -17.84 36.25
C TYR A 134 -12.19 -19.05 37.15
N GLU A 135 -12.45 -20.22 36.59
CA GLU A 135 -12.04 -21.50 37.16
C GLU A 135 -10.53 -21.66 37.08
N GLU A 136 -10.01 -21.50 35.86
CA GLU A 136 -8.59 -21.64 35.59
C GLU A 136 -7.78 -20.41 36.00
N TYR A 137 -8.45 -19.27 36.07
CA TYR A 137 -7.84 -18.05 36.55
C TYR A 137 -7.56 -18.16 38.04
N LYS A 138 -8.40 -18.92 38.74
CA LYS A 138 -8.18 -19.26 40.14
C LYS A 138 -6.98 -20.19 40.30
N ASP A 139 -7.09 -21.42 39.79
CA ASP A 139 -6.09 -22.50 40.02
C ASP A 139 -4.61 -22.25 39.60
N ARG A 140 -4.33 -21.12 38.95
CA ARG A 140 -2.95 -20.69 38.72
C ARG A 140 -2.71 -19.17 38.94
N LYS A 141 -3.38 -18.60 39.94
CA LYS A 141 -3.08 -17.25 40.41
C LYS A 141 -2.90 -17.22 41.92
N ALA B 4 -11.64 -31.51 -4.69
CA ALA B 4 -11.30 -30.26 -5.44
C ALA B 4 -10.55 -30.56 -6.75
N GLY B 5 -9.37 -31.18 -6.64
CA GLY B 5 -8.56 -31.53 -7.81
C GLY B 5 -8.66 -33.00 -8.14
N VAL B 6 -9.72 -33.63 -7.62
CA VAL B 6 -10.02 -35.00 -7.97
C VAL B 6 -10.64 -35.05 -9.36
N ALA B 7 -11.27 -33.95 -9.79
CA ALA B 7 -11.82 -33.82 -11.14
C ALA B 7 -10.79 -34.20 -12.20
N ALA B 8 -9.52 -33.88 -11.92
CA ALA B 8 -8.44 -34.11 -12.85
C ALA B 8 -8.01 -35.57 -12.95
N TRP B 9 -8.61 -36.44 -12.13
CA TRP B 9 -8.35 -37.89 -12.22
C TRP B 9 -9.41 -38.66 -13.01
N LEU B 10 -10.61 -38.07 -13.16
CA LEU B 10 -11.73 -38.72 -13.87
C LEU B 10 -11.42 -39.13 -15.34
N PRO B 11 -10.68 -38.29 -16.07
CA PRO B 11 -10.44 -38.73 -17.45
C PRO B 11 -9.73 -40.10 -17.57
N PHE B 12 -9.03 -40.53 -16.54
CA PHE B 12 -8.42 -41.87 -16.52
C PHE B 12 -9.52 -42.88 -16.42
N ALA B 13 -10.59 -42.53 -15.73
CA ALA B 13 -11.79 -43.36 -15.76
C ALA B 13 -12.45 -43.26 -17.15
N ARG B 14 -12.86 -42.04 -17.54
CA ARG B 14 -13.57 -41.88 -18.80
C ARG B 14 -12.83 -42.61 -19.94
N ALA B 15 -11.51 -42.73 -19.84
CA ALA B 15 -10.73 -43.41 -20.88
C ALA B 15 -11.12 -44.89 -21.07
N ALA B 16 -11.47 -45.57 -19.97
CA ALA B 16 -11.73 -47.01 -20.02
C ALA B 16 -13.13 -47.37 -20.50
N ALA B 17 -13.98 -46.36 -20.72
CA ALA B 17 -15.33 -46.54 -21.28
C ALA B 17 -15.27 -46.71 -22.81
N ILE B 18 -14.61 -45.76 -23.51
CA ILE B 18 -14.39 -45.79 -24.98
C ILE B 18 -14.45 -47.21 -25.62
N GLY B 19 -15.53 -47.50 -26.34
CA GLY B 19 -15.67 -48.80 -26.99
C GLY B 19 -16.97 -49.51 -26.64
N TRP B 20 -17.71 -48.95 -25.68
CA TRP B 20 -18.98 -49.49 -25.20
C TRP B 20 -19.69 -48.37 -24.38
N MET B 21 -20.44 -48.77 -23.34
CA MET B 21 -21.06 -47.83 -22.40
C MET B 21 -22.34 -47.20 -22.98
N ASN B 36 -16.71 -23.41 -21.29
CA ASN B 36 -15.45 -23.63 -20.56
C ASN B 36 -15.66 -24.31 -19.18
N LYS B 37 -14.61 -24.23 -18.34
CA LYS B 37 -14.69 -24.71 -16.94
C LYS B 37 -15.23 -23.62 -16.01
N ARG B 38 -14.49 -23.30 -14.95
CA ARG B 38 -14.85 -22.22 -14.01
C ARG B 38 -13.64 -21.68 -13.23
N GLN B 39 -12.74 -20.97 -13.91
CA GLN B 39 -11.43 -20.52 -13.35
C GLN B 39 -11.47 -20.13 -11.88
N ASP B 40 -10.41 -20.51 -11.18
CA ASP B 40 -10.30 -20.38 -9.72
C ASP B 40 -9.67 -19.05 -9.25
N GLU B 41 -10.13 -18.52 -8.13
CA GLU B 41 -9.57 -17.30 -7.51
C GLU B 41 -9.15 -17.64 -6.09
N LEU B 42 -8.19 -16.87 -5.55
CA LEU B 42 -8.01 -16.84 -4.09
C LEU B 42 -8.99 -15.80 -3.59
N ILE B 43 -9.68 -16.14 -2.50
CA ILE B 43 -10.57 -15.17 -1.89
C ILE B 43 -9.95 -14.75 -0.59
N VAL B 44 -10.33 -13.56 -0.12
CA VAL B 44 -9.61 -12.90 0.93
C VAL B 44 -10.54 -12.78 2.10
N LEU B 45 -10.20 -13.44 3.19
CA LEU B 45 -11.06 -13.36 4.34
C LEU B 45 -10.43 -12.51 5.41
N ASN B 46 -10.90 -11.28 5.52
CA ASN B 46 -10.45 -10.33 6.54
C ASN B 46 -11.05 -10.68 7.90
N VAL B 47 -10.24 -11.02 8.89
CA VAL B 47 -10.85 -11.41 10.18
C VAL B 47 -10.32 -10.57 11.31
N SER B 48 -11.08 -9.52 11.63
CA SER B 48 -10.73 -8.55 12.66
C SER B 48 -9.42 -7.82 12.35
N GLY B 49 -8.94 -7.98 11.13
CA GLY B 49 -7.64 -7.48 10.79
C GLY B 49 -6.84 -8.49 10.03
N ARG B 50 -6.58 -9.66 10.60
CA ARG B 50 -5.77 -10.69 9.93
C ARG B 50 -6.40 -11.00 8.60
N ARG B 51 -5.66 -10.79 7.52
CA ARG B 51 -6.18 -11.05 6.18
C ARG B 51 -5.87 -12.46 5.76
N PHE B 52 -6.84 -13.37 5.96
CA PHE B 52 -6.72 -14.77 5.52
C PHE B 52 -6.95 -14.89 4.02
N GLN B 53 -6.24 -15.85 3.41
CA GLN B 53 -6.39 -16.12 1.99
C GLN B 53 -6.50 -17.60 1.70
N THR B 54 -7.41 -17.94 0.80
CA THR B 54 -7.61 -19.32 0.46
C THR B 54 -8.19 -19.39 -0.94
N TRP B 55 -8.06 -20.56 -1.55
CA TRP B 55 -8.64 -20.89 -2.85
C TRP B 55 -10.13 -21.08 -2.77
N ARG B 56 -10.85 -20.49 -3.70
CA ARG B 56 -12.32 -20.48 -3.63
C ARG B 56 -12.84 -21.90 -3.45
N THR B 57 -12.29 -22.79 -4.25
CA THR B 57 -12.61 -24.20 -4.16
C THR B 57 -12.46 -24.77 -2.76
N THR B 58 -11.41 -24.36 -2.04
CA THR B 58 -11.19 -24.83 -0.68
C THR B 58 -12.44 -24.61 0.15
N LEU B 59 -13.10 -23.46 -0.01
CA LEU B 59 -14.29 -23.17 0.76
C LEU B 59 -15.48 -23.97 0.28
N GLU B 60 -15.60 -24.06 -1.04
CA GLU B 60 -16.70 -24.75 -1.69
C GLU B 60 -16.82 -26.21 -1.24
N ARG B 61 -15.77 -26.71 -0.60
CA ARG B 61 -15.67 -28.12 -0.21
C ARG B 61 -16.78 -28.56 0.75
N TYR B 62 -17.20 -27.68 1.64
CA TYR B 62 -18.32 -28.01 2.49
C TYR B 62 -19.35 -26.95 2.25
N PRO B 63 -20.15 -27.07 1.17
CA PRO B 63 -21.14 -26.03 1.03
C PRO B 63 -22.14 -26.30 2.13
N ASP B 64 -23.06 -25.37 2.34
CA ASP B 64 -24.01 -25.42 3.47
C ASP B 64 -23.35 -25.22 4.86
N THR B 65 -22.14 -24.67 4.86
CA THR B 65 -21.58 -24.08 6.06
C THR B 65 -21.20 -22.67 5.66
N LEU B 66 -21.47 -21.70 6.56
CA LEU B 66 -21.26 -20.25 6.32
C LEU B 66 -20.35 -19.86 5.13
N LEU B 67 -19.06 -20.22 5.21
CA LEU B 67 -18.16 -19.84 4.11
C LEU B 67 -18.36 -20.70 2.88
N GLY B 68 -18.57 -21.99 3.09
CA GLY B 68 -18.82 -22.88 1.97
C GLY B 68 -20.07 -22.52 1.20
N SER B 69 -20.97 -21.80 1.86
CA SER B 69 -22.25 -21.56 1.27
C SER B 69 -22.38 -20.17 0.66
N THR B 70 -23.64 -19.76 0.47
CA THR B 70 -24.03 -18.47 -0.05
C THR B 70 -24.07 -17.44 1.09
N GLU B 71 -24.26 -17.91 2.31
CA GLU B 71 -24.41 -17.05 3.47
C GLU B 71 -23.36 -15.97 3.53
N LYS B 72 -22.11 -16.34 3.28
CA LYS B 72 -20.99 -15.38 3.39
C LYS B 72 -21.19 -14.14 2.55
N GLU B 73 -22.11 -14.18 1.60
CA GLU B 73 -22.32 -13.02 0.76
C GLU B 73 -22.74 -11.84 1.63
N PHE B 74 -23.33 -12.13 2.79
CA PHE B 74 -23.78 -11.09 3.73
C PHE B 74 -22.64 -10.43 4.46
N PHE B 75 -21.42 -10.91 4.26
CA PHE B 75 -20.27 -10.37 4.95
C PHE B 75 -19.28 -9.80 3.97
N PHE B 76 -19.68 -9.69 2.72
CA PHE B 76 -18.79 -9.17 1.68
C PHE B 76 -18.82 -7.67 1.69
N ASN B 77 -17.67 -7.06 1.62
CA ASN B 77 -17.61 -5.63 1.51
C ASN B 77 -17.33 -5.21 0.08
N GLU B 78 -18.25 -4.45 -0.49
CA GLU B 78 -18.17 -3.95 -1.85
C GLU B 78 -16.89 -3.17 -2.12
N ASP B 79 -16.58 -2.25 -1.19
CA ASP B 79 -15.42 -1.37 -1.25
C ASP B 79 -14.12 -2.15 -1.01
N THR B 80 -13.89 -2.51 0.25
CA THR B 80 -12.69 -3.25 0.61
C THR B 80 -12.51 -4.47 -0.28
N LYS B 81 -13.56 -4.83 -1.02
CA LYS B 81 -13.56 -5.95 -1.95
C LYS B 81 -13.15 -7.26 -1.28
N GLU B 82 -13.61 -7.46 -0.04
CA GLU B 82 -13.25 -8.67 0.74
C GLU B 82 -14.30 -9.06 1.78
N TYR B 83 -14.34 -10.34 2.11
CA TYR B 83 -15.18 -10.77 3.20
C TYR B 83 -14.54 -10.33 4.52
N PHE B 84 -15.34 -9.71 5.39
CA PHE B 84 -14.86 -9.28 6.70
C PHE B 84 -15.72 -9.84 7.81
N PHE B 85 -15.08 -10.43 8.83
CA PHE B 85 -15.79 -10.97 10.00
C PHE B 85 -15.19 -10.39 11.26
N ASP B 86 -16.03 -9.84 12.12
CA ASP B 86 -15.57 -9.19 13.33
C ASP B 86 -15.48 -10.25 14.38
N ARG B 87 -15.00 -11.41 14.00
CA ARG B 87 -14.84 -12.50 14.96
C ARG B 87 -13.35 -12.58 15.36
N ASP B 88 -13.08 -13.48 16.31
CA ASP B 88 -11.74 -13.81 16.75
C ASP B 88 -10.95 -14.38 15.60
N PRO B 89 -9.74 -13.86 15.34
CA PRO B 89 -8.97 -14.34 14.21
C PRO B 89 -8.34 -15.66 14.49
N GLU B 90 -8.01 -15.92 15.76
CA GLU B 90 -7.39 -17.16 16.11
C GLU B 90 -8.23 -18.41 15.82
N VAL B 91 -9.43 -18.47 16.34
CA VAL B 91 -10.23 -19.68 16.18
C VAL B 91 -10.48 -19.96 14.70
N PHE B 92 -10.70 -18.87 13.97
CA PHE B 92 -10.84 -18.91 12.52
C PHE B 92 -9.76 -19.71 11.78
N ARG B 93 -8.54 -19.75 12.32
CA ARG B 93 -7.50 -20.67 11.82
C ARG B 93 -8.04 -22.08 11.68
N CYS B 94 -8.68 -22.55 12.74
CA CYS B 94 -9.11 -23.93 12.75
C CYS B 94 -10.20 -24.10 11.76
N VAL B 95 -11.17 -23.21 11.82
CA VAL B 95 -12.26 -23.27 10.88
C VAL B 95 -11.71 -23.34 9.46
N LEU B 96 -10.76 -22.47 9.11
CA LEU B 96 -10.22 -22.51 7.76
C LEU B 96 -9.50 -23.80 7.51
N ASN B 97 -8.65 -24.17 8.46
CA ASN B 97 -7.92 -25.43 8.34
C ASN B 97 -8.74 -26.70 8.24
N PHE B 98 -9.98 -26.65 8.72
CA PHE B 98 -10.93 -27.72 8.52
C PHE B 98 -11.34 -27.81 7.04
N TYR B 99 -11.45 -26.68 6.35
CA TYR B 99 -11.77 -26.74 4.93
C TYR B 99 -10.58 -27.28 4.16
N ARG B 100 -9.40 -27.11 4.72
CA ARG B 100 -8.15 -27.49 4.06
C ARG B 100 -7.82 -28.99 4.12
N THR B 101 -7.34 -29.51 5.25
CA THR B 101 -7.43 -30.96 5.53
C THR B 101 -8.85 -31.24 5.95
N GLY B 102 -9.32 -32.45 5.74
CA GLY B 102 -10.68 -32.79 6.17
C GLY B 102 -10.93 -32.54 7.64
N LYS B 103 -9.86 -32.56 8.44
CA LYS B 103 -9.98 -32.67 9.89
C LYS B 103 -10.19 -31.31 10.59
N LEU B 104 -11.15 -31.28 11.53
CA LEU B 104 -11.31 -30.16 12.45
C LEU B 104 -10.63 -30.49 13.75
N HIS B 105 -9.65 -29.66 14.11
CA HIS B 105 -8.83 -29.92 15.29
C HIS B 105 -9.22 -29.02 16.44
N TYR B 106 -9.15 -29.58 17.66
CA TYR B 106 -9.34 -28.79 18.87
C TYR B 106 -7.99 -28.31 19.39
N PRO B 107 -7.73 -26.99 19.27
CA PRO B 107 -6.52 -26.36 19.82
C PRO B 107 -6.37 -26.54 21.36
N ARG B 108 -5.55 -27.49 21.79
CA ARG B 108 -5.49 -27.93 23.23
C ARG B 108 -5.08 -26.82 24.23
N TYR B 109 -5.37 -25.57 23.85
CA TYR B 109 -5.08 -24.39 24.68
C TYR B 109 -6.31 -23.49 24.85
N GLU B 110 -7.04 -23.25 23.77
CA GLU B 110 -8.21 -22.38 23.78
C GLU B 110 -9.30 -22.91 24.71
N CYS B 111 -10.15 -22.02 25.18
CA CYS B 111 -11.26 -22.42 26.04
C CYS B 111 -12.37 -23.07 25.21
N ILE B 112 -12.90 -24.19 25.71
CA ILE B 112 -13.99 -24.91 25.07
C ILE B 112 -15.06 -23.94 24.63
N SER B 113 -15.70 -23.28 25.58
CA SER B 113 -16.77 -22.33 25.29
C SER B 113 -16.37 -21.33 24.21
N ALA B 114 -15.16 -20.80 24.32
CA ALA B 114 -14.68 -19.80 23.39
C ALA B 114 -14.83 -20.25 21.94
N TYR B 115 -14.65 -21.55 21.73
CA TYR B 115 -14.48 -22.11 20.39
C TYR B 115 -15.70 -22.88 19.89
N ASP B 116 -16.60 -23.28 20.80
CA ASP B 116 -17.91 -23.82 20.40
C ASP B 116 -18.74 -22.68 19.81
N ASP B 117 -18.74 -21.56 20.54
CA ASP B 117 -19.42 -20.32 20.14
C ASP B 117 -19.10 -20.05 18.67
N GLU B 118 -17.80 -20.09 18.37
CA GLU B 118 -17.31 -19.82 17.05
C GLU B 118 -17.78 -20.88 16.06
N LEU B 119 -17.68 -22.15 16.41
CA LEU B 119 -18.14 -23.22 15.50
C LEU B 119 -19.62 -23.07 15.16
N ALA B 120 -20.42 -22.64 16.13
CA ALA B 120 -21.84 -22.44 15.92
C ALA B 120 -22.10 -21.33 14.90
N PHE B 121 -21.27 -20.29 14.94
CA PHE B 121 -21.33 -19.18 13.98
C PHE B 121 -21.06 -19.59 12.53
N TYR B 122 -19.94 -20.25 12.30
CA TYR B 122 -19.52 -20.65 10.94
C TYR B 122 -20.29 -21.85 10.36
N GLY B 123 -21.18 -22.45 11.16
CA GLY B 123 -22.02 -23.54 10.67
C GLY B 123 -21.41 -24.92 10.69
N ILE B 124 -20.39 -25.10 11.53
CA ILE B 124 -19.70 -26.40 11.70
C ILE B 124 -20.19 -27.10 12.97
N LEU B 125 -20.54 -28.38 12.81
CA LEU B 125 -21.10 -29.14 13.93
C LEU B 125 -20.05 -29.62 14.93
N PRO B 126 -20.33 -29.38 16.24
CA PRO B 126 -19.51 -29.67 17.42
C PRO B 126 -18.54 -30.83 17.24
N GLU B 127 -19.06 -32.02 16.93
CA GLU B 127 -18.18 -33.18 16.78
C GLU B 127 -18.11 -33.84 15.39
N ILE B 128 -17.73 -33.02 14.41
CA ILE B 128 -17.07 -33.49 13.19
C ILE B 128 -15.55 -33.53 13.52
N ILE B 129 -15.22 -33.35 14.80
CA ILE B 129 -13.84 -33.37 15.29
C ILE B 129 -13.28 -34.77 15.08
N GLY B 130 -12.08 -34.83 14.51
CA GLY B 130 -11.40 -36.10 14.29
C GLY B 130 -11.09 -36.83 15.57
N ASP B 131 -10.63 -38.07 15.43
CA ASP B 131 -10.37 -38.93 16.59
C ASP B 131 -9.22 -38.40 17.47
N CYS B 132 -8.32 -37.64 16.88
CA CYS B 132 -7.15 -37.12 17.59
C CYS B 132 -7.54 -36.13 18.68
N CYS B 133 -8.61 -35.38 18.44
CA CYS B 133 -8.97 -34.23 19.27
C CYS B 133 -10.28 -34.38 20.05
N TYR B 134 -11.22 -35.15 19.50
CA TYR B 134 -12.51 -35.42 20.17
C TYR B 134 -12.27 -36.16 21.47
N GLU B 135 -11.03 -36.62 21.64
CA GLU B 135 -10.53 -37.17 22.88
C GLU B 135 -10.36 -36.07 23.92
N GLU B 136 -9.66 -35.01 23.53
CA GLU B 136 -9.40 -33.86 24.40
C GLU B 136 -10.58 -32.91 24.50
N TYR B 137 -11.44 -32.97 23.49
CA TYR B 137 -12.66 -32.20 23.50
C TYR B 137 -13.60 -32.77 24.56
N LYS B 138 -13.52 -34.07 24.78
CA LYS B 138 -14.26 -34.73 25.86
C LYS B 138 -13.71 -34.30 27.23
N ASP B 139 -12.46 -34.65 27.50
CA ASP B 139 -11.87 -34.50 28.84
C ASP B 139 -11.77 -33.09 29.44
N ARG B 140 -12.14 -32.06 28.67
CA ARG B 140 -12.32 -30.73 29.26
C ARG B 140 -13.57 -29.99 28.76
N LYS B 141 -14.65 -30.73 28.55
CA LYS B 141 -15.96 -30.12 28.28
C LYS B 141 -17.03 -30.67 29.22
N ALA C 4 26.15 -22.44 4.73
CA ALA C 4 25.80 -21.29 3.82
C ALA C 4 26.86 -20.16 3.81
N GLY C 5 27.14 -19.58 4.98
CA GLY C 5 28.13 -18.52 5.10
C GLY C 5 29.43 -19.04 5.68
N VAL C 6 29.59 -20.35 5.67
CA VAL C 6 30.86 -20.98 6.05
C VAL C 6 31.89 -20.76 4.95
N ALA C 7 31.44 -20.61 3.71
CA ALA C 7 32.33 -20.30 2.57
C ALA C 7 33.23 -19.11 2.86
N ALA C 8 32.74 -18.17 3.66
CA ALA C 8 33.48 -16.95 3.96
C ALA C 8 34.57 -17.15 5.00
N TRP C 9 34.68 -18.37 5.54
CA TRP C 9 35.76 -18.74 6.47
C TRP C 9 36.93 -19.48 5.79
N LEU C 10 36.67 -20.02 4.59
CA LEU C 10 37.61 -20.84 3.81
C LEU C 10 38.90 -20.14 3.35
N PRO C 11 38.85 -18.83 3.12
CA PRO C 11 40.11 -18.14 2.85
C PRO C 11 41.12 -18.09 4.02
N PHE C 12 40.63 -18.17 5.26
CA PHE C 12 41.55 -18.26 6.41
C PHE C 12 42.30 -19.56 6.37
N ALA C 13 41.64 -20.58 5.81
CA ALA C 13 42.33 -21.81 5.53
C ALA C 13 43.27 -21.62 4.34
N ARG C 14 42.72 -21.20 3.20
CA ARG C 14 43.51 -21.06 2.01
C ARG C 14 44.80 -20.24 2.28
N ALA C 15 44.73 -19.28 3.21
CA ALA C 15 45.90 -18.45 3.54
C ALA C 15 47.12 -19.26 4.01
N ALA C 16 46.88 -20.33 4.77
CA ALA C 16 47.94 -21.10 5.41
C ALA C 16 48.62 -22.07 4.45
N ALA C 17 48.09 -22.18 3.24
CA ALA C 17 48.71 -23.01 2.20
C ALA C 17 49.91 -22.31 1.56
N ILE C 18 49.70 -21.04 1.16
CA ILE C 18 50.74 -20.16 0.59
C ILE C 18 52.18 -20.41 1.06
N GLY C 19 52.96 -21.05 0.19
CA GLY C 19 54.37 -21.38 0.48
C GLY C 19 54.75 -22.82 0.18
N TRP C 20 53.73 -23.63 -0.16
CA TRP C 20 53.84 -25.07 -0.47
C TRP C 20 52.52 -25.60 -1.12
N MET C 21 52.14 -26.83 -0.82
CA MET C 21 50.88 -27.43 -1.30
C MET C 21 50.91 -27.80 -2.79
N ASP C 34 27.28 -19.92 -12.84
CA ASP C 34 27.54 -19.50 -11.47
C ASP C 34 28.97 -19.86 -10.99
N LYS C 35 29.96 -19.13 -11.51
CA LYS C 35 31.28 -19.04 -10.88
C LYS C 35 31.23 -17.81 -9.96
N ASN C 36 30.51 -16.78 -10.44
CA ASN C 36 30.25 -15.54 -9.70
C ASN C 36 28.93 -14.91 -10.20
N LYS C 37 27.80 -15.58 -9.98
CA LYS C 37 26.52 -15.16 -10.57
C LYS C 37 25.25 -15.27 -9.68
N ARG C 38 25.43 -15.61 -8.40
CA ARG C 38 24.32 -15.69 -7.46
C ARG C 38 24.52 -14.67 -6.33
N GLN C 39 23.55 -13.73 -6.23
CA GLN C 39 23.38 -12.78 -5.10
C GLN C 39 22.40 -13.41 -4.10
N ASP C 40 22.06 -12.70 -3.03
CA ASP C 40 21.01 -13.18 -2.12
C ASP C 40 19.74 -12.31 -2.13
N GLU C 41 18.57 -12.94 -2.08
CA GLU C 41 17.26 -12.26 -2.02
C GLU C 41 16.52 -12.74 -0.77
N LEU C 42 15.56 -11.95 -0.27
CA LEU C 42 14.59 -12.51 0.65
C LEU C 42 13.51 -13.01 -0.25
N ILE C 43 13.01 -14.20 0.02
CA ILE C 43 11.84 -14.68 -0.72
C ILE C 43 10.63 -14.62 0.20
N VAL C 44 9.45 -14.59 -0.41
CA VAL C 44 8.25 -14.25 0.32
C VAL C 44 7.36 -15.45 0.25
N LEU C 45 7.02 -15.99 1.40
CA LEU C 45 6.19 -17.16 1.39
C LEU C 45 4.85 -16.78 1.92
N ASN C 46 3.86 -16.64 1.04
CA ASN C 46 2.49 -16.34 1.42
C ASN C 46 1.76 -17.59 1.98
N VAL C 47 1.38 -17.62 3.24
CA VAL C 47 0.78 -18.85 3.72
C VAL C 47 -0.61 -18.62 4.27
N SER C 48 -1.59 -18.80 3.39
CA SER C 48 -3.01 -18.62 3.68
C SER C 48 -3.31 -17.17 4.02
N GLY C 49 -2.34 -16.30 3.77
CA GLY C 49 -2.46 -14.93 4.19
C GLY C 49 -1.18 -14.43 4.79
N ARG C 50 -0.73 -15.03 5.89
CA ARG C 50 0.46 -14.55 6.60
C ARG C 50 1.62 -14.57 5.65
N ARG C 51 2.23 -13.42 5.43
CA ARG C 51 3.32 -13.32 4.47
C ARG C 51 4.60 -13.53 5.20
N PHE C 52 5.13 -14.75 5.12
CA PHE C 52 6.44 -15.08 5.70
C PHE C 52 7.57 -14.61 4.80
N GLN C 53 8.69 -14.23 5.41
CA GLN C 53 9.83 -13.79 4.67
C GLN C 53 11.07 -14.45 5.17
N THR C 54 11.89 -14.93 4.26
CA THR C 54 13.16 -15.53 4.63
C THR C 54 14.22 -15.35 3.54
N TRP C 55 15.49 -15.46 3.93
CA TRP C 55 16.60 -15.40 2.98
C TRP C 55 16.63 -16.68 2.13
N ARG C 56 16.83 -16.53 0.82
CA ARG C 56 16.79 -17.66 -0.10
C ARG C 56 17.70 -18.78 0.40
N THR C 57 18.94 -18.41 0.73
CA THR C 57 19.89 -19.35 1.29
C THR C 57 19.32 -20.16 2.44
N THR C 58 18.56 -19.52 3.33
CA THR C 58 17.93 -20.21 4.45
C THR C 58 17.17 -21.45 3.98
N LEU C 59 16.53 -21.36 2.83
CA LEU C 59 15.72 -22.46 2.35
C LEU C 59 16.64 -23.45 1.74
N GLU C 60 17.61 -22.95 0.98
CA GLU C 60 18.56 -23.80 0.25
C GLU C 60 19.27 -24.79 1.17
N ARG C 61 19.23 -24.54 2.47
CA ARG C 61 19.97 -25.30 3.48
C ARG C 61 19.58 -26.77 3.53
N TYR C 62 18.34 -27.11 3.25
CA TYR C 62 17.96 -28.51 3.14
C TYR C 62 17.34 -28.69 1.79
N PRO C 63 18.18 -28.87 0.75
CA PRO C 63 17.53 -29.09 -0.54
C PRO C 63 16.95 -30.47 -0.45
N ASP C 64 16.18 -30.85 -1.46
CA ASP C 64 15.38 -32.08 -1.43
C ASP C 64 14.25 -32.14 -0.34
N THR C 65 13.86 -30.97 0.18
CA THR C 65 12.62 -30.84 0.90
C THR C 65 11.89 -29.70 0.22
N LEU C 66 10.58 -29.87 0.02
CA LEU C 66 9.73 -28.95 -0.74
C LEU C 66 10.27 -27.53 -0.97
N LEU C 67 10.48 -26.76 0.10
CA LEU C 67 10.95 -25.40 -0.07
C LEU C 67 12.42 -25.38 -0.45
N GLY C 68 13.20 -26.22 0.22
CA GLY C 68 14.62 -26.34 -0.07
C GLY C 68 14.90 -26.71 -1.51
N SER C 69 13.94 -27.37 -2.14
CA SER C 69 14.14 -27.92 -3.46
C SER C 69 13.54 -27.09 -4.59
N THR C 70 13.36 -27.76 -5.72
CA THR C 70 12.81 -27.20 -6.92
C THR C 70 11.29 -27.27 -6.88
N GLU C 71 10.78 -28.20 -6.07
CA GLU C 71 9.33 -28.48 -5.98
C GLU C 71 8.52 -27.22 -5.79
N LYS C 72 9.00 -26.32 -4.94
CA LYS C 72 8.25 -25.11 -4.64
C LYS C 72 7.92 -24.28 -5.85
N GLU C 73 8.62 -24.51 -6.96
CA GLU C 73 8.32 -23.75 -8.17
C GLU C 73 6.86 -23.89 -8.60
N PHE C 74 6.25 -25.03 -8.27
CA PHE C 74 4.84 -25.33 -8.54
C PHE C 74 3.88 -24.50 -7.70
N PHE C 75 4.41 -23.72 -6.75
CA PHE C 75 3.57 -22.93 -5.86
C PHE C 75 3.85 -21.44 -6.01
N PHE C 76 4.65 -21.10 -7.02
CA PHE C 76 4.99 -19.72 -7.24
C PHE C 76 3.91 -19.06 -8.06
N ASN C 77 3.55 -17.85 -7.70
CA ASN C 77 2.55 -17.10 -8.45
C ASN C 77 3.24 -16.00 -9.23
N GLU C 78 3.14 -16.11 -10.55
CA GLU C 78 3.71 -15.15 -11.51
C GLU C 78 3.32 -13.71 -11.21
N ASP C 79 2.02 -13.50 -10.98
CA ASP C 79 1.39 -12.20 -10.71
C ASP C 79 1.76 -11.69 -9.32
N THR C 80 1.16 -12.29 -8.29
CA THR C 80 1.48 -11.94 -6.89
C THR C 80 2.99 -12.00 -6.59
N LYS C 81 3.75 -12.63 -7.48
CA LYS C 81 5.23 -12.65 -7.42
C LYS C 81 5.73 -13.26 -6.10
N GLU C 82 4.99 -14.23 -5.60
CA GLU C 82 5.31 -14.91 -4.34
C GLU C 82 4.86 -16.38 -4.32
N TYR C 83 5.52 -17.15 -3.47
CA TYR C 83 5.09 -18.53 -3.24
C TYR C 83 3.86 -18.47 -2.34
N PHE C 84 2.80 -19.19 -2.70
CA PHE C 84 1.57 -19.24 -1.92
C PHE C 84 1.23 -20.65 -1.60
N PHE C 85 0.97 -20.87 -0.32
CA PHE C 85 0.55 -22.20 0.19
C PHE C 85 -0.78 -22.13 0.95
N ASP C 86 -1.77 -22.91 0.51
CA ASP C 86 -3.05 -22.91 1.16
C ASP C 86 -3.00 -23.87 2.35
N ARG C 87 -1.87 -23.85 3.06
CA ARG C 87 -1.77 -24.62 4.26
C ARG C 87 -1.95 -23.69 5.50
N ASP C 88 -2.00 -24.33 6.67
CA ASP C 88 -2.10 -23.69 7.96
C ASP C 88 -0.88 -22.84 8.16
N PRO C 89 -1.08 -21.58 8.56
CA PRO C 89 0.05 -20.70 8.67
C PRO C 89 0.84 -21.00 9.90
N GLU C 90 0.16 -21.47 10.95
CA GLU C 90 0.82 -21.72 12.20
C GLU C 90 1.92 -22.78 12.13
N VAL C 91 1.60 -23.96 11.67
CA VAL C 91 2.58 -25.03 11.68
C VAL C 91 3.78 -24.61 10.86
N PHE C 92 3.48 -23.95 9.75
CA PHE C 92 4.50 -23.41 8.88
C PHE C 92 5.63 -22.70 9.66
N ARG C 93 5.30 -22.02 10.74
CA ARG C 93 6.31 -21.40 11.60
C ARG C 93 7.42 -22.39 11.91
N CYS C 94 7.03 -23.60 12.32
CA CYS C 94 8.03 -24.56 12.75
C CYS C 94 8.84 -24.96 11.54
N VAL C 95 8.13 -25.25 10.46
CA VAL C 95 8.79 -25.71 9.28
C VAL C 95 9.81 -24.65 8.88
N LEU C 96 9.43 -23.39 8.86
CA LEU C 96 10.40 -22.38 8.47
C LEU C 96 11.52 -22.35 9.48
N ASN C 97 11.17 -22.33 10.77
CA ASN C 97 12.15 -22.29 11.88
C ASN C 97 13.15 -23.42 11.91
N PHE C 98 12.75 -24.55 11.32
CA PHE C 98 13.64 -25.67 11.13
C PHE C 98 14.75 -25.32 10.14
N TYR C 99 14.42 -24.53 9.13
CA TYR C 99 15.43 -24.13 8.16
C TYR C 99 16.35 -23.14 8.84
N ARG C 100 15.86 -22.51 9.89
CA ARG C 100 16.60 -21.41 10.48
C ARG C 100 17.64 -21.91 11.46
N THR C 101 17.22 -22.33 12.67
CA THR C 101 18.09 -23.15 13.53
C THR C 101 18.01 -24.54 12.98
N GLY C 102 19.03 -25.35 13.21
CA GLY C 102 18.98 -26.74 12.74
C GLY C 102 17.75 -27.52 13.22
N LYS C 103 17.22 -27.10 14.36
CA LYS C 103 16.26 -27.91 15.12
C LYS C 103 14.81 -27.78 14.64
N LEU C 104 14.14 -28.92 14.50
CA LEU C 104 12.70 -28.95 14.31
C LEU C 104 12.04 -29.21 15.65
N HIS C 105 11.21 -28.26 16.06
CA HIS C 105 10.60 -28.33 17.37
C HIS C 105 9.15 -28.78 17.27
N TYR C 106 8.71 -29.55 18.27
CA TYR C 106 7.30 -29.87 18.43
C TYR C 106 6.59 -28.88 19.37
N PRO C 107 5.69 -28.04 18.81
CA PRO C 107 4.89 -27.07 19.57
C PRO C 107 3.99 -27.77 20.60
N ARG C 108 4.37 -27.76 21.87
CA ARG C 108 3.70 -28.59 22.91
C ARG C 108 2.22 -28.25 23.17
N TYR C 109 1.56 -27.73 22.14
CA TYR C 109 0.15 -27.37 22.17
C TYR C 109 -0.64 -27.98 20.99
N GLU C 110 -0.07 -27.89 19.79
CA GLU C 110 -0.70 -28.38 18.54
C GLU C 110 -0.97 -29.89 18.62
N CYS C 111 -1.96 -30.34 17.85
CA CYS C 111 -2.28 -31.77 17.81
C CYS C 111 -1.25 -32.51 16.96
N ILE C 112 -0.82 -33.68 17.45
CA ILE C 112 0.14 -34.51 16.74
C ILE C 112 -0.25 -34.61 15.27
N SER C 113 -1.38 -35.27 15.01
CA SER C 113 -1.89 -35.49 13.67
C SER C 113 -1.84 -34.18 12.85
N ALA C 114 -2.32 -33.09 13.43
CA ALA C 114 -2.38 -31.81 12.71
C ALA C 114 -1.04 -31.43 12.10
N TYR C 115 0.03 -31.86 12.75
CA TYR C 115 1.36 -31.36 12.45
C TYR C 115 2.22 -32.41 11.78
N ASP C 116 1.85 -33.69 11.87
CA ASP C 116 2.52 -34.72 11.07
C ASP C 116 2.11 -34.53 9.63
N ASP C 117 0.79 -34.37 9.43
CA ASP C 117 0.18 -34.11 8.12
C ASP C 117 1.00 -33.06 7.37
N GLU C 118 1.21 -31.94 8.05
CA GLU C 118 1.99 -30.83 7.56
C GLU C 118 3.46 -31.19 7.27
N LEU C 119 4.12 -31.90 8.18
CA LEU C 119 5.49 -32.31 7.93
C LEU C 119 5.63 -33.15 6.67
N ALA C 120 4.63 -34.01 6.44
CA ALA C 120 4.62 -34.88 5.28
C ALA C 120 4.52 -34.09 3.98
N PHE C 121 3.74 -33.02 4.01
CA PHE C 121 3.59 -32.14 2.86
C PHE C 121 4.92 -31.49 2.46
N TYR C 122 5.57 -30.83 3.43
CA TYR C 122 6.79 -30.03 3.18
C TYR C 122 8.05 -30.86 2.99
N GLY C 123 7.91 -32.18 3.12
CA GLY C 123 9.01 -33.10 2.87
C GLY C 123 9.98 -33.27 4.02
N ILE C 124 9.53 -32.99 5.24
CA ILE C 124 10.35 -33.15 6.43
C ILE C 124 10.00 -34.45 7.16
N LEU C 125 11.03 -35.23 7.47
CA LEU C 125 10.81 -36.52 8.11
C LEU C 125 10.45 -36.41 9.58
N PRO C 126 9.39 -37.15 10.01
CA PRO C 126 8.81 -37.24 11.35
C PRO C 126 9.78 -36.99 12.48
N GLU C 127 10.86 -37.79 12.57
CA GLU C 127 11.80 -37.56 13.66
C GLU C 127 13.23 -37.15 13.26
N ILE C 128 13.31 -36.01 12.57
CA ILE C 128 14.50 -35.14 12.60
C ILE C 128 14.33 -34.18 13.80
N ILE C 129 13.31 -34.44 14.63
CA ILE C 129 13.03 -33.65 15.83
C ILE C 129 14.19 -33.77 16.81
N GLY C 130 14.65 -32.63 17.32
CA GLY C 130 15.72 -32.61 18.31
C GLY C 130 15.36 -33.36 19.59
N ASP C 131 16.35 -33.54 20.45
CA ASP C 131 16.18 -34.27 21.72
C ASP C 131 15.20 -33.60 22.70
N CYS C 132 15.08 -32.27 22.58
CA CYS C 132 14.20 -31.49 23.43
C CYS C 132 12.73 -31.82 23.24
N CYS C 133 12.35 -32.14 22.02
CA CYS C 133 10.95 -32.28 21.66
C CYS C 133 10.51 -33.70 21.28
N TYR C 134 11.44 -34.53 20.78
CA TYR C 134 11.16 -35.96 20.46
C TYR C 134 10.81 -36.73 21.72
N GLU C 135 11.04 -36.10 22.86
CA GLU C 135 10.56 -36.54 24.15
C GLU C 135 9.03 -36.40 24.24
N GLU C 136 8.55 -35.18 23.97
CA GLU C 136 7.12 -34.87 24.04
C GLU C 136 6.35 -35.38 22.83
N TYR C 137 7.06 -35.56 21.71
CA TYR C 137 6.50 -36.13 20.49
C TYR C 137 6.16 -37.59 20.72
N LYS C 138 6.95 -38.25 21.58
CA LYS C 138 6.67 -39.61 22.03
C LYS C 138 5.42 -39.62 22.90
N ASP C 139 5.51 -38.99 24.08
CA ASP C 139 4.47 -39.09 25.12
C ASP C 139 3.04 -38.62 24.79
N ARG C 140 2.81 -38.11 23.58
CA ARG C 140 1.45 -37.89 23.10
C ARG C 140 1.24 -38.24 21.61
N LYS C 141 1.94 -39.27 21.13
CA LYS C 141 1.64 -39.86 19.82
C LYS C 141 1.38 -41.38 19.94
N ALA D 4 12.39 6.66 30.62
CA ALA D 4 12.13 7.34 29.31
C ALA D 4 11.36 8.66 29.47
N GLY D 5 10.12 8.58 29.99
CA GLY D 5 9.27 9.74 30.20
C GLY D 5 9.22 10.16 31.65
N VAL D 6 10.17 9.65 32.43
CA VAL D 6 10.37 10.10 33.80
C VAL D 6 10.98 11.52 33.81
N ALA D 7 11.73 11.87 32.77
CA ALA D 7 12.31 13.20 32.63
C ALA D 7 11.26 14.28 32.84
N ALA D 8 10.03 13.98 32.44
CA ALA D 8 8.93 14.94 32.52
C ALA D 8 8.34 15.07 33.92
N TRP D 9 8.84 14.30 34.89
CA TRP D 9 8.42 14.47 36.27
C TRP D 9 9.40 15.31 37.10
N LEU D 10 10.66 15.37 36.64
CA LEU D 10 11.71 16.09 37.34
C LEU D 10 11.43 17.59 37.64
N PRO D 11 10.81 18.35 36.70
CA PRO D 11 10.58 19.75 37.05
C PRO D 11 9.76 19.94 38.32
N PHE D 12 8.97 18.96 38.70
CA PHE D 12 8.25 19.03 39.97
C PHE D 12 9.22 18.95 41.14
N ALA D 13 10.34 18.29 40.93
CA ALA D 13 11.42 18.36 41.90
C ALA D 13 12.15 19.70 41.77
N ARG D 14 12.68 19.99 40.58
CA ARG D 14 13.40 21.24 40.42
C ARG D 14 12.59 22.45 41.00
N ALA D 15 11.24 22.38 41.00
CA ALA D 15 10.38 23.45 41.55
C ALA D 15 10.60 23.74 43.02
N ALA D 16 10.89 22.69 43.78
CA ALA D 16 11.00 22.77 45.24
C ALA D 16 12.39 23.26 45.70
N ALA D 17 13.33 23.42 44.76
CA ALA D 17 14.62 24.06 45.06
C ALA D 17 14.50 25.58 45.24
N ILE D 18 13.66 26.23 44.41
CA ILE D 18 13.51 27.70 44.24
C ILE D 18 13.47 28.56 45.49
N GLY D 19 14.64 29.06 45.89
CA GLY D 19 14.77 29.84 47.12
C GLY D 19 16.01 29.54 47.94
N TRP D 20 16.78 28.54 47.51
CA TRP D 20 18.04 28.10 48.14
C TRP D 20 18.86 27.23 47.16
N MET D 21 19.52 26.20 47.68
CA MET D 21 20.28 25.21 46.89
C MET D 21 21.60 25.76 46.31
N ARG D 38 16.13 14.78 18.76
CA ARG D 38 15.60 15.22 20.04
C ARG D 38 14.23 14.59 20.36
N GLN D 39 13.52 14.10 19.32
CA GLN D 39 12.13 13.59 19.43
C GLN D 39 12.04 12.07 19.33
N ASP D 40 10.90 11.54 18.90
CA ASP D 40 10.63 10.09 18.94
C ASP D 40 10.02 9.56 17.64
N GLU D 41 10.43 8.36 17.21
CA GLU D 41 9.87 7.67 16.01
C GLU D 41 9.36 6.32 16.43
N LEU D 42 8.43 5.74 15.68
CA LEU D 42 8.20 4.30 15.82
C LEU D 42 9.16 3.68 14.87
N ILE D 43 9.85 2.64 15.32
CA ILE D 43 10.71 1.89 14.42
C ILE D 43 10.04 0.57 14.08
N VAL D 44 10.44 -0.02 12.97
CA VAL D 44 9.73 -1.14 12.37
C VAL D 44 10.61 -2.35 12.41
N LEU D 45 10.19 -3.36 13.14
CA LEU D 45 11.01 -4.55 13.20
C LEU D 45 10.39 -5.68 12.38
N ASN D 46 10.86 -5.85 11.16
CA ASN D 46 10.43 -6.95 10.30
C ASN D 46 10.97 -8.30 10.79
N VAL D 47 10.11 -9.19 11.27
CA VAL D 47 10.64 -10.49 11.74
C VAL D 47 10.07 -11.68 10.97
N SER D 48 10.85 -12.11 9.98
CA SER D 48 10.47 -13.21 9.09
C SER D 48 9.21 -12.90 8.26
N GLY D 49 8.79 -11.63 8.25
CA GLY D 49 7.51 -11.30 7.69
C GLY D 49 6.71 -10.43 8.62
N ARG D 50 6.48 -10.88 9.86
CA ARG D 50 5.65 -10.13 10.83
C ARG D 50 6.31 -8.78 11.05
N ARG D 51 5.63 -7.70 10.69
CA ARG D 51 6.18 -6.36 10.90
C ARG D 51 5.80 -5.84 12.26
N PHE D 52 6.69 -6.03 13.24
CA PHE D 52 6.57 -5.40 14.56
C PHE D 52 6.84 -3.90 14.58
N GLN D 53 6.09 -3.19 15.42
CA GLN D 53 6.28 -1.79 15.56
C GLN D 53 6.37 -1.38 17.02
N THR D 54 7.31 -0.48 17.30
CA THR D 54 7.53 -0.02 18.64
C THR D 54 8.18 1.37 18.62
N TRP D 55 8.01 2.11 19.71
CA TRP D 55 8.64 3.42 19.90
C TRP D 55 10.13 3.28 20.15
N ARG D 56 10.94 4.15 19.54
CA ARG D 56 12.38 4.01 19.61
C ARG D 56 12.85 3.92 21.04
N THR D 57 12.34 4.83 21.86
CA THR D 57 12.62 4.83 23.28
C THR D 57 12.40 3.48 23.92
N THR D 58 11.31 2.81 23.57
CA THR D 58 11.05 1.48 24.12
C THR D 58 12.28 0.57 24.03
N LEU D 59 13.01 0.68 22.93
CA LEU D 59 14.12 -0.22 22.72
C LEU D 59 15.30 0.27 23.50
N GLU D 60 15.46 1.59 23.52
CA GLU D 60 16.58 2.26 24.20
C GLU D 60 16.66 1.91 25.69
N ARG D 61 15.55 1.41 26.23
CA ARG D 61 15.39 1.12 27.64
C ARG D 61 16.43 0.16 28.23
N TYR D 62 16.88 -0.80 27.45
CA TYR D 62 17.94 -1.67 27.90
C TYR D 62 18.98 -1.60 26.83
N PRO D 63 19.79 -0.55 26.87
CA PRO D 63 20.82 -0.56 25.85
C PRO D 63 21.77 -1.71 26.22
N ASP D 64 22.73 -2.01 25.36
CA ASP D 64 23.65 -3.16 25.53
C ASP D 64 22.95 -4.54 25.39
N THR D 65 21.75 -4.52 24.83
CA THR D 65 21.13 -5.73 24.32
C THR D 65 20.81 -5.44 22.87
N LEU D 66 21.09 -6.41 22.00
CA LEU D 66 20.95 -6.28 20.54
C LEU D 66 20.12 -5.08 20.06
N LEU D 67 18.82 -5.08 20.38
CA LEU D 67 17.94 -4.01 19.88
C LEU D 67 18.20 -2.72 20.61
N GLY D 68 18.33 -2.82 21.93
CA GLY D 68 18.58 -1.66 22.76
C GLY D 68 19.89 -0.97 22.41
N SER D 69 20.78 -1.70 21.75
CA SER D 69 22.11 -1.20 21.48
C SER D 69 22.30 -0.69 20.06
N THR D 70 23.58 -0.64 19.67
CA THR D 70 24.02 -0.25 18.34
C THR D 70 24.05 -1.45 17.40
N GLU D 71 24.15 -2.64 17.98
CA GLU D 71 24.27 -3.89 17.22
C GLU D 71 23.24 -3.99 16.11
N LYS D 72 21.99 -3.68 16.42
CA LYS D 72 20.90 -3.79 15.45
C LYS D 72 21.16 -3.05 14.13
N GLU D 73 22.13 -2.14 14.13
CA GLU D 73 22.44 -1.42 12.89
C GLU D 73 22.84 -2.41 11.78
N PHE D 74 23.45 -3.54 12.18
CA PHE D 74 23.82 -4.63 11.25
C PHE D 74 22.63 -5.34 10.61
N PHE D 75 21.41 -5.07 11.05
CA PHE D 75 20.26 -5.75 10.55
C PHE D 75 19.31 -4.80 9.88
N PHE D 76 19.77 -3.57 9.70
CA PHE D 76 18.92 -2.57 9.06
C PHE D 76 19.02 -2.67 7.57
N ASN D 77 17.90 -2.55 6.90
CA ASN D 77 17.87 -2.58 5.44
C ASN D 77 17.66 -1.20 4.88
N GLU D 78 18.65 -0.73 4.12
CA GLU D 78 18.63 0.58 3.50
C GLU D 78 17.38 0.83 2.65
N ASP D 79 17.06 -0.15 1.82
CA ASP D 79 15.94 -0.12 0.88
C ASP D 79 14.62 -0.25 1.64
N THR D 80 14.35 -1.46 2.14
CA THR D 80 13.09 -1.73 2.82
C THR D 80 12.90 -0.75 3.96
N LYS D 81 13.97 -0.05 4.31
CA LYS D 81 13.94 0.99 5.36
C LYS D 81 13.45 0.45 6.74
N GLU D 82 13.89 -0.78 7.09
CA GLU D 82 13.47 -1.43 8.31
C GLU D 82 14.48 -2.47 8.79
N TYR D 83 14.47 -2.75 10.08
CA TYR D 83 15.31 -3.80 10.67
C TYR D 83 14.63 -5.09 10.34
N PHE D 84 15.41 -6.06 9.84
CA PHE D 84 14.88 -7.39 9.47
C PHE D 84 15.66 -8.47 10.14
N PHE D 85 14.94 -9.37 10.76
CA PHE D 85 15.55 -10.52 11.42
C PHE D 85 14.94 -11.83 10.92
N ASP D 86 15.79 -12.74 10.45
CA ASP D 86 15.30 -14.00 9.94
C ASP D 86 15.18 -14.92 11.13
N ARG D 87 14.67 -14.42 12.23
CA ARG D 87 14.38 -15.28 13.37
C ARG D 87 12.88 -15.63 13.43
N ASP D 88 12.53 -16.51 14.37
CA ASP D 88 11.17 -16.86 14.66
C ASP D 88 10.43 -15.62 15.12
N PRO D 89 9.23 -15.38 14.55
CA PRO D 89 8.52 -14.17 14.89
C PRO D 89 7.84 -14.33 16.22
N GLU D 90 7.44 -15.54 16.57
CA GLU D 90 6.75 -15.75 17.83
C GLU D 90 7.55 -15.37 19.07
N VAL D 91 8.72 -15.97 19.26
CA VAL D 91 9.50 -15.73 20.48
C VAL D 91 9.81 -14.25 20.63
N PHE D 92 10.10 -13.61 19.49
CA PHE D 92 10.28 -12.17 19.40
C PHE D 92 9.20 -11.36 20.11
N ARG D 93 7.96 -11.85 20.14
CA ARG D 93 6.94 -11.25 20.96
C ARG D 93 7.41 -11.02 22.38
N CYS D 94 7.98 -12.05 22.98
CA CYS D 94 8.37 -11.93 24.36
C CYS D 94 9.50 -10.96 24.48
N VAL D 95 10.51 -11.13 23.64
CA VAL D 95 11.62 -10.21 23.67
C VAL D 95 11.15 -8.74 23.54
N LEU D 96 10.28 -8.44 22.58
CA LEU D 96 9.78 -7.08 22.48
C LEU D 96 9.03 -6.70 23.74
N ASN D 97 8.09 -7.53 24.15
CA ASN D 97 7.36 -7.33 25.39
C ASN D 97 8.18 -7.16 26.68
N PHE D 98 9.40 -7.67 26.68
CA PHE D 98 10.30 -7.44 27.79
C PHE D 98 10.76 -6.00 27.79
N TYR D 99 10.92 -5.39 26.62
CA TYR D 99 11.30 -3.97 26.55
C TYR D 99 10.13 -3.10 27.00
N ARG D 100 8.93 -3.66 26.91
CA ARG D 100 7.71 -2.89 27.14
C ARG D 100 7.36 -2.81 28.62
N THR D 101 6.83 -3.89 29.23
CA THR D 101 6.82 -4.03 30.69
C THR D 101 8.20 -4.51 31.05
N GLY D 102 8.66 -4.20 32.25
CA GLY D 102 9.97 -4.66 32.71
C GLY D 102 10.19 -6.18 32.60
N LYS D 103 9.09 -6.93 32.65
CA LYS D 103 9.12 -8.38 32.83
C LYS D 103 9.35 -9.19 31.54
N LEU D 104 10.27 -10.16 31.63
CA LEU D 104 10.42 -11.16 30.58
C LEU D 104 9.66 -12.41 30.98
N HIS D 105 8.70 -12.80 30.16
CA HIS D 105 7.85 -13.93 30.50
C HIS D 105 8.23 -15.16 29.72
N TYR D 106 8.06 -16.32 30.36
CA TYR D 106 8.22 -17.58 29.68
C TYR D 106 6.86 -18.10 29.21
N PRO D 107 6.64 -18.07 27.88
CA PRO D 107 5.43 -18.63 27.26
C PRO D 107 5.23 -20.12 27.59
N ARG D 108 4.35 -20.44 28.54
CA ARG D 108 4.18 -21.82 29.08
C ARG D 108 3.76 -22.90 28.05
N TYR D 109 4.12 -22.68 26.79
CA TYR D 109 3.84 -23.60 25.69
C TYR D 109 5.11 -23.90 24.86
N GLU D 110 5.87 -22.86 24.54
CA GLU D 110 7.10 -22.99 23.73
C GLU D 110 8.12 -23.92 24.36
N CYS D 111 8.98 -24.50 23.54
CA CYS D 111 10.03 -25.37 24.04
C CYS D 111 11.14 -24.53 24.66
N ILE D 112 11.66 -24.99 25.80
CA ILE D 112 12.74 -24.32 26.51
C ILE D 112 13.86 -23.96 25.54
N SER D 113 14.45 -24.99 24.96
CA SER D 113 15.57 -24.83 24.05
C SER D 113 15.23 -23.84 22.96
N ALA D 114 14.05 -23.97 22.38
CA ALA D 114 13.60 -23.06 21.32
C ALA D 114 13.80 -21.59 21.64
N TYR D 115 13.59 -21.26 22.92
CA TYR D 115 13.47 -19.88 23.37
C TYR D 115 14.68 -19.37 24.16
N ASP D 116 15.54 -20.27 24.63
CA ASP D 116 16.84 -19.88 25.17
C ASP D 116 17.71 -19.43 24.01
N ASP D 117 17.69 -20.24 22.94
CA ASP D 117 18.44 -20.00 21.70
C ASP D 117 18.21 -18.58 21.30
N GLU D 118 16.95 -18.24 21.25
CA GLU D 118 16.54 -16.91 20.87
C GLU D 118 17.01 -15.83 21.87
N LEU D 119 16.90 -16.10 23.17
CA LEU D 119 17.33 -15.11 24.17
C LEU D 119 18.82 -14.81 24.05
N ALA D 120 19.58 -15.85 23.74
CA ALA D 120 21.02 -15.70 23.54
C ALA D 120 21.34 -14.78 22.37
N PHE D 121 20.57 -14.90 21.29
CA PHE D 121 20.72 -14.06 20.10
C PHE D 121 20.51 -12.59 20.43
N TYR D 122 19.37 -12.26 21.04
CA TYR D 122 18.99 -10.86 21.28
C TYR D 122 19.73 -10.22 22.45
N GLY D 123 20.59 -11.00 23.13
CA GLY D 123 21.43 -10.50 24.22
C GLY D 123 20.76 -10.37 25.58
N ILE D 124 19.68 -11.13 25.78
CA ILE D 124 18.94 -11.12 27.05
C ILE D 124 19.36 -12.33 27.86
N LEU D 125 19.68 -12.07 29.14
CA LEU D 125 20.17 -13.13 30.02
C LEU D 125 19.06 -14.05 30.53
N PRO D 126 19.28 -15.38 30.42
CA PRO D 126 18.40 -16.50 30.78
C PRO D 126 17.43 -16.20 31.90
N GLU D 127 17.92 -15.79 33.06
CA GLU D 127 17.02 -15.49 34.16
C GLU D 127 16.99 -14.03 34.67
N ILE D 128 16.66 -13.11 33.75
CA ILE D 128 16.04 -11.83 34.11
C ILE D 128 14.51 -12.10 34.13
N ILE D 129 14.13 -13.38 34.06
CA ILE D 129 12.73 -13.80 34.10
C ILE D 129 12.12 -13.45 35.46
N GLY D 130 10.94 -12.84 35.42
CA GLY D 130 10.21 -12.48 36.63
C GLY D 130 9.86 -13.70 37.47
N ASP D 131 9.41 -13.45 38.69
CA ASP D 131 9.04 -14.50 39.66
C ASP D 131 7.88 -15.39 39.20
N CYS D 132 7.01 -14.81 38.37
CA CYS D 132 5.85 -15.51 37.83
C CYS D 132 6.24 -16.69 36.94
N CYS D 133 7.32 -16.54 36.19
CA CYS D 133 7.67 -17.50 35.14
C CYS D 133 8.96 -18.29 35.37
N TYR D 134 9.89 -17.73 36.15
CA TYR D 134 11.14 -18.45 36.55
C TYR D 134 10.83 -19.67 37.40
N GLU D 135 9.57 -19.73 37.85
CA GLU D 135 8.98 -20.91 38.45
C GLU D 135 8.82 -22.04 37.43
N GLU D 136 8.13 -21.73 36.34
CA GLU D 136 7.88 -22.68 35.26
C GLU D 136 9.11 -22.93 34.40
N TYR D 137 9.98 -21.93 34.31
CA TYR D 137 11.25 -22.05 33.60
C TYR D 137 12.13 -23.10 34.28
N LYS D 138 12.00 -23.20 35.60
CA LYS D 138 12.67 -24.24 36.38
C LYS D 138 12.07 -25.60 36.06
N ASP D 139 10.80 -25.79 36.39
CA ASP D 139 10.14 -27.11 36.32
C ASP D 139 10.08 -27.83 34.95
N ARG D 140 10.51 -27.18 33.88
CA ARG D 140 10.71 -27.88 32.60
C ARG D 140 11.99 -27.47 31.84
N LYS D 141 13.06 -27.20 32.58
CA LYS D 141 14.40 -27.08 31.99
C LYS D 141 15.41 -28.02 32.67
N GLY E 2 -31.40 -15.90 0.31
CA GLY E 2 -30.54 -15.22 -0.71
C GLY E 2 -30.61 -13.71 -0.68
N LEU E 3 -29.45 -13.04 -0.74
CA LEU E 3 -29.36 -11.57 -0.54
C LEU E 3 -30.02 -10.68 -1.61
N GLU E 4 -29.81 -10.99 -2.88
CA GLU E 4 -30.38 -10.13 -3.90
C GLU E 4 -31.90 -10.32 -4.12
N GLN E 5 -32.47 -11.41 -3.60
CA GLN E 5 -33.93 -11.54 -3.52
C GLN E 5 -34.42 -10.55 -2.48
N LEU E 6 -33.83 -10.66 -1.28
CA LEU E 6 -34.24 -9.84 -0.16
C LEU E 6 -34.21 -8.37 -0.50
N GLU E 7 -33.17 -7.97 -1.23
CA GLU E 7 -33.07 -6.61 -1.72
C GLU E 7 -34.29 -6.20 -2.58
N ALA E 8 -34.68 -7.07 -3.50
CA ALA E 8 -35.85 -6.86 -4.33
C ALA E 8 -37.14 -6.91 -3.50
N GLN E 9 -37.36 -8.01 -2.80
CA GLN E 9 -38.61 -8.25 -2.08
C GLN E 9 -38.76 -7.57 -0.69
N THR E 10 -37.90 -6.63 -0.35
CA THR E 10 -38.08 -5.81 0.86
C THR E 10 -37.62 -4.41 0.58
N ASN E 11 -37.83 -3.52 1.54
CA ASN E 11 -37.48 -2.12 1.36
C ASN E 11 -36.04 -1.78 1.78
N PHE E 12 -35.21 -2.79 1.93
CA PHE E 12 -33.87 -2.52 2.37
C PHE E 12 -32.92 -2.61 1.21
N THR E 13 -31.84 -1.83 1.26
CA THR E 13 -30.74 -1.96 0.34
C THR E 13 -29.83 -3.12 0.74
N LYS E 14 -28.99 -3.59 -0.18
CA LYS E 14 -28.06 -4.67 0.11
C LYS E 14 -27.24 -4.33 1.34
N ARG E 15 -26.74 -3.10 1.36
CA ARG E 15 -25.93 -2.56 2.46
C ARG E 15 -26.63 -2.80 3.80
N GLU E 16 -27.89 -2.34 3.89
CA GLU E 16 -28.72 -2.45 5.07
C GLU E 16 -28.98 -3.89 5.47
N LEU E 17 -29.45 -4.68 4.52
CA LEU E 17 -29.69 -6.09 4.74
C LEU E 17 -28.48 -6.80 5.35
N GLN E 18 -27.30 -6.39 4.91
CA GLN E 18 -26.07 -6.99 5.47
C GLN E 18 -25.97 -6.73 6.95
N VAL E 19 -26.22 -5.47 7.34
CA VAL E 19 -26.08 -5.04 8.71
C VAL E 19 -27.09 -5.81 9.50
N LEU E 20 -28.27 -5.90 8.95
CA LEU E 20 -29.32 -6.64 9.61
C LEU E 20 -28.93 -8.10 9.76
N TYR E 21 -28.44 -8.71 8.69
CA TYR E 21 -27.99 -10.10 8.82
C TYR E 21 -26.92 -10.29 9.89
N ARG E 22 -25.95 -9.38 9.94
CA ARG E 22 -24.86 -9.50 10.89
C ARG E 22 -25.40 -9.35 12.31
N GLY E 23 -26.45 -8.52 12.41
CA GLY E 23 -27.23 -8.34 13.64
C GLY E 23 -27.88 -9.65 14.09
N PHE E 24 -28.73 -10.21 13.22
CA PHE E 24 -29.32 -11.53 13.39
C PHE E 24 -28.28 -12.65 13.69
N LYS E 25 -27.28 -12.81 12.82
CA LYS E 25 -26.40 -13.95 12.89
C LYS E 25 -25.68 -13.97 14.22
N ASN E 26 -25.69 -12.83 14.91
CA ASN E 26 -25.03 -12.74 16.22
C ASN E 26 -25.93 -13.04 17.39
N GLU E 27 -27.20 -12.68 17.26
CA GLU E 27 -28.16 -12.95 18.32
C GLU E 27 -28.57 -14.42 18.40
N CYS E 28 -28.50 -15.11 17.26
CA CYS E 28 -28.36 -16.58 17.22
C CYS E 28 -27.53 -16.98 16.01
N PRO E 29 -26.42 -17.67 16.26
CA PRO E 29 -25.64 -18.23 15.18
C PRO E 29 -26.47 -19.30 14.52
N SER E 30 -27.20 -20.05 15.36
CA SER E 30 -28.22 -21.01 14.97
C SER E 30 -28.77 -20.79 13.55
N GLY E 31 -29.13 -19.53 13.26
CA GLY E 31 -29.79 -19.16 12.01
C GLY E 31 -31.30 -19.37 12.12
N VAL E 32 -31.70 -20.24 13.06
CA VAL E 32 -33.11 -20.53 13.37
C VAL E 32 -33.51 -20.12 14.80
N VAL E 33 -34.46 -19.19 14.86
CA VAL E 33 -34.90 -18.64 16.13
C VAL E 33 -36.11 -19.40 16.63
N ASN E 34 -35.92 -20.19 17.69
CA ASN E 34 -37.04 -20.72 18.47
C ASN E 34 -37.40 -19.80 19.63
N GLU E 35 -38.38 -20.22 20.35
CA GLU E 35 -38.97 -19.28 21.31
C GLU E 35 -38.00 -18.92 22.43
N ASP E 36 -37.18 -19.91 22.81
CA ASP E 36 -36.24 -19.77 23.91
C ASP E 36 -35.17 -18.73 23.63
N THR E 37 -34.60 -18.79 22.42
CA THR E 37 -33.67 -17.75 21.95
C THR E 37 -34.38 -16.42 21.96
N PHE E 38 -35.63 -16.45 21.48
CA PHE E 38 -36.52 -15.29 21.44
C PHE E 38 -36.67 -14.57 22.78
N LYS E 39 -36.95 -15.36 23.81
CA LYS E 39 -37.02 -14.91 25.20
C LYS E 39 -35.71 -14.27 25.67
N GLN E 40 -34.63 -15.04 25.65
CA GLN E 40 -33.36 -14.54 26.12
C GLN E 40 -32.74 -13.43 25.26
N ILE E 41 -33.22 -13.29 24.03
CA ILE E 41 -32.84 -12.14 23.19
C ILE E 41 -33.43 -10.81 23.74
N TYR E 42 -34.45 -10.91 24.59
CA TYR E 42 -35.02 -9.74 25.27
C TYR E 42 -34.57 -9.62 26.72
N ALA E 43 -34.02 -10.70 27.26
CA ALA E 43 -33.41 -10.64 28.58
C ALA E 43 -32.59 -9.35 28.73
N GLN E 44 -31.89 -8.96 27.66
CA GLN E 44 -31.11 -7.72 27.66
C GLN E 44 -32.04 -6.54 27.57
N PHE E 45 -32.92 -6.56 26.58
CA PHE E 45 -33.83 -5.44 26.33
C PHE E 45 -34.04 -4.54 27.56
N PHE E 46 -34.42 -5.15 28.69
CA PHE E 46 -34.66 -4.42 29.93
C PHE E 46 -33.84 -5.07 31.04
N PRO E 47 -33.36 -4.27 32.03
CA PRO E 47 -32.48 -4.77 33.12
C PRO E 47 -33.11 -5.90 33.93
N HIS E 48 -33.77 -5.56 35.03
CA HIS E 48 -34.47 -6.56 35.83
C HIS E 48 -36.00 -6.56 35.58
N GLY E 49 -36.33 -6.94 34.36
CA GLY E 49 -37.70 -7.24 33.98
C GLY E 49 -37.75 -8.62 33.34
N ASP E 50 -38.96 -9.14 33.12
CA ASP E 50 -39.14 -10.47 32.54
C ASP E 50 -40.00 -10.46 31.29
N ALA E 51 -39.37 -10.68 30.13
CA ALA E 51 -40.07 -10.64 28.82
C ALA E 51 -40.39 -12.04 28.34
N SER E 52 -40.36 -13.00 29.26
CA SER E 52 -40.71 -14.38 28.95
C SER E 52 -42.07 -14.52 28.28
N THR E 53 -43.10 -13.98 28.89
CA THR E 53 -44.47 -14.12 28.38
C THR E 53 -44.70 -13.38 27.07
N TYR E 54 -44.11 -12.18 26.93
CA TYR E 54 -44.15 -11.46 25.66
C TYR E 54 -43.48 -12.17 24.47
N ALA E 55 -42.29 -12.75 24.71
CA ALA E 55 -41.58 -13.57 23.75
C ALA E 55 -42.51 -14.55 23.06
N HIS E 56 -43.41 -15.16 23.82
CA HIS E 56 -44.40 -16.11 23.29
C HIS E 56 -45.34 -15.46 22.29
N TYR E 57 -45.83 -14.28 22.63
CA TYR E 57 -46.76 -13.58 21.76
C TYR E 57 -46.02 -13.09 20.54
N LEU E 58 -44.80 -12.60 20.72
CA LEU E 58 -44.01 -12.20 19.59
C LEU E 58 -43.74 -13.38 18.67
N PHE E 59 -43.48 -14.55 19.26
CA PHE E 59 -43.14 -15.71 18.46
C PHE E 59 -44.27 -16.09 17.53
N ASN E 60 -45.45 -16.43 18.05
CA ASN E 60 -46.47 -16.85 17.10
C ASN E 60 -47.24 -15.71 16.47
N ALA E 61 -46.64 -14.53 16.53
CA ALA E 61 -47.01 -13.47 15.62
C ALA E 61 -46.32 -13.74 14.29
N PHE E 62 -45.13 -14.32 14.34
CA PHE E 62 -44.48 -14.86 13.14
C PHE E 62 -45.08 -16.24 12.94
N ASP E 63 -44.21 -17.25 12.80
CA ASP E 63 -44.56 -18.59 12.26
C ASP E 63 -45.55 -18.54 11.10
N THR E 64 -45.46 -17.46 10.32
CA THR E 64 -46.41 -17.20 9.24
C THR E 64 -46.20 -18.27 8.18
N THR E 65 -44.94 -18.70 8.03
CA THR E 65 -44.58 -19.86 7.19
C THR E 65 -45.09 -21.18 7.81
N GLN E 66 -45.22 -21.19 9.15
CA GLN E 66 -45.64 -22.38 9.93
C GLN E 66 -44.69 -23.59 9.77
N THR E 67 -43.39 -23.28 9.81
CA THR E 67 -42.33 -24.28 9.67
C THR E 67 -41.65 -24.52 11.03
N GLY E 68 -42.41 -24.37 12.11
CA GLY E 68 -41.94 -24.63 13.48
C GLY E 68 -41.10 -23.51 14.07
N SER E 69 -40.26 -22.89 13.25
CA SER E 69 -39.31 -21.90 13.70
C SER E 69 -39.24 -20.69 12.77
N VAL E 70 -38.69 -19.58 13.26
CA VAL E 70 -38.55 -18.37 12.44
C VAL E 70 -37.15 -18.21 11.83
N LYS E 71 -37.10 -18.27 10.50
CA LYS E 71 -35.90 -18.00 9.73
C LYS E 71 -35.72 -16.49 9.52
N PHE E 72 -34.50 -16.12 9.12
CA PHE E 72 -34.09 -14.72 8.95
C PHE E 72 -34.99 -13.96 8.00
N GLU E 73 -35.35 -14.56 6.86
CA GLU E 73 -36.23 -13.92 5.87
C GLU E 73 -37.57 -13.48 6.44
N ASP E 74 -38.12 -14.25 7.37
CA ASP E 74 -39.27 -13.79 8.13
C ASP E 74 -38.95 -12.52 8.92
N PHE E 75 -37.88 -12.60 9.70
CA PHE E 75 -37.37 -11.50 10.50
C PHE E 75 -37.17 -10.21 9.69
N VAL E 76 -36.63 -10.29 8.48
CA VAL E 76 -36.46 -9.07 7.70
C VAL E 76 -37.70 -8.52 7.02
N THR E 77 -38.60 -9.39 6.57
CA THR E 77 -39.90 -8.88 6.10
C THR E 77 -40.58 -8.11 7.23
N ALA E 78 -40.73 -8.79 8.36
CA ALA E 78 -41.27 -8.22 9.58
C ALA E 78 -40.74 -6.78 9.77
N LEU E 79 -39.42 -6.65 9.74
CA LEU E 79 -38.77 -5.38 9.94
C LEU E 79 -38.99 -4.44 8.78
N SER E 80 -39.06 -4.97 7.57
CA SER E 80 -39.24 -4.14 6.40
C SER E 80 -40.62 -3.51 6.56
N ILE E 81 -41.57 -4.26 7.13
CA ILE E 81 -42.92 -3.75 7.30
C ILE E 81 -42.89 -2.72 8.41
N LEU E 82 -42.35 -3.10 9.57
CA LEU E 82 -42.35 -2.25 10.73
C LEU E 82 -41.58 -0.95 10.58
N LEU E 83 -40.52 -0.93 9.78
CA LEU E 83 -39.73 0.30 9.64
C LEU E 83 -39.98 1.08 8.37
N ARG E 84 -40.57 0.44 7.36
CA ARG E 84 -40.63 1.03 6.04
C ARG E 84 -41.99 0.92 5.39
N GLY E 85 -42.73 -0.10 5.77
CA GLY E 85 -44.07 -0.32 5.21
C GLY E 85 -45.08 0.81 5.33
N THR E 86 -46.18 0.67 4.59
CA THR E 86 -47.28 1.61 4.67
C THR E 86 -47.93 1.58 6.06
N VAL E 87 -48.58 2.69 6.45
CA VAL E 87 -49.23 2.80 7.75
C VAL E 87 -50.13 1.61 7.95
N HIS E 88 -50.97 1.37 6.95
CA HIS E 88 -51.85 0.22 6.90
C HIS E 88 -51.10 -1.07 7.24
N GLU E 89 -49.96 -1.26 6.58
CA GLU E 89 -49.14 -2.44 6.77
C GLU E 89 -48.56 -2.56 8.19
N LYS E 90 -48.10 -1.43 8.71
CA LYS E 90 -47.45 -1.40 9.99
C LYS E 90 -48.56 -1.68 11.00
N LEU E 91 -49.76 -1.15 10.71
CA LEU E 91 -50.91 -1.25 11.61
C LEU E 91 -51.48 -2.65 11.62
N ARG E 92 -51.62 -3.23 10.43
CA ARG E 92 -52.12 -4.59 10.33
C ARG E 92 -51.16 -5.50 11.07
N TRP E 93 -49.89 -5.15 11.05
CA TRP E 93 -48.89 -5.99 11.68
C TRP E 93 -49.13 -5.98 13.18
N THR E 94 -49.38 -4.79 13.74
CA THR E 94 -49.62 -4.69 15.18
C THR E 94 -50.90 -5.44 15.52
N PHE E 95 -51.91 -5.34 14.67
CA PHE E 95 -53.18 -5.98 14.95
C PHE E 95 -53.00 -7.48 15.06
N ASN E 96 -52.19 -8.06 14.20
CA ASN E 96 -51.99 -9.49 14.22
C ASN E 96 -51.26 -9.96 15.45
N LEU E 97 -50.44 -9.08 16.00
CA LEU E 97 -49.74 -9.37 17.24
C LEU E 97 -50.74 -9.41 18.37
N TYR E 98 -51.67 -8.45 18.36
CA TYR E 98 -52.66 -8.37 19.42
C TYR E 98 -53.69 -9.51 19.34
N ASP E 99 -54.08 -9.87 18.11
CA ASP E 99 -55.01 -10.97 17.91
C ASP E 99 -54.26 -12.29 18.13
N ILE E 100 -54.16 -12.68 19.43
CA ILE E 100 -53.36 -13.85 19.81
C ILE E 100 -53.79 -15.12 19.12
N ASN E 101 -55.06 -15.47 19.18
CA ASN E 101 -55.47 -16.76 18.63
C ASN E 101 -55.72 -16.76 17.06
N LYS E 102 -55.27 -15.75 16.33
CA LYS E 102 -55.51 -15.57 14.89
C LYS E 102 -56.95 -15.85 14.44
N ASP E 103 -57.80 -14.83 14.68
CA ASP E 103 -59.19 -14.88 14.21
C ASP E 103 -59.70 -13.51 13.80
N GLY E 104 -58.86 -12.52 13.74
CA GLY E 104 -59.19 -11.17 13.22
C GLY E 104 -59.99 -10.32 14.17
N TYR E 105 -60.05 -10.76 15.43
CA TYR E 105 -60.84 -10.12 16.48
C TYR E 105 -59.95 -9.93 17.71
N ILE E 106 -59.96 -8.72 18.28
CA ILE E 106 -59.27 -8.49 19.56
C ILE E 106 -60.28 -8.26 20.67
N ASN E 107 -60.25 -9.13 21.69
CA ASN E 107 -61.15 -8.99 22.83
C ASN E 107 -60.43 -8.70 24.13
N LYS E 108 -61.15 -8.10 25.07
CA LYS E 108 -60.61 -7.65 26.36
C LYS E 108 -59.67 -8.71 26.94
N GLU E 109 -60.15 -9.95 26.94
CA GLU E 109 -59.39 -11.13 27.31
C GLU E 109 -57.93 -11.12 26.86
N GLU E 110 -57.68 -10.91 25.58
CA GLU E 110 -56.33 -11.07 25.01
C GLU E 110 -55.50 -9.80 24.96
N MET E 111 -56.18 -8.65 25.03
CA MET E 111 -55.51 -7.37 25.15
C MET E 111 -54.85 -7.26 26.53
N MET E 112 -55.58 -7.68 27.57
CA MET E 112 -55.03 -7.87 28.93
C MET E 112 -53.73 -8.65 28.94
N ASP E 113 -53.72 -9.81 28.30
CA ASP E 113 -52.50 -10.58 28.10
C ASP E 113 -51.35 -9.75 27.58
N ILE E 114 -51.56 -9.03 26.47
CA ILE E 114 -50.51 -8.25 25.84
C ILE E 114 -49.95 -7.24 26.82
N VAL E 115 -50.84 -6.46 27.42
CA VAL E 115 -50.43 -5.35 28.26
C VAL E 115 -49.67 -5.85 29.48
N LYS E 116 -50.22 -6.87 30.15
CA LYS E 116 -49.54 -7.55 31.24
C LYS E 116 -48.17 -8.08 30.77
N ALA E 117 -48.13 -8.69 29.58
CA ALA E 117 -46.91 -9.26 29.02
C ALA E 117 -45.81 -8.25 28.77
N ILE E 118 -46.20 -7.02 28.39
CA ILE E 118 -45.24 -5.92 28.22
C ILE E 118 -44.85 -5.29 29.56
N TYR E 119 -45.84 -5.05 30.42
CA TYR E 119 -45.60 -4.59 31.78
C TYR E 119 -44.58 -5.47 32.45
N ASP E 120 -44.73 -6.78 32.26
CA ASP E 120 -43.79 -7.75 32.82
C ASP E 120 -42.39 -7.51 32.25
N MET E 121 -42.32 -7.30 30.94
CA MET E 121 -41.06 -7.13 30.23
C MET E 121 -40.31 -5.91 30.78
N MET E 122 -41.06 -4.85 31.05
CA MET E 122 -40.46 -3.59 31.44
C MET E 122 -40.22 -3.53 32.96
N GLY E 123 -41.27 -3.68 33.76
CA GLY E 123 -41.13 -3.96 35.21
C GLY E 123 -41.91 -3.10 36.18
N ALA E 124 -43.25 -3.20 36.12
CA ALA E 124 -44.18 -2.35 36.91
C ALA E 124 -43.75 -2.04 38.34
N TYR E 125 -43.13 -3.02 39.01
CA TYR E 125 -42.72 -2.88 40.42
C TYR E 125 -41.23 -2.64 40.65
N THR E 126 -40.43 -2.80 39.58
CA THR E 126 -38.96 -2.61 39.64
C THR E 126 -38.50 -1.53 40.65
N TYR E 127 -38.85 -0.28 40.35
CA TYR E 127 -38.51 0.89 41.17
C TYR E 127 -39.41 2.12 40.90
N PRO E 128 -40.28 2.09 39.84
CA PRO E 128 -41.43 3.03 39.77
C PRO E 128 -42.35 3.02 41.02
N VAL E 129 -43.54 2.42 40.89
CA VAL E 129 -44.38 2.07 42.04
C VAL E 129 -45.34 0.93 41.66
N LEU E 130 -45.62 0.06 42.63
CA LEU E 130 -46.31 -1.23 42.44
C LEU E 130 -47.57 -1.11 41.57
N ALA E 131 -47.34 -1.09 40.25
CA ALA E 131 -48.32 -0.70 39.20
C ALA E 131 -48.60 0.81 39.21
N GLU E 132 -48.30 1.47 38.09
CA GLU E 132 -48.76 2.85 37.85
C GLU E 132 -50.29 2.79 37.78
N ASP E 133 -50.82 2.29 36.67
CA ASP E 133 -52.20 1.82 36.63
C ASP E 133 -52.20 0.30 36.40
N THR E 134 -53.22 -0.38 36.92
CA THR E 134 -53.45 -1.80 36.62
C THR E 134 -53.61 -1.96 35.11
N PRO E 135 -53.17 -3.12 34.53
CA PRO E 135 -53.44 -3.41 33.10
C PRO E 135 -54.92 -3.34 32.76
N ARG E 136 -55.76 -3.35 33.77
CA ARG E 136 -57.19 -3.35 33.54
C ARG E 136 -57.56 -1.97 33.03
N GLN E 137 -57.32 -0.94 33.85
CA GLN E 137 -57.64 0.45 33.51
C GLN E 137 -56.84 0.97 32.30
N HIS E 138 -56.25 0.06 31.54
CA HIS E 138 -55.43 0.41 30.37
C HIS E 138 -55.98 -0.22 29.10
N VAL E 139 -56.50 -1.43 29.24
CA VAL E 139 -57.30 -2.06 28.22
C VAL E 139 -58.60 -1.27 28.05
N ASP E 140 -59.16 -0.81 29.17
CA ASP E 140 -60.42 -0.10 29.14
C ASP E 140 -60.33 1.17 28.35
N VAL E 141 -59.25 1.94 28.52
CA VAL E 141 -59.07 3.20 27.76
C VAL E 141 -58.92 2.91 26.27
N PHE E 142 -58.21 1.83 25.97
CA PHE E 142 -58.05 1.30 24.63
C PHE E 142 -59.40 1.01 23.96
N PHE E 143 -60.18 0.10 24.53
CA PHE E 143 -61.49 -0.26 23.99
C PHE E 143 -62.47 0.91 23.92
N GLN E 144 -62.55 1.69 24.98
CA GLN E 144 -63.52 2.78 25.01
C GLN E 144 -63.15 3.84 23.97
N LYS E 145 -61.93 3.75 23.44
CA LYS E 145 -61.48 4.69 22.42
C LYS E 145 -60.95 4.00 21.16
N MET E 146 -61.38 2.76 20.95
CA MET E 146 -61.01 2.00 19.75
C MET E 146 -62.20 1.22 19.21
N ASP E 147 -62.93 0.54 20.08
CA ASP E 147 -64.17 -0.19 19.76
C ASP E 147 -65.28 0.85 19.51
N LYS E 148 -65.46 1.16 18.23
CA LYS E 148 -66.39 2.15 17.79
C LYS E 148 -67.83 1.89 18.26
N ASN E 149 -68.47 0.77 17.91
CA ASN E 149 -69.90 0.71 18.26
C ASN E 149 -70.25 0.24 19.70
N LYS E 150 -69.23 -0.19 20.51
CA LYS E 150 -69.36 -0.64 21.92
C LYS E 150 -69.89 -2.07 22.10
N ASP E 151 -69.52 -2.96 21.17
CA ASP E 151 -69.93 -4.37 21.22
C ASP E 151 -68.84 -5.19 21.94
N GLY E 152 -67.82 -4.46 22.49
CA GLY E 152 -66.75 -5.09 23.26
C GLY E 152 -65.75 -5.91 22.45
N ILE E 153 -65.83 -5.77 21.13
CA ILE E 153 -64.99 -6.53 20.24
C ILE E 153 -64.43 -5.57 19.17
N VAL E 154 -63.09 -5.53 19.04
CA VAL E 154 -62.42 -4.62 18.10
C VAL E 154 -61.85 -5.35 16.88
N THR E 155 -62.35 -4.98 15.70
CA THR E 155 -61.96 -5.61 14.45
C THR E 155 -60.90 -4.79 13.75
N LEU E 156 -60.28 -5.38 12.72
CA LEU E 156 -59.16 -4.74 12.03
C LEU E 156 -59.57 -3.37 11.49
N ASP E 157 -60.70 -3.30 10.79
CA ASP E 157 -61.19 -2.03 10.26
C ASP E 157 -61.48 -1.01 11.35
N GLU E 158 -62.02 -1.48 12.48
CA GLU E 158 -62.26 -0.64 13.65
C GLU E 158 -60.94 -0.06 14.21
N PHE E 159 -59.93 -0.92 14.26
CA PHE E 159 -58.60 -0.55 14.74
C PHE E 159 -57.85 0.33 13.75
N LEU E 160 -57.97 0.04 12.46
CA LEU E 160 -57.31 0.82 11.41
C LEU E 160 -57.84 2.25 11.42
N GLU E 161 -59.15 2.40 11.21
CA GLU E 161 -59.82 3.70 11.11
C GLU E 161 -59.67 4.50 12.41
N SER E 162 -59.62 3.77 13.53
CA SER E 162 -59.48 4.33 14.87
C SER E 162 -58.12 5.00 15.12
N CYS E 163 -57.07 4.42 14.56
CA CYS E 163 -55.71 4.94 14.67
C CYS E 163 -55.40 6.07 13.69
N GLN E 164 -55.96 6.02 12.48
CA GLN E 164 -55.82 7.11 11.53
C GLN E 164 -56.39 8.40 12.11
N GLU E 165 -57.44 8.28 12.92
CA GLU E 165 -58.07 9.43 13.55
C GLU E 165 -57.14 10.05 14.61
N ASP E 166 -56.18 9.27 15.08
CA ASP E 166 -55.34 9.66 16.21
C ASP E 166 -54.07 10.40 15.78
N ASP E 167 -54.11 11.72 15.75
CA ASP E 167 -52.96 12.50 15.20
C ASP E 167 -51.60 11.95 15.63
N ASN E 168 -51.47 11.53 16.89
CA ASN E 168 -50.17 11.18 17.41
C ASN E 168 -49.74 9.75 17.18
N ILE E 169 -50.65 8.76 17.32
CA ILE E 169 -50.34 7.35 16.99
C ILE E 169 -49.87 7.28 15.54
N MET E 170 -50.20 8.32 14.76
CA MET E 170 -49.88 8.41 13.34
C MET E 170 -48.50 8.96 13.08
N ARG E 171 -48.08 10.01 13.79
CA ARG E 171 -46.74 10.56 13.64
C ARG E 171 -45.67 9.59 14.14
N SER E 172 -46.01 8.88 15.21
CA SER E 172 -45.16 7.87 15.82
C SER E 172 -44.90 6.78 14.81
N LEU E 173 -45.89 6.51 13.96
CA LEU E 173 -45.83 5.43 12.97
C LEU E 173 -45.07 5.75 11.67
N GLN E 174 -44.79 7.01 11.44
CA GLN E 174 -44.19 7.35 10.16
C GLN E 174 -42.72 7.74 10.28
N LEU E 175 -42.40 8.64 11.21
CA LEU E 175 -41.00 9.06 11.51
C LEU E 175 -39.97 8.02 11.00
N PHE E 176 -39.14 8.45 10.05
CA PHE E 176 -38.29 7.56 9.22
C PHE E 176 -37.22 6.84 10.02
N GLN E 177 -37.38 5.56 10.29
CA GLN E 177 -36.29 4.88 10.98
C GLN E 177 -35.18 4.57 9.95
N ASN E 178 -33.91 4.70 10.33
CA ASN E 178 -32.86 4.16 9.47
C ASN E 178 -32.05 3.04 10.13
N VAL E 179 -32.24 1.80 9.70
CA VAL E 179 -31.26 0.73 10.01
C VAL E 179 -29.96 1.26 9.42
N MET E 180 -28.83 1.05 10.12
CA MET E 180 -27.51 1.42 9.61
C MET E 180 -26.53 1.61 10.78
N GLU F 1 11.27 -33.16 -9.91
CA GLU F 1 9.97 -33.14 -10.61
C GLU F 1 9.85 -31.95 -11.61
N GLY F 2 10.88 -31.68 -12.43
CA GLY F 2 11.12 -30.32 -12.90
C GLY F 2 10.05 -29.63 -13.74
N LEU F 3 9.58 -28.45 -13.33
CA LEU F 3 8.42 -27.77 -14.00
C LEU F 3 8.59 -27.31 -15.43
N GLU F 4 9.73 -26.70 -15.75
CA GLU F 4 9.92 -26.20 -17.11
C GLU F 4 10.23 -27.30 -18.16
N GLN F 5 10.66 -28.48 -17.70
CA GLN F 5 10.71 -29.66 -18.56
C GLN F 5 9.29 -30.05 -18.92
N LEU F 6 8.49 -30.27 -17.89
CA LEU F 6 7.13 -30.69 -18.09
C LEU F 6 6.41 -29.75 -19.04
N GLU F 7 6.61 -28.45 -18.87
CA GLU F 7 6.06 -27.50 -19.80
C GLU F 7 6.42 -27.82 -21.26
N ALA F 8 7.70 -28.09 -21.49
CA ALA F 8 8.21 -28.39 -22.82
C ALA F 8 7.68 -29.74 -23.27
N GLN F 9 7.91 -30.76 -22.45
CA GLN F 9 7.60 -32.14 -22.84
C GLN F 9 6.11 -32.63 -22.65
N THR F 10 5.19 -31.69 -22.43
CA THR F 10 3.75 -32.01 -22.41
C THR F 10 2.96 -30.88 -23.04
N ASN F 11 1.66 -31.08 -23.16
CA ASN F 11 0.79 -30.08 -23.77
C ASN F 11 0.22 -29.07 -22.80
N PHE F 12 0.80 -28.98 -21.61
CA PHE F 12 0.27 -28.07 -20.61
C PHE F 12 1.14 -26.87 -20.41
N THR F 13 0.52 -25.76 -20.07
CA THR F 13 1.24 -24.55 -19.77
C THR F 13 1.73 -24.61 -18.32
N LYS F 14 2.68 -23.75 -17.96
CA LYS F 14 3.20 -23.74 -16.60
C LYS F 14 2.06 -23.55 -15.64
N ARG F 15 1.17 -22.62 -15.98
CA ARG F 15 -0.02 -22.35 -15.19
C ARG F 15 -0.79 -23.63 -14.90
N GLU F 16 -1.09 -24.37 -15.95
CA GLU F 16 -1.88 -25.57 -15.85
C GLU F 16 -1.17 -26.60 -15.03
N LEU F 17 0.08 -26.85 -15.38
CA LEU F 17 0.85 -27.84 -14.67
C LEU F 17 0.86 -27.61 -13.18
N GLN F 18 0.88 -26.35 -12.77
CA GLN F 18 0.82 -26.03 -11.37
C GLN F 18 -0.45 -26.51 -10.73
N VAL F 19 -1.56 -26.27 -11.41
CA VAL F 19 -2.88 -26.64 -10.89
C VAL F 19 -2.93 -28.12 -10.76
N LEU F 20 -2.44 -28.78 -11.79
CA LEU F 20 -2.34 -30.23 -11.78
C LEU F 20 -1.48 -30.73 -10.62
N TYR F 21 -0.28 -30.19 -10.48
CA TYR F 21 0.56 -30.54 -9.33
C TYR F 21 -0.11 -30.34 -7.99
N ARG F 22 -0.76 -29.20 -7.79
CA ARG F 22 -1.44 -28.96 -6.53
C ARG F 22 -2.57 -29.98 -6.33
N GLY F 23 -3.20 -30.38 -7.42
CA GLY F 23 -4.18 -31.44 -7.42
C GLY F 23 -3.59 -32.74 -6.92
N PHE F 24 -2.58 -33.20 -7.63
CA PHE F 24 -1.79 -34.38 -7.25
C PHE F 24 -1.23 -34.32 -5.81
N LYS F 25 -0.53 -33.25 -5.46
CA LYS F 25 0.15 -33.21 -4.19
C LYS F 25 -0.84 -33.36 -3.04
N ASN F 26 -2.12 -33.13 -3.33
CA ASN F 26 -3.16 -33.23 -2.30
C ASN F 26 -3.79 -34.60 -2.19
N GLU F 27 -3.91 -35.30 -3.32
CA GLU F 27 -4.48 -36.63 -3.32
C GLU F 27 -3.50 -37.66 -2.79
N CYS F 28 -2.21 -37.34 -2.90
CA CYS F 28 -1.19 -37.95 -2.05
C CYS F 28 -0.04 -36.96 -1.79
N PRO F 29 0.21 -36.65 -0.50
CA PRO F 29 1.36 -35.83 -0.15
C PRO F 29 2.61 -36.64 -0.45
N SER F 30 2.54 -37.93 -0.10
CA SER F 30 3.50 -38.97 -0.52
C SER F 30 4.38 -38.55 -1.72
N GLY F 31 3.75 -38.06 -2.80
CA GLY F 31 4.47 -37.79 -4.05
C GLY F 31 4.58 -39.05 -4.92
N VAL F 32 4.48 -40.21 -4.27
CA VAL F 32 4.49 -41.54 -4.93
C VAL F 32 3.17 -42.31 -4.73
N VAL F 33 2.51 -42.60 -5.85
CA VAL F 33 1.23 -43.26 -5.81
C VAL F 33 1.40 -44.75 -5.99
N ASN F 34 1.13 -45.49 -4.94
CA ASN F 34 0.99 -46.94 -5.03
C ASN F 34 -0.49 -47.31 -5.24
N GLU F 35 -0.75 -48.58 -5.34
CA GLU F 35 -2.08 -49.01 -5.79
C GLU F 35 -3.17 -48.69 -4.76
N ASP F 36 -2.79 -48.75 -3.49
CA ASP F 36 -3.71 -48.52 -2.38
C ASP F 36 -4.25 -47.12 -2.36
N THR F 37 -3.35 -46.12 -2.46
CA THR F 37 -3.76 -44.73 -2.64
C THR F 37 -4.64 -44.62 -3.87
N PHE F 38 -4.19 -45.26 -4.96
CA PHE F 38 -4.88 -45.32 -6.23
C PHE F 38 -6.35 -45.73 -6.06
N LYS F 39 -6.54 -46.80 -5.28
CA LYS F 39 -7.87 -47.33 -4.99
C LYS F 39 -8.69 -46.29 -4.23
N GLN F 40 -8.18 -45.85 -3.09
CA GLN F 40 -8.94 -44.93 -2.23
C GLN F 40 -9.10 -43.54 -2.83
N ILE F 41 -8.29 -43.21 -3.83
CA ILE F 41 -8.48 -41.98 -4.61
C ILE F 41 -9.78 -42.04 -5.47
N TYR F 42 -10.28 -43.25 -5.71
CA TYR F 42 -11.54 -43.39 -6.42
C TYR F 42 -12.70 -43.70 -5.47
N ALA F 43 -12.37 -44.07 -4.23
CA ALA F 43 -13.39 -44.28 -3.22
C ALA F 43 -14.41 -43.13 -3.29
N GLN F 44 -13.91 -41.91 -3.54
CA GLN F 44 -14.78 -40.74 -3.71
C GLN F 44 -15.50 -40.81 -5.03
N PHE F 45 -14.73 -40.99 -6.10
CA PHE F 45 -15.28 -41.00 -7.47
C PHE F 45 -16.79 -41.31 -7.53
N PHE F 46 -17.20 -42.41 -6.91
CA PHE F 46 -18.61 -42.82 -6.86
C PHE F 46 -19.00 -43.07 -5.41
N PRO F 47 -20.28 -42.83 -5.04
CA PRO F 47 -20.76 -42.95 -3.65
C PRO F 47 -20.59 -44.36 -3.06
N HIS F 48 -21.60 -45.20 -3.18
CA HIS F 48 -21.45 -46.57 -2.71
C HIS F 48 -21.21 -47.55 -3.86
N GLY F 49 -20.04 -47.42 -4.46
CA GLY F 49 -19.53 -48.38 -5.43
C GLY F 49 -18.11 -48.78 -5.02
N ASP F 50 -17.56 -49.79 -5.68
CA ASP F 50 -16.22 -50.30 -5.35
C ASP F 50 -15.28 -50.29 -6.55
N ALA F 51 -14.31 -49.38 -6.54
CA ALA F 51 -13.35 -49.24 -7.65
C ALA F 51 -12.05 -49.95 -7.35
N SER F 52 -12.07 -50.83 -6.36
CA SER F 52 -10.91 -51.60 -5.96
C SER F 52 -10.27 -52.30 -7.17
N THR F 53 -11.06 -53.11 -7.88
CA THR F 53 -10.51 -53.94 -8.96
C THR F 53 -10.00 -53.12 -10.13
N TYR F 54 -10.72 -52.06 -10.47
CA TYR F 54 -10.31 -51.14 -11.54
C TYR F 54 -9.01 -50.38 -11.23
N ALA F 55 -8.84 -49.99 -9.97
CA ALA F 55 -7.60 -49.37 -9.51
C ALA F 55 -6.41 -50.17 -9.96
N HIS F 56 -6.50 -51.49 -9.85
CA HIS F 56 -5.43 -52.39 -10.24
C HIS F 56 -5.08 -52.32 -11.70
N TYR F 57 -6.11 -52.30 -12.55
CA TYR F 57 -5.92 -52.20 -13.99
C TYR F 57 -5.39 -50.83 -14.36
N LEU F 58 -5.89 -49.80 -13.68
CA LEU F 58 -5.38 -48.46 -13.90
C LEU F 58 -3.92 -48.36 -13.49
N PHE F 59 -3.56 -49.01 -12.39
CA PHE F 59 -2.21 -48.93 -11.95
C PHE F 59 -1.26 -49.49 -12.96
N ASN F 60 -1.31 -50.78 -13.28
CA ASN F 60 -0.32 -51.31 -14.22
C ASN F 60 -0.61 -50.99 -15.66
N ALA F 61 -1.48 -50.02 -15.88
CA ALA F 61 -1.56 -49.33 -17.17
C ALA F 61 -0.45 -48.29 -17.21
N PHE F 62 -0.10 -47.72 -16.06
CA PHE F 62 1.16 -46.98 -15.90
C PHE F 62 2.28 -47.98 -15.63
N ASP F 63 3.07 -47.71 -14.57
CA ASP F 63 4.36 -48.37 -14.30
C ASP F 63 5.17 -48.53 -15.58
N THR F 64 4.98 -47.61 -16.51
CA THR F 64 5.64 -47.66 -17.82
C THR F 64 7.14 -47.49 -17.60
N THR F 65 7.50 -46.72 -16.55
CA THR F 65 8.90 -46.61 -16.09
C THR F 65 9.34 -47.91 -15.40
N GLN F 66 8.38 -48.66 -14.83
CA GLN F 66 8.61 -49.91 -14.09
C GLN F 66 9.49 -49.74 -12.86
N THR F 67 9.23 -48.66 -12.11
CA THR F 67 10.00 -48.30 -10.93
C THR F 67 9.19 -48.61 -9.65
N GLY F 68 8.31 -49.61 -9.76
CA GLY F 68 7.47 -50.04 -8.64
C GLY F 68 6.26 -49.16 -8.39
N SER F 69 6.44 -47.84 -8.53
CA SER F 69 5.40 -46.86 -8.22
C SER F 69 5.29 -45.78 -9.30
N VAL F 70 4.13 -45.09 -9.32
CA VAL F 70 3.87 -44.03 -10.29
C VAL F 70 4.15 -42.64 -9.73
N LYS F 71 5.12 -41.98 -10.33
CA LYS F 71 5.47 -40.60 -10.00
C LYS F 71 4.56 -39.64 -10.79
N PHE F 72 4.52 -38.40 -10.32
CA PHE F 72 3.74 -37.32 -10.93
C PHE F 72 3.97 -37.15 -12.43
N GLU F 73 5.22 -37.18 -12.87
CA GLU F 73 5.55 -37.00 -14.28
C GLU F 73 4.81 -38.00 -15.17
N ASP F 74 4.69 -39.24 -14.69
CA ASP F 74 3.91 -40.23 -15.37
C ASP F 74 2.49 -39.73 -15.47
N PHE F 75 1.94 -39.34 -14.32
CA PHE F 75 0.56 -38.86 -14.18
C PHE F 75 0.22 -37.73 -15.15
N VAL F 76 1.15 -36.81 -15.36
CA VAL F 76 0.88 -35.68 -16.28
C VAL F 76 1.06 -36.01 -17.76
N THR F 77 2.00 -36.87 -18.11
CA THR F 77 2.05 -37.33 -19.49
C THR F 77 0.74 -38.05 -19.84
N ALA F 78 0.37 -39.03 -19.02
CA ALA F 78 -0.91 -39.70 -19.14
C ALA F 78 -2.03 -38.70 -19.45
N LEU F 79 -2.15 -37.69 -18.60
CA LEU F 79 -3.16 -36.68 -18.77
C LEU F 79 -2.93 -35.85 -20.00
N SER F 80 -1.68 -35.56 -20.32
CA SER F 80 -1.36 -34.76 -21.48
C SER F 80 -1.87 -35.50 -22.68
N ILE F 81 -1.76 -36.84 -22.66
CA ILE F 81 -2.19 -37.65 -23.80
C ILE F 81 -3.71 -37.66 -23.79
N LEU F 82 -4.30 -37.97 -22.64
CA LEU F 82 -5.72 -38.15 -22.56
C LEU F 82 -6.53 -36.91 -22.82
N LEU F 83 -6.05 -35.74 -22.43
CA LEU F 83 -6.81 -34.51 -22.66
C LEU F 83 -6.36 -33.68 -23.86
N ARG F 84 -5.18 -33.94 -24.41
CA ARG F 84 -4.61 -33.05 -25.45
C ARG F 84 -4.04 -33.79 -26.65
N GLY F 85 -3.58 -35.01 -26.43
CA GLY F 85 -2.95 -35.78 -27.48
C GLY F 85 -3.78 -36.01 -28.74
N THR F 86 -3.12 -36.58 -29.76
CA THR F 86 -3.77 -37.01 -30.99
C THR F 86 -4.77 -38.14 -30.73
N VAL F 87 -5.79 -38.25 -31.60
CA VAL F 87 -6.79 -39.31 -31.50
C VAL F 87 -6.09 -40.66 -31.36
N HIS F 88 -5.19 -40.93 -32.29
CA HIS F 88 -4.32 -42.09 -32.26
C HIS F 88 -3.73 -42.30 -30.87
N GLU F 89 -3.14 -41.25 -30.28
CA GLU F 89 -2.48 -41.33 -28.97
C GLU F 89 -3.46 -41.65 -27.86
N LYS F 90 -4.59 -40.94 -27.88
CA LYS F 90 -5.62 -41.12 -26.89
C LYS F 90 -6.11 -42.56 -27.01
N LEU F 91 -6.29 -43.03 -28.24
CA LEU F 91 -6.79 -44.38 -28.54
C LEU F 91 -5.84 -45.48 -28.17
N ARG F 92 -4.58 -45.29 -28.50
CA ARG F 92 -3.57 -46.27 -28.14
C ARG F 92 -3.53 -46.36 -26.63
N TRP F 93 -3.75 -45.23 -25.96
CA TRP F 93 -3.70 -45.21 -24.50
C TRP F 93 -4.77 -46.10 -23.93
N THR F 94 -5.98 -46.01 -24.48
CA THR F 94 -7.11 -46.83 -24.01
C THR F 94 -6.82 -48.30 -24.27
N PHE F 95 -6.28 -48.58 -25.46
CA PHE F 95 -5.96 -49.95 -25.86
C PHE F 95 -5.02 -50.62 -24.85
N ASN F 96 -3.99 -49.89 -24.43
CA ASN F 96 -3.04 -50.43 -23.45
C ASN F 96 -3.67 -50.75 -22.10
N LEU F 97 -4.69 -49.97 -21.75
CA LEU F 97 -5.45 -50.16 -20.52
C LEU F 97 -6.23 -51.46 -20.66
N TYR F 98 -6.85 -51.65 -21.81
CA TYR F 98 -7.63 -52.87 -22.03
C TYR F 98 -6.75 -54.12 -22.14
N ASP F 99 -5.62 -54.02 -22.82
CA ASP F 99 -4.68 -55.13 -22.94
C ASP F 99 -3.94 -55.35 -21.60
N ILE F 100 -4.64 -56.05 -20.69
CA ILE F 100 -4.14 -56.21 -19.31
C ILE F 100 -2.77 -56.80 -19.24
N ASN F 101 -2.53 -57.93 -19.89
CA ASN F 101 -1.24 -58.59 -19.72
C ASN F 101 -0.08 -58.02 -20.64
N LYS F 102 -0.24 -56.86 -21.25
CA LYS F 102 0.71 -56.24 -22.20
C LYS F 102 1.26 -57.21 -23.26
N ASP F 103 0.42 -57.46 -24.27
CA ASP F 103 0.84 -58.27 -25.42
C ASP F 103 0.23 -57.78 -26.72
N GLY F 104 -0.38 -56.60 -26.71
CA GLY F 104 -0.91 -55.98 -27.92
C GLY F 104 -2.15 -56.64 -28.50
N TYR F 105 -2.80 -57.48 -27.68
CA TYR F 105 -3.99 -58.25 -28.09
C TYR F 105 -5.06 -58.11 -27.01
N ILE F 106 -6.30 -57.79 -27.39
CA ILE F 106 -7.42 -57.82 -26.44
C ILE F 106 -8.36 -58.99 -26.72
N ASN F 107 -8.51 -59.87 -25.73
CA ASN F 107 -9.43 -61.02 -25.86
C ASN F 107 -10.63 -60.96 -24.91
N LYS F 108 -11.71 -61.64 -25.29
CA LYS F 108 -12.95 -61.67 -24.52
C LYS F 108 -12.64 -61.77 -23.02
N GLU F 109 -11.75 -62.69 -22.68
CA GLU F 109 -11.27 -62.90 -21.32
C GLU F 109 -11.01 -61.60 -20.55
N GLU F 110 -10.24 -60.71 -21.12
CA GLU F 110 -9.77 -59.55 -20.37
C GLU F 110 -10.63 -58.32 -20.53
N MET F 111 -11.41 -58.29 -21.59
CA MET F 111 -12.37 -57.23 -21.78
C MET F 111 -13.43 -57.35 -20.70
N MET F 112 -13.85 -58.58 -20.42
CA MET F 112 -14.80 -58.90 -19.34
C MET F 112 -14.33 -58.33 -18.01
N ASP F 113 -13.06 -58.58 -17.69
CA ASP F 113 -12.47 -58.02 -16.51
C ASP F 113 -12.71 -56.52 -16.42
N ILE F 114 -12.36 -55.79 -17.50
CA ILE F 114 -12.48 -54.33 -17.53
C ILE F 114 -13.90 -53.88 -17.27
N VAL F 115 -14.84 -54.43 -18.03
CA VAL F 115 -16.22 -54.00 -17.94
C VAL F 115 -16.76 -54.33 -16.56
N LYS F 116 -16.48 -55.52 -16.04
CA LYS F 116 -16.84 -55.87 -14.66
C LYS F 116 -16.21 -54.89 -13.65
N ALA F 117 -14.93 -54.61 -13.84
CA ALA F 117 -14.17 -53.66 -12.98
C ALA F 117 -14.72 -52.23 -12.92
N ILE F 118 -15.26 -51.76 -14.03
CA ILE F 118 -15.94 -50.47 -14.08
C ILE F 118 -17.37 -50.53 -13.50
N TYR F 119 -18.12 -51.57 -13.88
CA TYR F 119 -19.46 -51.82 -13.32
C TYR F 119 -19.40 -51.86 -11.83
N ASP F 120 -18.36 -52.50 -11.30
CA ASP F 120 -18.13 -52.52 -9.88
C ASP F 120 -17.91 -51.11 -9.33
N MET F 121 -17.11 -50.33 -10.03
CA MET F 121 -16.79 -48.99 -9.61
C MET F 121 -18.08 -48.17 -9.43
N MET F 122 -19.13 -48.51 -10.16
CA MET F 122 -20.43 -47.85 -9.98
C MET F 122 -21.55 -48.71 -9.33
N GLY F 123 -22.54 -49.18 -10.10
CA GLY F 123 -23.70 -49.88 -9.51
C GLY F 123 -24.48 -50.86 -10.36
N ALA F 124 -23.80 -51.87 -10.89
CA ALA F 124 -24.50 -53.02 -11.47
C ALA F 124 -25.01 -53.83 -10.33
N TYR F 125 -25.22 -53.17 -9.18
CA TYR F 125 -26.02 -53.70 -8.07
C TYR F 125 -26.26 -52.66 -6.98
N THR F 126 -25.22 -51.87 -6.66
CA THR F 126 -25.30 -50.75 -5.70
C THR F 126 -26.75 -50.31 -5.52
N TYR F 127 -27.39 -50.73 -4.44
CA TYR F 127 -28.87 -50.75 -4.46
C TYR F 127 -29.50 -50.13 -5.73
N PRO F 128 -29.69 -48.78 -5.77
CA PRO F 128 -30.67 -48.26 -6.76
C PRO F 128 -30.30 -48.53 -8.23
N VAL F 129 -29.03 -48.37 -8.58
CA VAL F 129 -28.60 -48.52 -9.97
C VAL F 129 -29.05 -49.87 -10.57
N LEU F 130 -29.45 -50.82 -9.69
CA LEU F 130 -30.05 -52.15 -10.02
C LEU F 130 -29.80 -52.77 -11.41
N ALA F 131 -28.71 -52.39 -12.08
CA ALA F 131 -28.41 -52.72 -13.51
C ALA F 131 -28.80 -54.12 -13.98
N GLU F 132 -29.00 -54.28 -15.29
CA GLU F 132 -29.47 -55.56 -15.83
C GLU F 132 -28.61 -56.05 -16.99
N ASP F 133 -28.24 -55.15 -17.90
CA ASP F 133 -27.28 -55.48 -18.95
C ASP F 133 -26.07 -56.18 -18.31
N THR F 134 -25.88 -57.46 -18.65
CA THR F 134 -24.78 -58.32 -18.17
C THR F 134 -23.35 -57.72 -18.41
N PRO F 135 -22.28 -58.33 -17.93
CA PRO F 135 -20.99 -57.85 -18.36
C PRO F 135 -20.64 -58.60 -19.64
N ARG F 136 -21.46 -59.62 -19.96
CA ARG F 136 -21.20 -60.52 -21.06
C ARG F 136 -21.77 -59.90 -22.34
N GLN F 137 -23.08 -59.62 -22.32
CA GLN F 137 -23.78 -59.03 -23.47
C GLN F 137 -23.26 -57.60 -23.78
N HIS F 138 -22.10 -57.25 -23.24
CA HIS F 138 -21.53 -55.93 -23.45
C HIS F 138 -20.17 -56.03 -24.10
N VAL F 139 -19.43 -57.05 -23.71
CA VAL F 139 -18.20 -57.46 -24.41
C VAL F 139 -18.56 -57.93 -25.82
N ASP F 140 -19.67 -58.67 -25.91
CA ASP F 140 -20.11 -59.22 -27.17
C ASP F 140 -20.41 -58.16 -28.19
N VAL F 141 -21.09 -57.08 -27.77
CA VAL F 141 -21.39 -55.97 -28.70
C VAL F 141 -20.09 -55.31 -29.17
N PHE F 142 -19.16 -55.19 -28.23
CA PHE F 142 -17.83 -54.67 -28.48
C PHE F 142 -17.10 -55.46 -29.57
N PHE F 143 -16.91 -56.75 -29.34
CA PHE F 143 -16.19 -57.60 -30.28
C PHE F 143 -16.89 -57.72 -31.62
N GLN F 144 -18.20 -57.86 -31.61
CA GLN F 144 -18.95 -58.07 -32.86
C GLN F 144 -18.92 -56.80 -33.73
N LYS F 145 -18.53 -55.69 -33.11
CA LYS F 145 -18.43 -54.42 -33.82
C LYS F 145 -17.06 -53.77 -33.67
N MET F 146 -16.04 -54.57 -33.33
CA MET F 146 -14.65 -54.11 -33.23
C MET F 146 -13.67 -55.10 -33.90
N ASP F 147 -13.84 -56.39 -33.61
CA ASP F 147 -13.06 -57.49 -34.21
C ASP F 147 -13.56 -57.68 -35.65
N LYS F 148 -12.83 -57.04 -36.56
CA LYS F 148 -13.15 -57.04 -37.96
C LYS F 148 -13.28 -58.44 -38.58
N ASN F 149 -12.24 -59.29 -38.57
CA ASN F 149 -12.41 -60.53 -39.34
C ASN F 149 -13.13 -61.71 -38.62
N LYS F 150 -13.45 -61.56 -37.30
CA LYS F 150 -14.18 -62.55 -36.44
C LYS F 150 -13.33 -63.71 -35.93
N ASP F 151 -12.06 -63.43 -35.65
CA ASP F 151 -11.13 -64.44 -35.12
C ASP F 151 -11.12 -64.36 -33.59
N GLY F 152 -12.05 -63.59 -33.02
CA GLY F 152 -12.21 -63.44 -31.57
C GLY F 152 -11.09 -62.72 -30.84
N ILE F 153 -10.22 -62.06 -31.60
CA ILE F 153 -9.07 -61.38 -31.05
C ILE F 153 -8.96 -60.01 -31.70
N VAL F 154 -8.93 -58.95 -30.88
CA VAL F 154 -8.90 -57.57 -31.40
C VAL F 154 -7.51 -56.93 -31.20
N THR F 155 -6.89 -56.54 -32.32
CA THR F 155 -5.56 -55.95 -32.31
C THR F 155 -5.63 -54.42 -32.36
N LEU F 156 -4.49 -53.76 -32.13
CA LEU F 156 -4.45 -52.30 -32.03
C LEU F 156 -4.97 -51.68 -33.31
N ASP F 157 -4.47 -52.16 -34.46
CA ASP F 157 -4.93 -51.66 -35.76
C ASP F 157 -6.41 -51.91 -35.97
N GLU F 158 -6.90 -53.07 -35.53
CA GLU F 158 -8.31 -53.40 -35.60
C GLU F 158 -9.15 -52.43 -34.76
N PHE F 159 -8.64 -52.11 -33.56
CA PHE F 159 -9.29 -51.19 -32.62
C PHE F 159 -9.20 -49.72 -33.07
N LEU F 160 -8.07 -49.33 -33.65
CA LEU F 160 -7.87 -47.97 -34.14
C LEU F 160 -8.83 -47.68 -35.28
N GLU F 161 -8.76 -48.48 -36.34
CA GLU F 161 -9.55 -48.27 -37.55
C GLU F 161 -11.04 -48.39 -37.24
N SER F 162 -11.36 -49.24 -36.26
CA SER F 162 -12.74 -49.51 -35.87
C SER F 162 -13.42 -48.30 -35.22
N CYS F 163 -12.64 -47.52 -34.46
CA CYS F 163 -13.14 -46.35 -33.73
C CYS F 163 -13.21 -45.12 -34.60
N GLN F 164 -12.28 -44.98 -35.55
CA GLN F 164 -12.30 -43.88 -36.53
C GLN F 164 -13.59 -43.94 -37.34
N GLU F 165 -14.05 -45.16 -37.63
CA GLU F 165 -15.29 -45.39 -38.36
C GLU F 165 -16.51 -44.94 -37.55
N ASP F 166 -16.35 -44.84 -36.24
CA ASP F 166 -17.44 -44.53 -35.29
C ASP F 166 -17.61 -43.02 -35.03
N ASP F 167 -18.44 -42.32 -35.82
CA ASP F 167 -18.61 -40.85 -35.70
C ASP F 167 -18.70 -40.32 -34.28
N ASN F 168 -19.33 -41.07 -33.39
CA ASN F 168 -19.53 -40.57 -32.05
C ASN F 168 -18.41 -40.86 -31.07
N ILE F 169 -17.81 -42.05 -31.13
CA ILE F 169 -16.63 -42.33 -30.29
C ILE F 169 -15.50 -41.36 -30.69
N MET F 170 -15.65 -40.72 -31.83
CA MET F 170 -14.68 -39.78 -32.38
C MET F 170 -14.86 -38.34 -31.90
N ARG F 171 -16.04 -37.76 -31.95
CA ARG F 171 -16.20 -36.39 -31.42
C ARG F 171 -16.16 -36.36 -29.86
N SER F 172 -16.42 -37.51 -29.21
CA SER F 172 -16.21 -37.60 -27.77
C SER F 172 -14.74 -37.29 -27.52
N LEU F 173 -13.85 -38.23 -27.92
CA LEU F 173 -12.39 -38.05 -27.89
C LEU F 173 -11.83 -36.63 -28.00
N GLN F 174 -12.32 -35.89 -28.98
CA GLN F 174 -11.70 -34.62 -29.37
C GLN F 174 -12.16 -33.41 -28.55
N LEU F 175 -13.48 -33.29 -28.36
CA LEU F 175 -14.04 -32.22 -27.51
C LEU F 175 -12.97 -31.74 -26.52
N PHE F 176 -12.56 -30.48 -26.68
CA PHE F 176 -11.40 -29.89 -25.96
C PHE F 176 -11.57 -29.85 -24.43
N GLN F 177 -11.04 -30.79 -23.66
CA GLN F 177 -11.16 -30.66 -22.20
C GLN F 177 -10.37 -29.41 -21.66
N ASN F 178 -10.55 -29.09 -20.38
CA ASN F 178 -9.93 -27.91 -19.80
C ASN F 178 -9.33 -28.10 -18.38
N VAL F 179 -8.00 -28.29 -18.28
CA VAL F 179 -7.31 -28.50 -16.99
C VAL F 179 -7.06 -27.16 -16.36
N MET F 180 -7.95 -26.66 -15.50
CA MET F 180 -7.82 -25.29 -15.03
C MET F 180 -8.85 -25.03 -13.91
N GLU G 1 31.39 -3.55 18.73
CA GLU G 1 31.18 -3.48 17.26
C GLU G 1 30.33 -2.23 16.87
N GLY G 2 30.79 -1.44 15.87
CA GLY G 2 29.95 -0.41 15.20
C GLY G 2 30.13 -0.40 13.68
N LEU G 3 29.02 -0.41 12.93
CA LEU G 3 29.06 -0.66 11.47
C LEU G 3 29.75 0.39 10.62
N GLU G 4 29.52 1.66 10.88
CA GLU G 4 30.08 2.69 10.01
C GLU G 4 31.56 2.95 10.27
N GLN G 5 32.05 2.49 11.42
CA GLN G 5 33.50 2.48 11.67
C GLN G 5 34.11 1.45 10.76
N LEU G 6 33.63 0.21 10.89
CA LEU G 6 34.14 -0.89 10.12
C LEU G 6 34.16 -0.56 8.65
N GLU G 7 33.13 0.12 8.16
CA GLU G 7 33.09 0.54 6.77
C GLU G 7 34.28 1.40 6.44
N ALA G 8 34.56 2.37 7.29
CA ALA G 8 35.70 3.25 7.10
C ALA G 8 37.04 2.47 7.28
N GLN G 9 37.21 1.80 8.42
CA GLN G 9 38.49 1.16 8.81
C GLN G 9 38.75 -0.25 8.21
N THR G 10 37.97 -0.66 7.22
CA THR G 10 38.26 -1.89 6.42
C THR G 10 37.87 -1.69 4.96
N ASN G 11 38.17 -2.68 4.15
CA ASN G 11 37.96 -2.56 2.71
C ASN G 11 36.57 -3.02 2.27
N PHE G 12 35.67 -3.20 3.21
CA PHE G 12 34.34 -3.68 2.87
C PHE G 12 33.31 -2.57 2.85
N THR G 13 32.29 -2.72 2.01
CA THR G 13 31.19 -1.78 2.00
C THR G 13 30.21 -2.19 3.09
N LYS G 14 29.31 -1.28 3.47
CA LYS G 14 28.31 -1.59 4.47
C LYS G 14 27.53 -2.85 4.10
N ARG G 15 27.11 -2.91 2.84
CA ARG G 15 26.41 -4.06 2.31
C ARG G 15 27.20 -5.31 2.68
N GLU G 16 28.48 -5.35 2.32
CA GLU G 16 29.33 -6.52 2.49
C GLU G 16 29.47 -6.89 3.95
N LEU G 17 29.74 -5.87 4.75
CA LEU G 17 29.95 -6.06 6.18
C LEU G 17 28.77 -6.72 6.86
N GLN G 18 27.58 -6.37 6.39
CA GLN G 18 26.35 -6.97 6.91
C GLN G 18 26.29 -8.46 6.63
N VAL G 19 26.51 -8.84 5.38
CA VAL G 19 26.49 -10.23 4.99
C VAL G 19 27.50 -10.95 5.88
N LEU G 20 28.70 -10.35 6.02
CA LEU G 20 29.75 -10.94 6.84
C LEU G 20 29.26 -11.10 8.28
N TYR G 21 28.70 -10.04 8.84
CA TYR G 21 28.18 -10.13 10.18
C TYR G 21 27.12 -11.21 10.36
N ARG G 22 26.17 -11.29 9.43
CA ARG G 22 25.14 -12.31 9.50
C ARG G 22 25.75 -13.72 9.40
N GLY G 23 26.83 -13.81 8.61
CA GLY G 23 27.65 -15.02 8.54
C GLY G 23 28.18 -15.37 9.93
N PHE G 24 28.92 -14.43 10.49
CA PHE G 24 29.50 -14.57 11.83
C PHE G 24 28.46 -14.87 12.90
N LYS G 25 27.40 -14.07 12.93
CA LYS G 25 26.41 -14.15 14.00
C LYS G 25 25.72 -15.51 14.02
N ASN G 26 25.86 -16.26 12.93
CA ASN G 26 25.26 -17.59 12.84
C ASN G 26 26.20 -18.73 13.22
N GLU G 27 27.48 -18.57 12.91
CA GLU G 27 28.50 -19.56 13.29
C GLU G 27 28.75 -19.57 14.80
N CYS G 28 28.52 -18.43 15.45
CA CYS G 28 28.33 -18.36 16.90
C CYS G 28 27.43 -17.17 17.19
N PRO G 29 26.29 -17.45 17.83
CA PRO G 29 25.41 -16.39 18.34
C PRO G 29 26.10 -15.65 19.48
N SER G 30 26.79 -16.43 20.31
CA SER G 30 27.76 -15.95 21.30
C SER G 30 28.26 -14.52 21.07
N GLY G 31 28.72 -14.23 19.84
CA GLY G 31 29.35 -12.94 19.52
C GLY G 31 30.85 -13.01 19.81
N VAL G 32 31.22 -13.92 20.69
CA VAL G 32 32.62 -14.16 21.07
C VAL G 32 33.08 -15.59 20.73
N VAL G 33 34.14 -15.66 19.91
CA VAL G 33 34.67 -16.93 19.43
C VAL G 33 35.86 -17.38 20.27
N ASN G 34 35.65 -18.42 21.06
CA ASN G 34 36.75 -19.11 21.73
C ASN G 34 37.22 -20.28 20.88
N GLU G 35 38.22 -20.96 21.33
CA GLU G 35 38.88 -21.94 20.46
C GLU G 35 37.99 -23.13 20.11
N ASP G 36 37.11 -23.48 21.03
CA ASP G 36 36.22 -24.63 20.88
C ASP G 36 35.23 -24.43 19.76
N THR G 37 34.57 -23.26 19.74
CA THR G 37 33.73 -22.88 18.61
C THR G 37 34.57 -22.89 17.34
N PHE G 38 35.77 -22.34 17.45
CA PHE G 38 36.72 -22.22 16.34
C PHE G 38 36.98 -23.59 15.71
N LYS G 39 37.24 -24.57 16.57
CA LYS G 39 37.46 -25.95 16.14
C LYS G 39 36.25 -26.48 15.41
N GLN G 40 35.10 -26.47 16.07
CA GLN G 40 33.88 -27.06 15.50
C GLN G 40 33.31 -26.26 14.31
N ILE G 41 33.76 -25.02 14.14
CA ILE G 41 33.40 -24.25 12.95
C ILE G 41 34.11 -24.82 11.70
N TYR G 42 35.19 -25.56 11.91
CA TYR G 42 35.87 -26.24 10.80
C TYR G 42 35.50 -27.71 10.70
N ALA G 43 34.85 -28.25 11.73
CA ALA G 43 34.31 -29.62 11.67
C ALA G 43 33.59 -29.86 10.33
N GLN G 44 32.85 -28.85 9.88
CA GLN G 44 32.22 -28.92 8.56
C GLN G 44 33.26 -28.81 7.46
N PHE G 45 34.09 -27.77 7.50
CA PHE G 45 35.07 -27.49 6.45
C PHE G 45 35.40 -28.74 5.60
N PHE G 46 35.74 -29.84 6.28
CA PHE G 46 36.11 -31.08 5.61
C PHE G 46 35.31 -32.22 6.23
N PRO G 47 34.92 -33.23 5.44
CA PRO G 47 34.07 -34.34 5.90
C PRO G 47 34.65 -35.12 7.08
N HIS G 48 35.37 -36.21 6.82
CA HIS G 48 36.01 -36.94 7.90
C HIS G 48 37.52 -36.63 8.03
N GLY G 49 37.79 -35.38 8.42
CA GLY G 49 39.13 -34.93 8.78
C GLY G 49 39.05 -34.27 10.15
N ASP G 50 40.21 -33.95 10.73
CA ASP G 50 40.27 -33.33 12.06
C ASP G 50 41.07 -32.02 12.06
N ALA G 51 40.38 -30.89 12.18
CA ALA G 51 41.04 -29.58 12.18
C ALA G 51 41.25 -29.06 13.60
N SER G 52 41.16 -29.95 14.57
CA SER G 52 41.34 -29.62 15.97
C SER G 52 42.63 -28.86 16.19
N THR G 53 43.75 -29.43 15.74
CA THR G 53 45.07 -28.85 16.00
C THR G 53 45.27 -27.53 15.28
N TYR G 54 44.76 -27.44 14.05
CA TYR G 54 44.87 -26.21 13.27
C TYR G 54 44.08 -25.04 13.87
N ALA G 55 42.88 -25.33 14.34
CA ALA G 55 42.05 -24.36 15.06
C ALA G 55 42.89 -23.56 16.07
N HIS G 56 43.75 -24.27 16.80
CA HIS G 56 44.60 -23.71 17.85
C HIS G 56 45.58 -22.69 17.30
N TYR G 57 46.18 -23.04 16.15
CA TYR G 57 47.12 -22.16 15.49
C TYR G 57 46.39 -20.98 14.89
N LEU G 58 45.22 -21.24 14.32
CA LEU G 58 44.40 -20.16 13.82
C LEU G 58 43.99 -19.20 14.94
N PHE G 59 43.57 -19.77 16.07
CA PHE G 59 43.14 -18.94 17.18
C PHE G 59 44.23 -17.95 17.59
N ASN G 60 45.36 -18.41 18.12
CA ASN G 60 46.35 -17.43 18.58
C ASN G 60 47.18 -16.82 17.44
N ALA G 61 46.64 -16.92 16.24
CA ALA G 61 47.06 -16.06 15.14
C ALA G 61 46.31 -14.76 15.28
N PHE G 62 45.10 -14.84 15.84
CA PHE G 62 44.40 -13.65 16.35
C PHE G 62 44.86 -13.33 17.78
N ASP G 63 43.87 -13.17 18.68
CA ASP G 63 44.08 -12.62 20.02
C ASP G 63 45.06 -11.45 19.99
N THR G 64 45.05 -10.72 18.87
CA THR G 64 45.95 -9.58 18.68
C THR G 64 45.60 -8.49 19.69
N THR G 65 44.31 -8.39 20.03
CA THR G 65 43.84 -7.53 21.13
C THR G 65 44.27 -8.10 22.49
N GLN G 66 44.44 -9.44 22.54
CA GLN G 66 44.80 -10.18 23.76
C GLN G 66 43.76 -10.05 24.88
N THR G 67 42.49 -10.16 24.48
CA THR G 67 41.35 -10.03 25.39
C THR G 67 40.71 -11.41 25.69
N GLY G 68 41.54 -12.46 25.59
CA GLY G 68 41.11 -13.83 25.85
C GLY G 68 40.38 -14.48 24.69
N SER G 69 39.53 -13.70 24.04
CA SER G 69 38.67 -14.19 22.96
C SER G 69 38.66 -13.28 21.71
N VAL G 70 38.24 -13.82 20.56
CA VAL G 70 38.19 -13.06 19.30
C VAL G 70 36.81 -12.52 18.97
N LYS G 71 36.72 -11.19 19.00
CA LYS G 71 35.50 -10.47 18.66
C LYS G 71 35.41 -10.34 17.14
N PHE G 72 34.20 -10.09 16.65
CA PHE G 72 33.89 -9.92 15.21
C PHE G 72 34.83 -8.93 14.50
N GLU G 73 35.10 -7.79 15.13
CA GLU G 73 35.95 -6.76 14.53
C GLU G 73 37.33 -7.29 14.14
N ASP G 74 37.89 -8.16 14.98
CA ASP G 74 39.13 -8.86 14.66
C ASP G 74 38.92 -9.69 13.39
N PHE G 75 37.87 -10.48 13.41
CA PHE G 75 37.49 -11.35 12.32
C PHE G 75 37.37 -10.62 10.97
N VAL G 76 36.77 -9.43 10.95
CA VAL G 76 36.64 -8.71 9.68
C VAL G 76 37.91 -8.01 9.22
N THR G 77 38.72 -7.49 10.14
CA THR G 77 40.03 -6.94 9.76
C THR G 77 40.83 -8.06 9.10
N ALA G 78 40.93 -9.19 9.82
CA ALA G 78 41.59 -10.38 9.31
C ALA G 78 41.19 -10.65 7.87
N LEU G 79 39.89 -10.71 7.64
CA LEU G 79 39.35 -10.93 6.31
C LEU G 79 39.59 -9.79 5.34
N SER G 80 39.52 -8.57 5.85
CA SER G 80 39.76 -7.41 5.01
C SER G 80 41.18 -7.52 4.50
N ILE G 81 42.10 -8.00 5.35
CA ILE G 81 43.52 -8.14 4.97
C ILE G 81 43.63 -9.26 3.95
N LEU G 82 43.09 -10.41 4.29
CA LEU G 82 43.20 -11.63 3.47
C LEU G 82 42.54 -11.57 2.10
N LEU G 83 41.43 -10.86 1.97
CA LEU G 83 40.75 -10.77 0.69
C LEU G 83 41.02 -9.51 -0.13
N ARG G 84 41.51 -8.45 0.51
CA ARG G 84 41.59 -7.13 -0.15
C ARG G 84 42.92 -6.44 0.04
N GLY G 85 43.60 -6.74 1.14
CA GLY G 85 44.83 -6.04 1.49
C GLY G 85 45.94 -6.15 0.46
N THR G 86 47.01 -5.40 0.68
CA THR G 86 48.19 -5.45 -0.16
C THR G 86 48.86 -6.82 -0.03
N VAL G 87 49.61 -7.22 -1.06
CA VAL G 87 50.34 -8.48 -1.08
C VAL G 87 51.16 -8.61 0.18
N HIS G 88 51.92 -7.56 0.46
CA HIS G 88 52.67 -7.41 1.70
C HIS G 88 51.85 -7.79 2.95
N GLU G 89 50.66 -7.19 3.05
CA GLU G 89 49.76 -7.37 4.18
C GLU G 89 49.25 -8.80 4.28
N LYS G 90 48.85 -9.34 3.13
CA LYS G 90 48.34 -10.70 3.05
C LYS G 90 49.46 -11.66 3.43
N LEU G 91 50.66 -11.38 2.92
CA LEU G 91 51.85 -12.18 3.20
C LEU G 91 52.30 -12.12 4.65
N ARG G 92 52.35 -10.90 5.19
CA ARG G 92 52.72 -10.72 6.59
C ARG G 92 51.74 -11.47 7.49
N TRP G 93 50.47 -11.45 7.10
CA TRP G 93 49.45 -12.18 7.83
C TRP G 93 49.73 -13.68 7.86
N THR G 94 50.13 -14.24 6.72
CA THR G 94 50.42 -15.67 6.67
C THR G 94 51.64 -15.95 7.53
N PHE G 95 52.62 -15.07 7.47
CA PHE G 95 53.86 -15.24 8.23
C PHE G 95 53.56 -15.34 9.72
N ASN G 96 52.66 -14.48 10.20
CA ASN G 96 52.31 -14.48 11.61
C ASN G 96 51.60 -15.74 12.05
N LEU G 97 50.88 -16.35 11.11
CA LEU G 97 50.23 -17.61 11.36
C LEU G 97 51.25 -18.72 11.49
N TYR G 98 52.27 -18.71 10.63
CA TYR G 98 53.34 -19.70 10.68
C TYR G 98 54.25 -19.54 11.90
N ASP G 99 54.53 -18.28 12.27
CA ASP G 99 55.35 -17.99 13.44
C ASP G 99 54.52 -18.20 14.71
N ILE G 100 54.47 -19.52 15.11
CA ILE G 100 53.58 -19.91 16.22
C ILE G 100 53.88 -19.18 17.49
N ASN G 101 55.12 -19.16 17.94
CA ASN G 101 55.39 -18.57 19.25
C ASN G 101 55.57 -17.00 19.23
N LYS G 102 55.18 -16.30 18.17
CA LYS G 102 55.37 -14.85 17.97
C LYS G 102 56.76 -14.33 18.34
N ASP G 103 57.70 -14.56 17.41
CA ASP G 103 59.06 -14.03 17.55
C ASP G 103 59.67 -13.62 16.22
N GLY G 104 58.88 -13.62 15.17
CA GLY G 104 59.29 -13.14 13.85
C GLY G 104 60.21 -14.09 13.10
N TYR G 105 60.29 -15.32 13.58
CA TYR G 105 61.18 -16.33 13.03
C TYR G 105 60.41 -17.61 12.80
N ILE G 106 60.51 -18.20 11.60
CA ILE G 106 59.92 -19.53 11.35
C ILE G 106 61.01 -20.59 11.25
N ASN G 107 60.97 -21.59 12.14
CA ASN G 107 61.92 -22.69 12.09
C ASN G 107 61.29 -24.03 11.75
N LYS G 108 62.09 -24.95 11.21
CA LYS G 108 61.62 -26.29 10.80
C LYS G 108 60.62 -26.87 11.80
N GLU G 109 61.00 -26.79 13.08
CA GLU G 109 60.16 -27.19 14.23
C GLU G 109 58.69 -26.83 14.11
N GLU G 110 58.40 -25.57 13.82
CA GLU G 110 57.03 -25.05 13.84
C GLU G 110 56.31 -25.08 12.50
N MET G 111 57.08 -25.14 11.42
CA MET G 111 56.50 -25.31 10.10
C MET G 111 55.90 -26.70 9.97
N MET G 112 56.59 -27.68 10.55
CA MET G 112 56.11 -29.05 10.65
C MET G 112 54.76 -29.11 11.33
N ASP G 113 54.65 -28.41 12.45
CA ASP G 113 53.38 -28.32 13.14
C ASP G 113 52.26 -27.90 12.19
N ILE G 114 52.48 -26.82 11.45
CA ILE G 114 51.48 -26.23 10.56
C ILE G 114 51.07 -27.24 9.52
N VAL G 115 52.06 -27.78 8.81
CA VAL G 115 51.77 -28.71 7.74
C VAL G 115 51.03 -29.93 8.25
N LYS G 116 51.51 -30.55 9.34
CA LYS G 116 50.80 -31.64 9.99
C LYS G 116 49.37 -31.23 10.38
N ALA G 117 49.24 -30.02 10.94
CA ALA G 117 47.95 -29.49 11.40
C ALA G 117 46.92 -29.31 10.29
N ILE G 118 47.42 -29.02 9.08
CA ILE G 118 46.55 -28.90 7.90
C ILE G 118 46.25 -30.25 7.27
N TYR G 119 47.30 -31.08 7.15
CA TYR G 119 47.14 -32.46 6.74
C TYR G 119 46.08 -33.18 7.56
N ASP G 120 46.11 -32.96 8.87
CA ASP G 120 45.10 -33.49 9.78
C ASP G 120 43.69 -32.98 9.42
N MET G 121 43.58 -31.67 9.20
CA MET G 121 42.31 -31.00 8.84
C MET G 121 41.75 -31.64 7.58
N MET G 122 42.65 -31.78 6.60
CA MET G 122 42.42 -32.48 5.34
C MET G 122 42.45 -34.01 5.54
N GLY G 123 42.91 -34.74 4.54
CA GLY G 123 42.93 -36.20 4.57
C GLY G 123 44.08 -36.78 5.37
N ALA G 124 43.87 -36.92 6.69
CA ALA G 124 44.82 -37.61 7.57
C ALA G 124 44.69 -39.12 7.40
N LEU G 130 43.93 -39.92 -1.89
CA LEU G 130 44.35 -38.56 -2.13
C LEU G 130 45.44 -38.14 -1.15
N ALA G 131 46.68 -38.56 -1.43
CA ALA G 131 47.90 -38.13 -0.72
C ALA G 131 49.10 -39.02 -1.06
N GLU G 132 50.27 -38.41 -1.19
CA GLU G 132 51.52 -39.12 -1.48
C GLU G 132 52.71 -38.23 -1.14
N ASP G 133 52.45 -36.93 -0.95
CA ASP G 133 53.48 -35.96 -0.63
C ASP G 133 53.91 -36.04 0.84
N THR G 134 55.19 -36.32 1.09
CA THR G 134 55.72 -36.54 2.46
C THR G 134 55.45 -35.36 3.43
N PRO G 135 55.45 -35.64 4.76
CA PRO G 135 55.14 -34.53 5.67
C PRO G 135 56.36 -33.64 5.87
N ARG G 136 57.45 -34.28 6.28
CA ARG G 136 58.78 -33.75 6.43
C ARG G 136 59.30 -33.25 5.09
N GLN G 137 59.19 -34.10 4.07
CA GLN G 137 59.62 -33.77 2.70
C GLN G 137 58.81 -32.63 2.08
N HIS G 138 58.13 -31.86 2.93
CA HIS G 138 57.29 -30.76 2.46
C HIS G 138 57.76 -29.45 3.08
N VAL G 139 58.18 -29.54 4.35
CA VAL G 139 58.85 -28.45 5.04
C VAL G 139 60.21 -28.24 4.38
N ASP G 140 60.85 -29.35 4.01
CA ASP G 140 62.14 -29.30 3.36
C ASP G 140 62.12 -28.53 2.05
N VAL G 141 61.15 -28.80 1.19
CA VAL G 141 61.02 -28.08 -0.07
C VAL G 141 60.80 -26.59 0.21
N PHE G 142 60.00 -26.30 1.23
CA PHE G 142 59.74 -24.95 1.69
C PHE G 142 61.03 -24.20 2.06
N PHE G 143 61.78 -24.75 3.02
CA PHE G 143 63.02 -24.13 3.50
C PHE G 143 64.11 -24.02 2.44
N GLN G 144 64.30 -25.08 1.67
CA GLN G 144 65.34 -25.09 0.63
C GLN G 144 65.03 -24.11 -0.50
N LYS G 145 63.78 -23.63 -0.54
CA LYS G 145 63.36 -22.65 -1.55
C LYS G 145 62.72 -21.39 -0.92
N MET G 146 63.00 -21.14 0.37
CA MET G 146 62.52 -19.95 1.08
C MET G 146 63.63 -19.31 1.91
N ASP G 147 64.35 -20.14 2.68
CA ASP G 147 65.51 -19.75 3.50
C ASP G 147 66.68 -19.49 2.55
N LYS G 148 66.84 -18.20 2.21
CA LYS G 148 67.84 -17.75 1.29
C LYS G 148 69.27 -18.15 1.68
N ASN G 149 69.80 -17.75 2.84
CA ASN G 149 71.23 -18.03 3.04
C ASN G 149 71.60 -19.45 3.57
N LYS G 150 70.58 -20.28 3.94
CA LYS G 150 70.72 -21.68 4.43
C LYS G 150 71.14 -21.81 5.91
N ASP G 151 70.67 -20.87 6.74
CA ASP G 151 70.96 -20.87 8.17
C ASP G 151 69.83 -21.61 8.92
N GLY G 152 68.91 -22.20 8.14
CA GLY G 152 67.83 -23.00 8.70
C GLY G 152 66.76 -22.21 9.43
N ILE G 153 66.78 -20.89 9.23
CA ILE G 153 65.84 -20.00 9.88
C ILE G 153 65.29 -18.99 8.85
N VAL G 154 63.97 -18.92 8.71
CA VAL G 154 63.35 -18.03 7.71
C VAL G 154 62.68 -16.79 8.37
N THR G 155 63.15 -15.61 8.00
CA THR G 155 62.65 -14.36 8.57
C THR G 155 61.61 -13.74 7.66
N LEU G 156 60.94 -12.71 8.16
CA LEU G 156 59.83 -12.10 7.41
C LEU G 156 60.31 -11.59 6.06
N ASP G 157 61.43 -10.88 6.05
CA ASP G 157 62.00 -10.34 4.80
C ASP G 157 62.42 -11.43 3.84
N GLU G 158 62.92 -12.54 4.39
CA GLU G 158 63.29 -13.70 3.61
C GLU G 158 62.05 -14.33 2.97
N PHE G 159 60.97 -14.41 3.75
CA PHE G 159 59.71 -14.97 3.31
C PHE G 159 59.00 -14.03 2.32
N LEU G 160 59.07 -12.72 2.57
CA LEU G 160 58.47 -11.72 1.70
C LEU G 160 59.08 -11.74 0.31
N GLU G 161 60.40 -11.47 0.24
CA GLU G 161 61.17 -11.40 -1.00
C GLU G 161 61.14 -12.72 -1.77
N SER G 162 61.08 -13.82 -1.02
CA SER G 162 61.03 -15.18 -1.59
C SER G 162 59.72 -15.48 -2.36
N CYS G 163 58.59 -14.96 -1.86
CA CYS G 163 57.29 -15.17 -2.48
C CYS G 163 57.03 -14.24 -3.65
N GLN G 164 57.59 -13.02 -3.60
CA GLN G 164 57.48 -12.08 -4.72
C GLN G 164 58.18 -12.66 -5.95
N GLU G 165 59.24 -13.41 -5.73
CA GLU G 165 59.95 -14.06 -6.81
C GLU G 165 59.11 -15.17 -7.45
N ASP G 166 58.15 -15.71 -6.70
CA ASP G 166 57.40 -16.88 -7.12
C ASP G 166 56.20 -16.57 -8.04
N ASP G 167 56.41 -16.83 -9.35
CA ASP G 167 55.49 -16.42 -10.43
C ASP G 167 54.07 -17.04 -10.41
N ASN G 168 53.73 -17.74 -9.32
CA ASN G 168 52.39 -18.29 -9.10
C ASN G 168 51.85 -18.07 -7.68
N ILE G 169 52.74 -18.16 -6.67
CA ILE G 169 52.40 -17.78 -5.28
C ILE G 169 52.01 -16.30 -5.18
N MET G 170 52.13 -15.59 -6.30
CA MET G 170 51.74 -14.19 -6.45
C MET G 170 50.36 -14.08 -7.09
N ARG G 171 50.03 -15.07 -7.91
CA ARG G 171 48.69 -15.21 -8.47
C ARG G 171 47.76 -15.87 -7.48
N SER G 172 48.30 -16.76 -6.65
CA SER G 172 47.53 -17.33 -5.55
C SER G 172 46.84 -16.20 -4.80
N LEU G 173 47.56 -15.07 -4.69
CA LEU G 173 47.26 -14.02 -3.70
C LEU G 173 46.36 -12.85 -4.12
N GLN G 174 46.43 -12.44 -5.39
CA GLN G 174 45.78 -11.21 -5.86
C GLN G 174 44.34 -11.42 -6.39
N LEU G 175 44.17 -12.50 -7.14
CA LEU G 175 43.07 -12.83 -8.11
C LEU G 175 41.56 -12.50 -7.71
N PHE G 176 41.07 -12.75 -6.43
CA PHE G 176 39.82 -13.54 -6.22
C PHE G 176 38.58 -12.83 -5.51
N GLN G 177 38.61 -11.56 -4.96
CA GLN G 177 37.78 -11.26 -3.72
C GLN G 177 36.33 -10.63 -3.98
N ASN G 178 35.28 -11.42 -3.69
CA ASN G 178 33.93 -10.92 -3.29
C ASN G 178 33.37 -11.68 -2.06
N VAL G 179 32.80 -10.93 -1.11
CA VAL G 179 32.13 -11.47 0.09
C VAL G 179 30.71 -11.96 -0.24
N GLY H 2 -10.32 14.65 28.51
CA GLY H 2 -10.46 14.76 27.02
C GLY H 2 -9.37 15.62 26.39
N LEU H 3 -8.82 15.18 25.26
CA LEU H 3 -7.59 15.77 24.68
C LEU H 3 -7.72 17.21 24.16
N GLU H 4 -8.78 17.50 23.43
CA GLU H 4 -8.90 18.84 22.83
C GLU H 4 -9.31 19.94 23.83
N GLN H 5 -9.82 19.54 25.00
CA GLN H 5 -10.01 20.47 26.11
C GLN H 5 -8.64 20.83 26.62
N LEU H 6 -7.86 19.81 26.99
CA LEU H 6 -6.52 20.02 27.53
C LEU H 6 -5.68 20.91 26.62
N GLU H 7 -5.81 20.74 25.31
CA GLU H 7 -5.11 21.57 24.33
C GLU H 7 -5.48 23.02 24.54
N ALA H 8 -6.77 23.28 24.66
CA ALA H 8 -7.28 24.63 24.89
C ALA H 8 -6.86 25.16 26.26
N GLN H 9 -7.22 24.45 27.32
CA GLN H 9 -7.02 24.88 28.72
C GLN H 9 -5.61 24.67 29.36
N THR H 10 -4.60 24.34 28.55
CA THR H 10 -3.20 24.34 28.99
C THR H 10 -2.31 24.84 27.86
N ASN H 11 -1.02 24.95 28.14
CA ASN H 11 -0.08 25.55 27.19
C ASN H 11 0.56 24.54 26.27
N PHE H 12 -0.01 23.34 26.23
CA PHE H 12 0.57 22.30 25.42
C PHE H 12 -0.20 22.09 24.15
N THR H 13 0.51 21.67 23.10
CA THR H 13 -0.12 21.31 21.85
C THR H 13 -0.61 19.88 21.97
N LYS H 14 -1.51 19.46 21.09
CA LYS H 14 -1.99 18.08 21.09
C LYS H 14 -0.87 17.07 21.01
N ARG H 15 0.09 17.35 20.11
CA ARG H 15 1.31 16.54 19.98
C ARG H 15 1.91 16.34 21.35
N GLU H 16 2.17 17.44 22.07
CA GLU H 16 2.87 17.45 23.34
C GLU H 16 2.09 16.66 24.36
N LEU H 17 0.80 16.95 24.42
CA LEU H 17 -0.08 16.36 25.40
C LEU H 17 -0.13 14.85 25.30
N GLN H 18 0.02 14.36 24.09
CA GLN H 18 0.05 12.92 23.86
C GLN H 18 1.30 12.28 24.48
N VAL H 19 2.47 12.86 24.21
CA VAL H 19 3.73 12.32 24.70
C VAL H 19 3.58 12.31 26.23
N LEU H 20 3.03 13.41 26.77
CA LEU H 20 2.88 13.54 28.21
C LEU H 20 1.96 12.45 28.69
N TYR H 21 0.81 12.29 28.06
CA TYR H 21 -0.05 11.20 28.44
C TYR H 21 0.60 9.82 28.37
N ARG H 22 1.33 9.53 27.30
CA ARG H 22 2.01 8.23 27.18
C ARG H 22 3.03 8.08 28.29
N GLY H 23 3.66 9.20 28.66
CA GLY H 23 4.54 9.26 29.82
C GLY H 23 3.80 8.80 31.06
N PHE H 24 2.77 9.56 31.40
CA PHE H 24 1.91 9.26 32.54
C PHE H 24 1.35 7.83 32.54
N LYS H 25 0.76 7.42 31.44
CA LYS H 25 0.06 6.16 31.40
C LYS H 25 1.03 5.01 31.63
N ASN H 26 2.32 5.28 31.53
CA ASN H 26 3.30 4.23 31.76
C ASN H 26 3.82 4.20 33.18
N GLU H 27 3.91 5.37 33.81
CA GLU H 27 4.34 5.48 35.22
C GLU H 27 3.29 4.94 36.20
N CYS H 28 2.02 5.01 35.79
CA CYS H 28 0.97 4.17 36.35
C CYS H 28 -0.06 3.94 35.28
N PRO H 29 -0.33 2.67 34.97
CA PRO H 29 -1.41 2.27 34.07
C PRO H 29 -2.75 2.58 34.72
N SER H 30 -2.81 2.33 36.03
CA SER H 30 -3.83 2.83 36.95
C SER H 30 -4.68 4.01 36.39
N GLY H 31 -4.02 5.06 35.90
CA GLY H 31 -4.71 6.28 35.50
C GLY H 31 -4.92 7.21 36.69
N VAL H 32 -4.91 6.63 37.89
CA VAL H 32 -5.00 7.35 39.17
C VAL H 32 -3.75 7.15 40.05
N VAL H 33 -3.10 8.27 40.35
CA VAL H 33 -1.89 8.29 41.13
C VAL H 33 -2.18 8.56 42.59
N ASN H 34 -1.99 7.54 43.43
CA ASN H 34 -2.01 7.72 44.88
C ASN H 34 -0.59 7.94 45.37
N GLU H 35 -0.43 8.08 46.62
CA GLU H 35 0.85 8.53 47.14
C GLU H 35 1.96 7.48 46.98
N ASP H 36 1.56 6.21 47.07
CA ASP H 36 2.49 5.10 46.99
C ASP H 36 3.14 4.98 45.63
N THR H 37 2.33 5.04 44.56
CA THR H 37 2.88 5.17 43.21
C THR H 37 3.77 6.40 43.14
N PHE H 38 3.31 7.51 43.69
CA PHE H 38 4.01 8.79 43.77
C PHE H 38 5.41 8.66 44.32
N LYS H 39 5.51 7.98 45.47
CA LYS H 39 6.78 7.67 46.11
C LYS H 39 7.67 6.84 45.18
N GLN H 40 7.19 5.68 44.76
CA GLN H 40 8.00 4.79 43.95
C GLN H 40 8.29 5.33 42.56
N ILE H 41 7.54 6.32 42.12
CA ILE H 41 7.84 6.98 40.86
C ILE H 41 9.13 7.83 40.98
N TYR H 42 9.52 8.14 42.22
CA TYR H 42 10.77 8.86 42.48
C TYR H 42 11.88 7.92 42.94
N ALA H 43 11.52 6.70 43.35
CA ALA H 43 12.54 5.70 43.68
C ALA H 43 13.65 5.74 42.63
N GLN H 44 13.27 5.90 41.37
CA GLN H 44 14.26 6.00 40.28
C GLN H 44 14.98 7.33 40.31
N PHE H 45 14.20 8.42 40.32
CA PHE H 45 14.75 9.76 40.30
C PHE H 45 16.23 9.80 40.75
N PHE H 46 16.52 9.18 41.91
CA PHE H 46 17.86 9.20 42.49
C PHE H 46 18.21 7.79 42.89
N PRO H 47 19.49 7.41 42.74
CA PRO H 47 19.95 6.02 42.99
C PRO H 47 19.64 5.55 44.40
N HIS H 48 20.60 5.70 45.33
CA HIS H 48 20.35 5.29 46.70
C HIS H 48 20.01 6.48 47.61
N GLY H 49 18.87 7.12 47.32
CA GLY H 49 18.28 8.14 48.18
C GLY H 49 16.83 7.78 48.47
N ASP H 50 16.21 8.46 49.43
CA ASP H 50 14.85 8.14 49.82
C ASP H 50 13.92 9.32 49.66
N ALA H 51 13.04 9.27 48.66
CA ALA H 51 12.11 10.37 48.39
C ALA H 51 10.73 10.11 48.98
N SER H 52 10.66 9.17 49.90
CA SER H 52 9.40 8.82 50.58
C SER H 52 8.71 10.08 51.14
N THR H 53 9.43 10.84 51.97
CA THR H 53 8.82 11.93 52.72
C THR H 53 8.43 13.06 51.79
N TYR H 54 9.25 13.33 50.78
CA TYR H 54 8.92 14.37 49.78
C TYR H 54 7.68 14.06 48.92
N ALA H 55 7.57 12.81 48.49
CA ALA H 55 6.38 12.31 47.82
C ALA H 55 5.11 12.84 48.51
N HIS H 56 5.07 12.74 49.84
CA HIS H 56 3.91 13.15 50.64
C HIS H 56 3.60 14.63 50.43
N TYR H 57 4.65 15.45 50.46
CA TYR H 57 4.47 16.88 50.30
C TYR H 57 4.09 17.18 48.88
N LEU H 58 4.68 16.45 47.94
CA LEU H 58 4.29 16.61 46.56
C LEU H 58 2.84 16.21 46.37
N PHE H 59 2.42 15.13 47.02
CA PHE H 59 1.06 14.68 46.84
C PHE H 59 0.07 15.73 47.27
N ASN H 60 0.02 16.12 48.55
CA ASN H 60 -1.02 17.08 48.91
C ASN H 60 -0.67 18.53 48.54
N ALA H 61 0.26 18.65 47.59
CA ALA H 61 0.42 19.89 46.87
C ALA H 61 -0.58 19.91 45.73
N PHE H 62 -0.89 18.72 45.24
CA PHE H 62 -2.07 18.53 44.40
C PHE H 62 -3.29 18.31 45.30
N ASP H 63 -4.04 17.23 45.03
CA ASP H 63 -5.37 17.03 45.59
C ASP H 63 -6.21 18.32 45.58
N THR H 64 -5.93 19.18 44.60
CA THR H 64 -6.59 20.49 44.50
C THR H 64 -8.10 20.29 44.23
N THR H 65 -8.41 19.22 43.47
CA THR H 65 -9.80 18.77 43.27
C THR H 65 -10.37 18.14 44.57
N GLN H 66 -9.47 17.61 45.41
CA GLN H 66 -9.81 16.93 46.67
C GLN H 66 -10.68 15.68 46.48
N THR H 67 -10.32 14.88 45.49
CA THR H 67 -11.06 13.67 45.11
C THR H 67 -10.28 12.41 45.54
N GLY H 68 -9.49 12.56 46.61
CA GLY H 68 -8.68 11.48 47.16
C GLY H 68 -7.40 11.18 46.40
N SER H 69 -7.45 11.25 45.09
CA SER H 69 -6.30 10.90 44.26
C SER H 69 -6.06 11.94 43.16
N VAL H 70 -4.87 11.91 42.54
CA VAL H 70 -4.54 12.84 41.45
C VAL H 70 -4.71 12.22 40.05
N LYS H 71 -5.61 12.83 39.27
CA LYS H 71 -5.87 12.42 37.91
C LYS H 71 -4.88 13.14 36.99
N PHE H 72 -4.69 12.56 35.81
CA PHE H 72 -3.81 13.10 34.77
C PHE H 72 -4.01 14.59 34.55
N GLU H 73 -5.26 15.05 34.45
CA GLU H 73 -5.55 16.46 34.12
C GLU H 73 -4.90 17.41 35.11
N ASP H 74 -4.91 17.02 36.39
CA ASP H 74 -4.19 17.75 37.45
C ASP H 74 -2.70 17.82 37.12
N PHE H 75 -2.13 16.65 36.87
CA PHE H 75 -0.74 16.50 36.46
C PHE H 75 -0.27 17.40 35.33
N VAL H 76 -1.07 17.54 34.27
CA VAL H 76 -0.69 18.39 33.13
C VAL H 76 -0.88 19.89 33.37
N THR H 77 -1.93 20.28 34.10
CA THR H 77 -2.04 21.68 34.50
C THR H 77 -0.83 22.07 35.29
N ALA H 78 -0.55 21.30 36.34
CA ALA H 78 0.66 21.46 37.15
C ALA H 78 1.89 21.69 36.26
N LEU H 79 2.07 20.82 35.28
CA LEU H 79 3.20 20.92 34.39
C LEU H 79 3.11 22.10 33.47
N SER H 80 1.90 22.38 32.99
CA SER H 80 1.69 23.51 32.11
C SER H 80 2.12 24.79 32.85
N ILE H 81 1.88 24.83 34.17
CA ILE H 81 2.21 25.98 35.00
C ILE H 81 3.71 26.00 35.14
N LEU H 82 4.28 24.90 35.61
CA LEU H 82 5.70 24.81 35.90
C LEU H 82 6.62 24.98 34.71
N LEU H 83 6.21 24.57 33.52
CA LEU H 83 7.08 24.72 32.34
C LEU H 83 6.77 25.92 31.43
N ARG H 84 5.56 26.47 31.52
CA ARG H 84 5.13 27.47 30.54
C ARG H 84 4.49 28.66 31.18
N GLY H 85 3.97 28.50 32.40
CA GLY H 85 3.22 29.56 33.08
C GLY H 85 4.00 30.85 33.32
N THR H 86 3.27 31.91 33.70
CA THR H 86 3.90 33.14 34.09
C THR H 86 4.74 32.89 35.34
N VAL H 87 5.77 33.72 35.53
CA VAL H 87 6.65 33.67 36.72
C VAL H 87 5.83 33.61 38.00
N HIS H 88 4.87 34.52 38.09
CA HIS H 88 3.91 34.58 39.16
C HIS H 88 3.31 33.21 39.42
N GLU H 89 2.83 32.58 38.35
CA GLU H 89 2.15 31.28 38.44
C GLU H 89 3.09 30.21 38.89
N LYS H 90 4.29 30.23 38.32
CA LYS H 90 5.32 29.24 38.63
C LYS H 90 5.71 29.39 40.11
N LEU H 91 5.83 30.66 40.55
CA LEU H 91 6.20 31.00 41.93
C LEU H 91 5.13 30.69 42.93
N ARG H 92 3.89 31.01 42.59
CA ARG H 92 2.77 30.70 43.48
C ARG H 92 2.68 29.20 43.64
N TRP H 93 2.99 28.49 42.55
CA TRP H 93 2.97 27.06 42.60
C TRP H 93 3.97 26.53 43.61
N THR H 94 5.18 27.11 43.64
CA THR H 94 6.20 26.66 44.56
C THR H 94 5.77 27.00 45.99
N PHE H 95 5.18 28.18 46.15
CA PHE H 95 4.75 28.63 47.45
C PHE H 95 3.75 27.67 48.06
N ASN H 96 2.79 27.20 47.28
CA ASN H 96 1.80 26.25 47.78
C ASN H 96 2.37 24.89 48.16
N LEU H 97 3.48 24.54 47.53
CA LEU H 97 4.19 23.34 47.86
C LEU H 97 4.84 23.52 49.23
N TYR H 98 5.45 24.69 49.46
CA TYR H 98 6.11 24.96 50.73
C TYR H 98 5.11 25.08 51.89
N ASP H 99 4.00 25.77 51.64
CA ASP H 99 2.96 25.92 52.62
C ASP H 99 2.23 24.61 52.83
N ILE H 100 2.86 23.75 53.67
CA ILE H 100 2.35 22.37 53.85
C ILE H 100 0.93 22.33 54.31
N ASN H 101 0.59 23.03 55.38
CA ASN H 101 -0.77 22.89 55.92
C ASN H 101 -1.85 23.78 55.20
N LYS H 102 -1.59 24.34 54.02
CA LYS H 102 -2.47 25.26 53.28
C LYS H 102 -3.11 26.36 54.14
N ASP H 103 -2.29 27.38 54.41
CA ASP H 103 -2.78 28.57 55.12
C ASP H 103 -2.12 29.85 54.63
N GLY H 104 -1.35 29.80 53.58
CA GLY H 104 -0.75 30.96 52.91
C GLY H 104 0.44 31.54 53.65
N TYR H 105 0.95 30.77 54.61
CA TYR H 105 2.05 31.20 55.48
C TYR H 105 3.11 30.11 55.53
N ILE H 106 4.37 30.46 55.26
CA ILE H 106 5.47 29.52 55.42
C ILE H 106 6.33 29.85 56.65
N ASN H 107 6.39 28.92 57.60
CA ASN H 107 7.18 29.14 58.82
C ASN H 107 8.37 28.20 58.95
N LYS H 108 9.39 28.62 59.70
CA LYS H 108 10.63 27.85 59.89
C LYS H 108 10.33 26.35 60.04
N GLU H 109 9.36 26.05 60.89
CA GLU H 109 8.84 24.70 61.10
C GLU H 109 8.69 23.86 59.84
N GLU H 110 8.00 24.39 58.84
CA GLU H 110 7.62 23.59 57.68
C GLU H 110 8.60 23.68 56.51
N MET H 111 9.42 24.72 56.51
CA MET H 111 10.47 24.88 55.52
C MET H 111 11.55 23.85 55.80
N MET H 112 11.82 23.61 57.08
CA MET H 112 12.73 22.54 57.53
C MET H 112 12.31 21.20 56.98
N ASP H 113 11.02 20.91 57.13
CA ASP H 113 10.43 19.71 56.57
C ASP H 113 10.78 19.52 55.12
N ILE H 114 10.56 20.56 54.30
CA ILE H 114 10.82 20.53 52.86
C ILE H 114 12.28 20.24 52.55
N VAL H 115 13.15 21.04 53.16
CA VAL H 115 14.57 20.90 52.90
C VAL H 115 15.08 19.52 53.34
N LYS H 116 14.73 19.09 54.55
CA LYS H 116 15.02 17.72 54.97
C LYS H 116 14.47 16.69 53.94
N ALA H 117 13.22 16.86 53.54
CA ALA H 117 12.54 15.94 52.65
C ALA H 117 13.22 15.82 51.29
N ILE H 118 13.80 16.93 50.82
CA ILE H 118 14.61 16.90 49.58
C ILE H 118 16.02 16.30 49.78
N TYR H 119 16.66 16.70 50.89
CA TYR H 119 17.95 16.15 51.27
C TYR H 119 17.86 14.65 51.34
N ASP H 120 16.75 14.15 51.89
CA ASP H 120 16.53 12.69 51.98
C ASP H 120 16.43 12.06 50.60
N MET H 121 15.71 12.74 49.72
CA MET H 121 15.53 12.24 48.36
C MET H 121 16.85 12.14 47.63
N MET H 122 17.59 13.24 47.75
CA MET H 122 18.76 13.54 46.97
C MET H 122 19.98 12.77 47.54
N GLY H 123 19.88 12.36 48.80
CA GLY H 123 20.92 11.56 49.46
C GLY H 123 21.91 12.35 50.34
N ALA H 124 21.83 13.67 50.32
CA ALA H 124 22.83 14.51 51.00
C ALA H 124 22.71 14.42 52.50
N TYR H 125 23.82 14.69 53.17
CA TYR H 125 23.84 14.55 54.60
C TYR H 125 23.16 15.69 55.25
N THR H 126 22.49 15.39 56.34
CA THR H 126 21.99 16.39 57.23
C THR H 126 23.02 16.73 58.31
N TYR H 127 24.31 16.65 57.98
CA TYR H 127 25.40 16.91 58.93
C TYR H 127 26.84 16.91 58.38
N PRO H 128 27.09 17.52 57.21
CA PRO H 128 28.37 17.33 56.48
C PRO H 128 29.66 17.76 57.17
N VAL H 129 30.79 17.34 56.60
CA VAL H 129 32.09 17.84 57.01
C VAL H 129 32.03 19.36 56.99
N LEU H 130 31.91 19.94 55.77
CA LEU H 130 31.77 21.40 55.59
C LEU H 130 30.43 21.92 56.13
N ALA H 131 30.49 22.65 57.26
CA ALA H 131 29.33 22.99 58.12
C ALA H 131 28.20 23.85 57.49
N GLU H 132 28.58 24.77 56.61
CA GLU H 132 27.63 25.65 55.95
C GLU H 132 26.44 24.91 55.34
N ASP H 133 26.54 23.58 55.28
CA ASP H 133 25.55 22.71 54.62
C ASP H 133 24.38 22.26 55.50
N THR H 134 24.43 22.58 56.81
CA THR H 134 23.34 22.24 57.73
C THR H 134 22.01 22.76 57.15
N PRO H 135 20.97 21.89 56.98
CA PRO H 135 19.73 22.46 56.42
C PRO H 135 18.98 23.32 57.42
N ARG H 136 19.31 23.22 58.72
CA ARG H 136 18.97 24.31 59.64
C ARG H 136 19.59 25.59 59.05
N GLN H 137 20.92 25.59 58.91
CA GLN H 137 21.69 26.70 58.32
C GLN H 137 21.32 26.93 56.85
N HIS H 138 20.19 26.36 56.42
CA HIS H 138 19.76 26.50 55.04
C HIS H 138 18.39 27.19 54.99
N VAL H 139 17.53 26.85 55.94
CA VAL H 139 16.26 27.55 56.18
C VAL H 139 16.57 28.99 56.63
N ASP H 140 17.61 29.09 57.45
CA ASP H 140 18.04 30.37 57.98
C ASP H 140 18.44 31.32 56.88
N VAL H 141 19.23 30.86 55.92
CA VAL H 141 19.63 31.75 54.82
C VAL H 141 18.40 32.19 54.04
N PHE H 142 17.45 31.26 53.90
CA PHE H 142 16.18 31.48 53.19
C PHE H 142 15.37 32.58 53.84
N PHE H 143 15.06 32.41 55.12
CA PHE H 143 14.29 33.39 55.86
C PHE H 143 14.98 34.75 56.00
N GLN H 144 16.27 34.76 56.34
CA GLN H 144 17.01 36.00 56.51
C GLN H 144 17.12 36.78 55.21
N LYS H 145 16.84 36.11 54.08
CA LYS H 145 16.85 36.77 52.76
C LYS H 145 15.52 36.65 52.00
N MET H 146 14.44 36.36 52.71
CA MET H 146 13.10 36.21 52.12
C MET H 146 12.05 36.92 52.97
N ASP H 147 12.07 36.67 54.28
CA ASP H 147 11.20 37.32 55.28
C ASP H 147 11.68 38.77 55.45
N LYS H 148 11.01 39.65 54.71
CA LYS H 148 11.34 41.05 54.67
C LYS H 148 11.33 41.73 56.05
N ASN H 149 10.21 41.78 56.78
CA ASN H 149 10.25 42.57 58.04
C ASN H 149 11.08 41.90 59.18
N LYS H 150 11.10 40.58 59.30
CA LYS H 150 11.83 39.78 60.30
C LYS H 150 10.87 39.32 61.41
N ASP H 151 9.63 39.03 61.03
CA ASP H 151 8.61 38.55 61.96
C ASP H 151 8.60 37.00 61.97
N GLY H 152 9.60 36.44 61.27
CA GLY H 152 9.77 34.98 61.24
C GLY H 152 8.70 34.22 60.48
N ILE H 153 7.92 34.95 59.68
CA ILE H 153 6.83 34.35 58.92
C ILE H 153 6.85 34.93 57.49
N VAL H 154 6.90 34.04 56.48
CA VAL H 154 7.00 34.47 55.08
C VAL H 154 5.67 34.27 54.32
N THR H 155 5.10 35.37 53.82
CA THR H 155 3.83 35.32 53.11
C THR H 155 4.06 35.31 51.62
N LEU H 156 2.98 35.08 50.87
CA LEU H 156 3.09 34.91 49.42
C LEU H 156 3.70 36.15 48.77
N ASP H 157 3.19 37.32 49.15
CA ASP H 157 3.69 38.58 48.63
C ASP H 157 5.14 38.83 49.02
N GLU H 158 5.50 38.42 50.22
CA GLU H 158 6.87 38.50 50.68
C GLU H 158 7.76 37.61 49.84
N PHE H 159 7.28 36.41 49.54
CA PHE H 159 7.98 35.42 48.73
C PHE H 159 8.04 35.81 47.25
N LEU H 160 6.94 36.35 46.72
CA LEU H 160 6.88 36.83 45.34
C LEU H 160 7.88 37.94 45.07
N GLU H 161 7.74 39.05 45.79
CA GLU H 161 8.59 40.22 45.62
C GLU H 161 10.06 39.93 45.90
N SER H 162 10.30 39.04 46.83
CA SER H 162 11.65 38.63 47.22
C SER H 162 12.42 37.90 46.12
N CYS H 163 11.70 37.09 45.33
CA CYS H 163 12.30 36.31 44.26
C CYS H 163 12.48 37.13 42.99
N GLN H 164 11.57 38.08 42.72
CA GLN H 164 11.71 39.00 41.58
C GLN H 164 12.99 39.83 41.72
N GLU H 165 13.37 40.13 42.95
CA GLU H 165 14.58 40.86 43.23
C GLU H 165 15.84 40.04 42.95
N ASP H 166 15.70 38.71 42.96
CA ASP H 166 16.83 37.80 42.81
C ASP H 166 17.20 37.49 41.35
N ASP H 167 18.21 38.19 40.83
CA ASP H 167 18.58 38.16 39.39
C ASP H 167 18.76 36.76 38.73
N ASN H 168 18.99 35.73 39.56
CA ASN H 168 19.22 34.36 39.09
C ASN H 168 18.06 33.42 39.39
N ILE H 169 17.47 33.56 40.58
CA ILE H 169 16.21 32.89 40.90
C ILE H 169 15.08 33.56 40.11
N MET H 170 15.43 34.11 38.94
CA MET H 170 14.49 34.62 37.94
C MET H 170 14.84 34.08 36.58
N ARG H 171 16.13 34.08 36.27
CA ARG H 171 16.60 33.39 35.07
C ARG H 171 16.42 31.87 35.29
N SER H 172 16.76 31.39 36.49
CA SER H 172 16.34 30.05 36.90
C SER H 172 14.87 29.81 36.51
N LEU H 173 14.09 30.90 36.48
CA LEU H 173 12.61 30.86 36.37
C LEU H 173 12.00 31.27 35.03
N GLN H 174 12.62 30.94 33.91
CA GLN H 174 12.08 31.33 32.59
C GLN H 174 12.56 30.47 31.37
N LEU H 175 13.85 30.52 31.04
CA LEU H 175 14.36 29.84 29.84
C LEU H 175 13.95 28.34 29.76
N ALA I 4 -0.17 33.02 4.83
CA ALA I 4 0.00 31.73 5.59
C ALA I 4 1.05 31.81 6.70
N GLY I 5 2.28 32.15 6.32
CA GLY I 5 3.41 32.28 7.24
C GLY I 5 3.71 33.73 7.54
N VAL I 6 2.76 34.61 7.24
CA VAL I 6 2.87 36.02 7.57
C VAL I 6 2.59 36.20 9.05
N ALA I 7 1.87 35.26 9.65
CA ALA I 7 1.60 35.28 11.08
C ALA I 7 2.89 35.37 11.89
N ALA I 8 3.95 34.75 11.37
CA ALA I 8 5.25 34.72 12.01
C ALA I 8 6.03 36.03 11.94
N TRP I 9 5.48 37.04 11.27
CA TRP I 9 6.10 38.38 11.19
C TRP I 9 5.42 39.35 12.17
N LEU I 10 4.19 39.00 12.56
CA LEU I 10 3.36 39.84 13.44
C LEU I 10 4.07 40.25 14.75
N PRO I 11 4.77 39.30 15.41
CA PRO I 11 5.39 39.67 16.69
C PRO I 11 6.40 40.80 16.62
N PHE I 12 6.97 41.07 15.44
CA PHE I 12 7.86 42.25 15.25
C PHE I 12 7.07 43.54 15.30
N ALA I 13 5.80 43.46 14.91
CA ALA I 13 4.88 44.58 15.12
C ALA I 13 4.47 44.62 16.58
N ARG I 14 3.93 43.52 17.11
CA ARG I 14 3.49 43.50 18.49
C ARG I 14 4.58 44.05 19.46
N ALA I 15 5.85 43.83 19.12
CA ALA I 15 6.99 44.29 19.94
C ALA I 15 7.03 45.80 20.13
N ALA I 16 6.64 46.54 19.09
CA ALA I 16 6.71 48.00 19.09
C ALA I 16 5.56 48.68 19.85
N ALA I 17 4.59 47.89 20.30
CA ALA I 17 3.50 48.40 21.12
C ALA I 17 3.91 48.57 22.57
N ILE I 18 4.49 47.52 23.13
CA ILE I 18 4.74 47.38 24.57
C ILE I 18 5.35 48.66 25.16
N GLY I 19 4.59 49.32 26.03
CA GLY I 19 4.95 50.62 26.64
C GLY I 19 3.80 51.62 26.57
N TRP I 20 2.77 51.27 25.81
CA TRP I 20 1.58 52.10 25.57
C TRP I 20 0.45 51.22 25.02
N MET I 21 -0.37 51.79 24.12
CA MET I 21 -1.42 51.07 23.40
C MET I 21 -2.64 50.73 24.26
N PRO I 22 -3.70 51.55 24.17
CA PRO I 22 -4.95 51.25 24.86
C PRO I 22 -5.35 49.77 24.72
N VAL I 23 -4.65 48.93 25.49
CA VAL I 23 -5.10 47.58 25.77
C VAL I 23 -6.36 47.76 26.59
N ALA I 24 -6.49 48.95 27.19
CA ALA I 24 -7.73 49.45 27.76
C ALA I 24 -8.80 49.62 26.68
N ASN I 25 -8.44 49.26 25.45
CA ASN I 25 -9.36 49.16 24.31
C ASN I 25 -9.01 47.94 23.46
N CYS I 26 -7.84 47.36 23.76
CA CYS I 26 -7.24 46.25 23.00
C CYS I 26 -6.93 46.69 21.57
N PRO I 27 -5.67 47.09 21.29
CA PRO I 27 -5.33 47.57 19.95
C PRO I 27 -5.59 46.50 18.89
N MET I 28 -5.58 45.24 19.34
CA MET I 28 -5.47 44.07 18.46
C MET I 28 -4.27 44.29 17.53
N PRO I 29 -3.02 44.25 18.10
CA PRO I 29 -1.78 44.75 17.45
C PRO I 29 -1.51 44.26 16.00
N LEU I 30 -2.60 43.62 15.41
CA LEU I 30 -2.64 43.31 13.98
C LEU I 30 -4.09 42.96 13.55
N ASN I 36 -3.74 28.54 22.15
CA ASN I 36 -4.79 29.41 21.64
C ASN I 36 -4.81 29.48 20.10
N LYS I 37 -4.29 28.44 19.42
CA LYS I 37 -4.33 28.30 17.93
C LYS I 37 -5.02 27.01 17.41
N ARG I 38 -4.27 26.12 16.75
CA ARG I 38 -4.67 24.74 16.32
C ARG I 38 -3.60 24.16 15.37
N GLN I 39 -3.26 22.87 15.51
CA GLN I 39 -2.22 22.19 14.67
C GLN I 39 -2.28 22.50 13.15
N ASP I 40 -1.27 22.09 12.40
CA ASP I 40 -1.39 22.08 10.94
C ASP I 40 -1.24 20.66 10.40
N GLU I 41 -2.04 20.33 9.39
CA GLU I 41 -1.97 19.03 8.67
C GLU I 41 -1.78 19.33 7.19
N LEU I 42 -1.21 18.38 6.46
CA LEU I 42 -1.37 18.38 5.02
C LEU I 42 -2.68 17.65 4.77
N ILE I 43 -3.46 18.21 3.85
CA ILE I 43 -4.69 17.54 3.44
C ILE I 43 -4.51 16.99 2.03
N VAL I 44 -5.30 15.97 1.68
CA VAL I 44 -5.02 15.19 0.49
C VAL I 44 -6.19 15.36 -0.43
N LEU I 45 -5.94 15.98 -1.57
CA LEU I 45 -7.01 16.21 -2.51
C LEU I 45 -6.86 15.24 -3.66
N ASN I 46 -7.69 14.19 -3.65
CA ASN I 46 -7.75 13.21 -4.71
C ASN I 46 -8.51 13.77 -5.94
N VAL I 47 -7.84 14.00 -7.05
CA VAL I 47 -8.58 14.54 -8.18
C VAL I 47 -8.56 13.65 -9.42
N SER I 48 -9.59 12.80 -9.52
CA SER I 48 -9.76 11.82 -10.60
C SER I 48 -8.68 10.76 -10.59
N GLY I 49 -7.94 10.71 -9.48
CA GLY I 49 -6.78 9.88 -9.40
C GLY I 49 -5.60 10.60 -8.83
N ARG I 50 -5.11 11.64 -9.52
CA ARG I 50 -3.95 12.40 -9.05
C ARG I 50 -4.19 12.82 -7.62
N ARG I 51 -3.35 12.34 -6.69
CA ARG I 51 -3.46 12.70 -5.26
C ARG I 51 -2.67 13.94 -4.90
N PHE I 52 -3.33 15.09 -4.93
CA PHE I 52 -2.70 16.37 -4.60
C PHE I 52 -2.55 16.51 -3.10
N GLN I 53 -1.49 17.16 -2.66
CA GLN I 53 -1.28 17.41 -1.25
C GLN I 53 -0.91 18.87 -0.97
N THR I 54 -1.50 19.41 0.09
CA THR I 54 -1.25 20.79 0.45
C THR I 54 -1.52 20.99 1.93
N TRP I 55 -0.89 22.02 2.50
CA TRP I 55 -1.08 22.41 3.89
C TRP I 55 -2.46 22.99 4.13
N ARG I 56 -3.09 22.62 5.24
CA ARG I 56 -4.48 22.99 5.47
C ARG I 56 -4.63 24.48 5.36
N THR I 57 -3.71 25.18 6.01
CA THR I 57 -3.63 26.62 5.98
C THR I 57 -3.63 27.14 4.54
N THR I 58 -2.95 26.46 3.64
CA THR I 58 -2.89 26.92 2.25
C THR I 58 -4.28 27.10 1.71
N LEU I 59 -5.20 26.24 2.10
CA LEU I 59 -6.53 26.32 1.57
C LEU I 59 -7.32 27.38 2.27
N GLU I 60 -7.14 27.46 3.60
CA GLU I 60 -7.84 28.42 4.47
C GLU I 60 -7.65 29.88 4.04
N ARG I 61 -6.65 30.11 3.19
CA ARG I 61 -6.23 31.43 2.72
C ARG I 61 -7.33 32.19 2.01
N TYR I 62 -8.16 31.52 1.25
CA TYR I 62 -9.29 32.19 0.65
C TYR I 62 -10.50 31.45 1.09
N PRO I 63 -11.00 31.74 2.31
CA PRO I 63 -12.21 31.01 2.67
C PRO I 63 -13.30 31.55 1.77
N ASP I 64 -14.48 30.94 1.81
CA ASP I 64 -15.59 31.30 0.92
C ASP I 64 -15.33 30.99 -0.57
N THR I 65 -14.35 30.12 -0.81
CA THR I 65 -14.21 29.44 -2.09
C THR I 65 -14.17 27.95 -1.74
N LEU I 66 -14.87 27.15 -2.55
CA LEU I 66 -15.02 25.70 -2.30
C LEU I 66 -14.04 25.05 -1.33
N LEU I 67 -12.76 25.02 -1.69
CA LEU I 67 -11.79 24.34 -0.83
C LEU I 67 -11.51 25.17 0.41
N GLY I 68 -11.37 26.48 0.21
CA GLY I 68 -11.10 27.42 1.30
C GLY I 68 -12.22 27.43 2.32
N SER I 69 -13.41 27.00 1.90
CA SER I 69 -14.57 27.05 2.76
C SER I 69 -14.92 25.69 3.39
N THR I 70 -16.17 25.64 3.88
CA THR I 70 -16.79 24.47 4.48
C THR I 70 -17.38 23.53 3.43
N GLU I 71 -17.70 24.10 2.27
CA GLU I 71 -18.29 23.38 1.16
C GLU I 71 -17.61 22.04 0.93
N LYS I 72 -16.27 22.05 0.87
CA LYS I 72 -15.53 20.84 0.56
C LYS I 72 -15.87 19.66 1.45
N GLU I 73 -16.47 19.90 2.60
CA GLU I 73 -16.85 18.78 3.44
C GLU I 73 -17.76 17.78 2.70
N PHE I 74 -18.55 18.28 1.74
CA PHE I 74 -19.42 17.45 0.89
C PHE I 74 -18.67 16.53 -0.05
N PHE I 75 -17.34 16.67 -0.12
CA PHE I 75 -16.54 15.89 -1.05
C PHE I 75 -15.57 15.02 -0.30
N PHE I 76 -15.72 14.97 1.02
CA PHE I 76 -14.81 14.19 1.81
C PHE I 76 -15.27 12.78 1.80
N ASN I 77 -14.36 11.84 1.63
CA ASN I 77 -14.71 10.43 1.74
C ASN I 77 -14.26 9.86 3.09
N GLU I 78 -15.23 9.40 3.87
CA GLU I 78 -14.99 8.83 5.19
C GLU I 78 -13.95 7.69 5.20
N ASP I 79 -14.10 6.76 4.25
CA ASP I 79 -13.25 5.57 4.08
C ASP I 79 -11.89 5.96 3.53
N THR I 80 -11.83 6.34 2.26
CA THR I 80 -10.57 6.74 1.65
C THR I 80 -9.87 7.82 2.44
N LYS I 81 -10.60 8.45 3.36
CA LYS I 81 -10.09 9.48 4.27
C LYS I 81 -9.46 10.68 3.52
N GLU I 82 -10.07 11.04 2.38
CA GLU I 82 -9.59 12.13 1.52
C GLU I 82 -10.73 12.82 0.76
N TYR I 83 -10.46 14.06 0.39
CA TYR I 83 -11.36 14.79 -0.45
C TYR I 83 -11.13 14.23 -1.85
N PHE I 84 -12.22 13.87 -2.54
CA PHE I 84 -12.16 13.39 -3.91
C PHE I 84 -12.98 14.27 -4.82
N PHE I 85 -12.43 14.65 -5.96
CA PHE I 85 -13.17 15.42 -6.94
C PHE I 85 -13.12 14.73 -8.30
N ASP I 86 -14.26 14.45 -8.92
CA ASP I 86 -14.26 13.81 -10.21
C ASP I 86 -14.11 14.88 -11.26
N ARG I 87 -13.28 15.89 -11.00
CA ARG I 87 -12.98 16.90 -12.02
C ARG I 87 -11.65 16.60 -12.70
N ASP I 88 -11.31 17.45 -13.67
CA ASP I 88 -10.09 17.36 -14.44
C ASP I 88 -8.94 17.67 -13.54
N PRO I 89 -7.92 16.80 -13.55
CA PRO I 89 -6.86 16.96 -12.59
C PRO I 89 -5.95 18.09 -13.01
N GLU I 90 -5.84 18.32 -14.31
CA GLU I 90 -4.96 19.35 -14.81
C GLU I 90 -5.34 20.76 -14.37
N VAL I 91 -6.57 21.18 -14.64
CA VAL I 91 -6.94 22.55 -14.32
C VAL I 91 -6.73 22.80 -12.84
N PHE I 92 -7.09 21.78 -12.05
CA PHE I 92 -6.94 21.81 -10.61
C PHE I 92 -5.55 22.24 -10.15
N ARG I 93 -4.51 21.99 -10.95
CA ARG I 93 -3.18 22.53 -10.67
C ARG I 93 -3.24 24.03 -10.48
N CYS I 94 -3.92 24.74 -11.37
CA CYS I 94 -3.95 26.19 -11.27
C CYS I 94 -4.72 26.61 -10.05
N VAL I 95 -5.89 26.03 -9.89
CA VAL I 95 -6.70 26.34 -8.74
C VAL I 95 -5.88 26.16 -7.48
N LEU I 96 -5.21 25.02 -7.33
CA LEU I 96 -4.40 24.84 -6.15
C LEU I 96 -3.32 25.90 -6.09
N ASN I 97 -2.59 26.08 -7.19
CA ASN I 97 -1.52 27.07 -7.25
C ASN I 97 -1.92 28.50 -6.99
N PHE I 98 -3.19 28.80 -7.18
CA PHE I 98 -3.73 30.10 -6.81
C PHE I 98 -3.77 30.27 -5.28
N TYR I 99 -4.02 29.17 -4.56
CA TYR I 99 -4.03 29.22 -3.10
C TYR I 99 -2.61 29.34 -2.62
N ARG I 100 -1.65 28.93 -3.45
CA ARG I 100 -0.25 28.91 -3.03
C ARG I 100 0.43 30.29 -3.15
N THR I 101 0.80 30.72 -4.38
CA THR I 101 1.08 32.14 -4.68
C THR I 101 -0.25 32.81 -4.79
N GLY I 102 -0.31 34.10 -4.52
CA GLY I 102 -1.56 34.84 -4.69
C GLY I 102 -2.19 34.73 -6.06
N LYS I 103 -1.36 34.52 -7.08
CA LYS I 103 -1.73 34.69 -8.49
C LYS I 103 -2.43 33.48 -9.11
N LEU I 104 -3.54 33.74 -9.79
CA LEU I 104 -4.21 32.72 -10.59
C LEU I 104 -3.74 32.91 -12.00
N HIS I 105 -3.13 31.86 -12.57
CA HIS I 105 -2.55 31.97 -13.90
C HIS I 105 -3.42 31.27 -14.93
N TYR I 106 -3.45 31.83 -16.14
CA TYR I 106 -4.07 31.18 -17.28
C TYR I 106 -3.06 30.35 -18.08
N PRO I 107 -3.17 29.01 -17.99
CA PRO I 107 -2.33 28.10 -18.77
C PRO I 107 -2.46 28.33 -20.30
N ARG I 108 -1.49 29.03 -20.90
CA ARG I 108 -1.61 29.48 -22.31
C ARG I 108 -1.75 28.35 -23.35
N TYR I 109 -2.30 27.22 -22.93
CA TYR I 109 -2.54 26.06 -23.81
C TYR I 109 -3.99 25.57 -23.70
N GLU I 110 -4.51 25.49 -22.49
CA GLU I 110 -5.86 24.98 -22.22
C GLU I 110 -6.91 25.83 -22.93
N CYS I 111 -8.05 25.22 -23.24
CA CYS I 111 -9.16 25.94 -23.80
C CYS I 111 -9.81 26.82 -22.73
N ILE I 112 -10.12 28.06 -23.12
CA ILE I 112 -10.82 29.02 -22.26
C ILE I 112 -12.00 28.36 -21.55
N SER I 113 -13.00 27.94 -22.34
CA SER I 113 -14.21 27.33 -21.84
C SER I 113 -13.86 26.23 -20.86
N ALA I 114 -12.94 25.36 -21.25
CA ALA I 114 -12.55 24.23 -20.42
C ALA I 114 -12.24 24.63 -18.99
N TYR I 115 -11.65 25.81 -18.86
CA TYR I 115 -11.07 26.25 -17.59
C TYR I 115 -11.91 27.30 -16.86
N ASP I 116 -12.81 27.99 -17.56
CA ASP I 116 -13.79 28.82 -16.88
C ASP I 116 -14.77 27.92 -16.14
N ASP I 117 -15.26 26.90 -16.83
CA ASP I 117 -16.15 25.87 -16.27
C ASP I 117 -15.63 25.47 -14.90
N GLU I 118 -14.36 25.10 -14.88
CA GLU I 118 -13.72 24.67 -13.68
C GLU I 118 -13.64 25.78 -12.63
N LEU I 119 -13.27 27.01 -13.03
CA LEU I 119 -13.19 28.09 -12.05
C LEU I 119 -14.53 28.32 -11.37
N ALA I 120 -15.60 28.14 -12.14
CA ALA I 120 -16.93 28.37 -11.64
C ALA I 120 -17.27 27.35 -10.58
N PHE I 121 -16.84 26.12 -10.79
CA PHE I 121 -17.04 25.03 -9.81
C PHE I 121 -16.37 25.31 -8.47
N TYR I 122 -15.07 25.61 -8.50
CA TYR I 122 -14.28 25.81 -7.28
C TYR I 122 -14.50 27.14 -6.57
N GLY I 123 -15.34 28.02 -7.14
CA GLY I 123 -15.73 29.26 -6.47
C GLY I 123 -14.80 30.43 -6.69
N ILE I 124 -13.96 30.33 -7.73
CA ILE I 124 -12.99 31.37 -8.07
C ILE I 124 -13.49 32.25 -9.21
N LEU I 125 -13.42 33.56 -8.99
CA LEU I 125 -13.96 34.52 -9.96
C LEU I 125 -13.07 34.71 -11.18
N PRO I 126 -13.67 34.64 -12.38
CA PRO I 126 -13.08 34.76 -13.72
C PRO I 126 -11.81 35.60 -13.77
N GLU I 127 -11.91 36.87 -13.40
CA GLU I 127 -10.73 37.71 -13.42
C GLU I 127 -10.21 38.23 -12.08
N ILE I 128 -9.86 37.30 -11.20
CA ILE I 128 -8.85 37.54 -10.15
C ILE I 128 -7.49 37.19 -10.79
N ILE I 129 -7.49 36.99 -12.11
CA ILE I 129 -6.29 36.67 -12.88
C ILE I 129 -5.32 37.83 -12.82
N GLY I 130 -4.06 37.52 -12.53
CA GLY I 130 -3.02 38.55 -12.48
C GLY I 130 -2.81 39.24 -13.80
N ASP I 131 -2.00 40.29 -13.80
CA ASP I 131 -1.74 41.10 -15.00
C ASP I 131 -1.02 40.34 -16.11
N CYS I 132 -0.25 39.33 -15.71
CA CYS I 132 0.53 38.50 -16.63
C CYS I 132 -0.36 37.71 -17.59
N CYS I 133 -1.50 37.26 -17.09
CA CYS I 133 -2.31 36.30 -17.83
C CYS I 133 -3.64 36.84 -18.31
N TYR I 134 -4.21 37.84 -17.60
CA TYR I 134 -5.48 38.49 -17.99
C TYR I 134 -5.32 39.21 -19.32
N GLU I 135 -4.07 39.30 -19.75
CA GLU I 135 -3.71 39.73 -21.08
C GLU I 135 -4.09 38.67 -22.12
N GLU I 136 -3.60 37.45 -21.89
CA GLU I 136 -3.87 36.32 -22.77
C GLU I 136 -5.27 35.75 -22.60
N TYR I 137 -5.85 35.95 -21.42
CA TYR I 137 -7.23 35.56 -21.14
C TYR I 137 -8.18 36.41 -21.99
N LYS I 138 -7.78 37.65 -22.24
CA LYS I 138 -8.51 38.53 -23.13
C LYS I 138 -8.40 38.03 -24.57
N ASP I 139 -7.19 38.03 -25.11
CA ASP I 139 -6.94 37.79 -26.55
C ASP I 139 -7.39 36.43 -27.15
N ARG I 140 -7.88 35.53 -26.30
CA ARG I 140 -8.54 34.31 -26.80
C ARG I 140 -9.80 33.92 -26.02
N LYS I 141 -10.58 34.91 -25.58
CA LYS I 141 -11.92 34.67 -25.05
C LYS I 141 -12.95 35.56 -25.75
N ALA J 4 28.14 12.98 -11.77
CA ALA J 4 27.67 11.81 -10.97
C ALA J 4 28.48 10.52 -11.24
N GLY J 5 28.45 10.06 -12.50
CA GLY J 5 29.17 8.87 -12.92
C GLY J 5 30.46 9.19 -13.68
N VAL J 6 30.90 10.44 -13.55
CA VAL J 6 32.17 10.87 -14.11
C VAL J 6 33.32 10.35 -13.27
N ALA J 7 33.04 10.08 -11.99
CA ALA J 7 34.01 9.50 -11.08
C ALA J 7 34.61 8.23 -11.65
N ALA J 8 33.79 7.50 -12.42
CA ALA J 8 34.21 6.25 -13.03
C ALA J 8 35.11 6.41 -14.27
N TRP J 9 35.41 7.65 -14.66
CA TRP J 9 36.36 7.92 -15.76
C TRP J 9 37.73 8.34 -15.25
N LEU J 10 37.80 8.77 -14.00
CA LEU J 10 39.01 9.30 -13.37
C LEU J 10 40.17 8.30 -13.26
N PRO J 11 39.89 7.00 -13.10
CA PRO J 11 41.00 6.05 -13.11
C PRO J 11 41.80 5.97 -14.41
N PHE J 12 41.19 6.33 -15.55
CA PHE J 12 41.91 6.40 -16.84
C PHE J 12 42.89 7.55 -16.82
N ALA J 13 42.58 8.58 -16.04
CA ALA J 13 43.54 9.64 -15.76
C ALA J 13 44.59 9.13 -14.76
N ARG J 14 44.15 8.69 -13.58
CA ARG J 14 45.07 8.21 -12.57
C ARG J 14 46.10 7.22 -13.15
N ALA J 15 45.70 6.45 -14.17
CA ALA J 15 46.58 5.46 -14.80
C ALA J 15 47.82 6.08 -15.42
N ALA J 16 47.64 7.26 -16.00
CA ALA J 16 48.72 7.92 -16.73
C ALA J 16 49.76 8.62 -15.83
N ALA J 17 49.50 8.66 -14.52
CA ALA J 17 50.45 9.21 -13.56
C ALA J 17 51.54 8.19 -13.23
N ILE J 18 51.13 6.95 -13.01
CA ILE J 18 51.97 5.85 -12.51
C ILE J 18 53.39 5.73 -13.10
N GLY J 19 54.39 6.33 -12.46
CA GLY J 19 55.77 6.35 -12.97
C GLY J 19 56.48 7.65 -12.64
N TRP J 20 55.71 8.59 -12.07
CA TRP J 20 56.18 9.92 -11.65
C TRP J 20 55.15 10.54 -10.71
N MET J 21 54.95 11.86 -10.84
CA MET J 21 53.98 12.61 -10.04
C MET J 21 54.39 12.79 -8.57
N ASN J 25 46.61 17.94 -8.70
CA ASN J 25 46.50 16.45 -8.88
C ASN J 25 45.33 15.88 -8.05
N CYS J 26 44.79 14.73 -8.51
CA CYS J 26 43.62 14.09 -7.89
C CYS J 26 43.50 12.58 -8.19
N PRO J 27 42.65 11.89 -7.42
CA PRO J 27 42.39 10.44 -7.56
C PRO J 27 41.58 10.07 -8.84
N ASP J 34 36.74 9.31 -1.33
CA ASP J 34 37.71 8.48 -0.51
C ASP J 34 37.30 8.49 0.97
N LYS J 35 36.82 9.67 1.44
CA LYS J 35 36.32 9.80 2.81
C LYS J 35 34.86 10.25 2.80
N ASN J 36 34.57 11.31 2.05
CA ASN J 36 33.21 11.85 1.97
C ASN J 36 32.32 11.05 1.00
N LYS J 37 32.89 9.92 0.51
CA LYS J 37 32.29 9.11 -0.57
C LYS J 37 31.07 8.24 -0.16
N ARG J 38 29.97 8.94 0.30
CA ARG J 38 28.79 8.22 0.80
C ARG J 38 28.09 7.44 -0.33
N GLN J 39 27.82 6.14 -0.10
CA GLN J 39 27.07 5.31 -1.04
C GLN J 39 25.77 6.01 -1.40
N ASP J 40 25.36 5.87 -2.66
CA ASP J 40 24.31 6.69 -3.25
C ASP J 40 22.90 6.20 -2.92
N GLU J 41 21.98 7.14 -2.71
CA GLU J 41 20.54 6.87 -2.51
C GLU J 41 19.71 7.60 -3.55
N LEU J 42 18.53 7.11 -3.85
CA LEU J 42 17.52 7.95 -4.50
C LEU J 42 16.83 8.73 -3.40
N ILE J 43 16.65 10.02 -3.62
CA ILE J 43 15.89 10.78 -2.66
C ILE J 43 14.56 11.07 -3.29
N VAL J 44 13.57 11.37 -2.47
CA VAL J 44 12.18 11.44 -2.89
C VAL J 44 11.71 12.84 -2.65
N LEU J 45 11.33 13.51 -3.69
CA LEU J 45 10.89 14.88 -3.55
C LEU J 45 9.39 14.96 -3.77
N ASN J 46 8.64 15.03 -2.67
CA ASN J 46 7.19 15.16 -2.71
C ASN J 46 6.77 16.57 -3.13
N VAL J 47 6.14 16.74 -4.28
CA VAL J 47 5.80 18.12 -4.65
C VAL J 47 4.31 18.29 -4.86
N SER J 48 3.66 18.78 -3.80
CA SER J 48 2.21 18.97 -3.74
C SER J 48 1.46 17.66 -3.94
N GLY J 49 2.18 16.54 -3.87
CA GLY J 49 1.57 15.32 -4.20
C GLY J 49 2.46 14.51 -5.08
N ARG J 50 2.84 15.04 -6.25
CA ARG J 50 3.67 14.27 -7.22
C ARG J 50 4.96 13.88 -6.52
N ARG J 51 5.22 12.58 -6.41
CA ARG J 51 6.40 12.11 -5.74
C ARG J 51 7.55 11.96 -6.74
N PHE J 52 8.37 13.02 -6.86
CA PHE J 52 9.59 12.97 -7.67
C PHE J 52 10.69 12.12 -7.05
N GLN J 53 11.45 11.42 -7.88
CA GLN J 53 12.62 10.66 -7.42
C GLN J 53 13.84 10.94 -8.26
N THR J 54 14.96 11.09 -7.57
CA THR J 54 16.24 11.36 -8.24
C THR J 54 17.40 10.89 -7.34
N TRP J 55 18.54 10.64 -7.97
CA TRP J 55 19.75 10.22 -7.30
C TRP J 55 20.36 11.38 -6.55
N ARG J 56 20.77 11.12 -5.31
CA ARG J 56 21.27 12.18 -4.44
C ARG J 56 22.29 13.05 -5.16
N THR J 57 23.28 12.36 -5.75
CA THR J 57 24.30 12.99 -6.55
C THR J 57 23.75 13.96 -7.57
N THR J 58 22.62 13.61 -8.20
CA THR J 58 22.01 14.47 -9.20
C THR J 58 21.73 15.83 -8.61
N LEU J 59 21.35 15.87 -7.33
CA LEU J 59 21.07 17.15 -6.70
C LEU J 59 22.35 17.86 -6.30
N GLU J 60 23.31 17.09 -5.81
CA GLU J 60 24.59 17.61 -5.35
C GLU J 60 25.35 18.38 -6.42
N ARG J 61 24.95 18.18 -7.68
CA ARG J 61 25.59 18.75 -8.85
C ARG J 61 25.72 20.28 -8.83
N TYR J 62 24.70 20.97 -8.32
CA TYR J 62 24.78 22.40 -8.20
C TYR J 62 24.55 22.68 -6.76
N PRO J 63 25.59 22.55 -5.92
CA PRO J 63 25.33 22.93 -4.55
C PRO J 63 25.10 24.43 -4.55
N ASP J 64 24.70 24.98 -3.41
CA ASP J 64 24.33 26.40 -3.27
C ASP J 64 23.08 26.82 -4.08
N THR J 65 22.28 25.84 -4.49
CA THR J 65 20.91 26.09 -4.89
C THR J 65 20.07 25.19 -4.02
N LEU J 66 18.95 25.73 -3.53
CA LEU J 66 18.03 25.03 -2.60
C LEU J 66 18.19 23.50 -2.48
N LEU J 67 17.93 22.77 -3.56
CA LEU J 67 18.02 21.32 -3.46
C LEU J 67 19.45 20.84 -3.42
N GLY J 68 20.29 21.46 -4.25
CA GLY J 68 21.71 21.12 -4.25
C GLY J 68 22.41 21.37 -2.93
N SER J 69 21.84 22.26 -2.12
CA SER J 69 22.48 22.71 -0.90
C SER J 69 21.94 22.05 0.36
N THR J 70 22.25 22.69 1.49
CA THR J 70 21.80 22.28 2.81
C THR J 70 20.39 22.78 3.09
N GLU J 71 19.98 23.85 2.40
CA GLU J 71 18.70 24.52 2.62
C GLU J 71 17.52 23.56 2.64
N LYS J 72 17.52 22.60 1.72
CA LYS J 72 16.41 21.67 1.64
C LYS J 72 16.15 20.91 2.95
N GLU J 73 17.11 20.88 3.87
CA GLU J 73 16.86 20.20 5.12
C GLU J 73 15.65 20.78 5.86
N PHE J 74 15.33 22.06 5.60
CA PHE J 74 14.16 22.75 6.16
C PHE J 74 12.82 22.25 5.60
N PHE J 75 12.89 21.39 4.60
CA PHE J 75 11.70 20.87 3.93
C PHE J 75 11.57 19.37 4.08
N PHE J 76 12.42 18.80 4.93
CA PHE J 76 12.40 17.37 5.11
C PHE J 76 11.38 17.03 6.15
N ASN J 77 10.60 15.99 5.88
CA ASN J 77 9.64 15.55 6.86
C ASN J 77 10.13 14.28 7.51
N GLU J 78 10.31 14.36 8.84
CA GLU J 78 10.78 13.25 9.68
C GLU J 78 9.95 11.97 9.53
N ASP J 79 8.63 12.16 9.58
CA ASP J 79 7.62 11.10 9.48
C ASP J 79 7.54 10.55 8.06
N THR J 80 6.95 11.35 7.16
CA THR J 80 6.80 10.93 5.76
C THR J 80 8.14 10.55 5.16
N LYS J 81 9.24 10.91 5.84
CA LYS J 81 10.60 10.51 5.45
C LYS J 81 10.99 11.02 4.05
N GLU J 82 10.52 12.21 3.70
CA GLU J 82 10.70 12.80 2.36
C GLU J 82 10.69 14.33 2.40
N TYR J 83 11.36 14.93 1.44
CA TYR J 83 11.28 16.36 1.25
C TYR J 83 9.93 16.67 0.63
N PHE J 84 9.21 17.62 1.23
CA PHE J 84 7.91 18.06 0.71
C PHE J 84 7.93 19.52 0.39
N PHE J 85 7.54 19.87 -0.83
CA PHE J 85 7.37 21.26 -1.22
C PHE J 85 5.92 21.59 -1.65
N ASP J 86 5.32 22.62 -1.07
CA ASP J 86 3.97 22.99 -1.42
C ASP J 86 4.03 23.93 -2.62
N ARG J 87 4.91 23.64 -3.55
CA ARG J 87 4.95 24.41 -4.77
C ARG J 87 4.25 23.65 -5.91
N ASP J 88 4.18 24.31 -7.06
CA ASP J 88 3.65 23.74 -8.28
C ASP J 88 4.49 22.57 -8.74
N PRO J 89 3.84 21.44 -9.04
CA PRO J 89 4.61 20.26 -9.35
C PRO J 89 5.12 20.33 -10.75
N GLU J 90 4.41 21.05 -11.62
CA GLU J 90 4.82 21.15 -13.00
C GLU J 90 6.15 21.85 -13.23
N VAL J 91 6.29 23.07 -12.72
CA VAL J 91 7.52 23.82 -12.97
C VAL J 91 8.72 23.04 -12.43
N PHE J 92 8.51 22.46 -11.25
CA PHE J 92 9.50 21.61 -10.63
C PHE J 92 10.13 20.56 -11.58
N ARG J 93 9.40 20.11 -12.59
CA ARG J 93 9.97 19.25 -13.61
C ARG J 93 11.18 19.88 -14.23
N CYS J 94 11.09 21.15 -14.59
CA CYS J 94 12.22 21.78 -15.24
C CYS J 94 13.36 21.96 -14.26
N VAL J 95 13.06 22.49 -13.09
CA VAL J 95 14.07 22.62 -12.07
C VAL J 95 14.79 21.29 -11.89
N LEU J 96 14.08 20.18 -11.71
CA LEU J 96 14.77 18.88 -11.57
C LEU J 96 15.57 18.55 -12.79
N ASN J 97 14.94 18.65 -13.95
CA ASN J 97 15.60 18.40 -15.21
C ASN J 97 16.83 19.23 -15.45
N PHE J 98 16.90 20.40 -14.81
CA PHE J 98 18.08 21.22 -14.90
C PHE J 98 19.26 20.55 -14.18
N TYR J 99 18.98 19.88 -13.07
CA TYR J 99 20.01 19.13 -12.38
C TYR J 99 20.43 17.92 -13.20
N ARG J 100 19.56 17.45 -14.10
CA ARG J 100 19.82 16.20 -14.83
C ARG J 100 20.72 16.39 -16.05
N THR J 101 20.19 16.96 -17.15
CA THR J 101 21.05 17.59 -18.19
C THR J 101 21.46 18.95 -17.69
N GLY J 102 22.60 19.45 -18.13
CA GLY J 102 23.07 20.75 -17.70
C GLY J 102 22.07 21.86 -17.96
N LYS J 103 21.17 21.65 -18.90
CA LYS J 103 20.37 22.73 -19.45
C LYS J 103 19.08 23.02 -18.68
N LEU J 104 18.79 24.30 -18.44
CA LEU J 104 17.50 24.71 -17.92
C LEU J 104 16.66 25.20 -19.08
N HIS J 105 15.52 24.55 -19.27
CA HIS J 105 14.67 24.86 -20.41
C HIS J 105 13.47 25.68 -20.01
N TYR J 106 13.05 26.56 -20.92
CA TYR J 106 11.80 27.31 -20.76
C TYR J 106 10.66 26.60 -21.47
N PRO J 107 9.74 26.02 -20.68
CA PRO J 107 8.53 25.39 -21.23
C PRO J 107 7.68 26.39 -22.06
N ARG J 108 7.75 26.31 -23.38
CA ARG J 108 7.13 27.33 -24.27
C ARG J 108 5.58 27.42 -24.18
N TYR J 109 5.04 27.07 -23.01
CA TYR J 109 3.61 27.12 -22.75
C TYR J 109 3.31 27.88 -21.44
N GLU J 110 4.11 27.62 -20.39
CA GLU J 110 3.92 28.22 -19.06
C GLU J 110 4.08 29.72 -19.10
N CYS J 111 3.45 30.41 -18.16
CA CYS J 111 3.56 31.87 -18.07
C CYS J 111 4.92 32.26 -17.49
N ILE J 112 5.55 33.25 -18.09
CA ILE J 112 6.86 33.76 -17.66
C ILE J 112 6.87 33.94 -16.15
N SER J 113 6.05 34.87 -15.67
CA SER J 113 5.95 35.17 -14.25
C SER J 113 5.78 33.91 -13.41
N ALA J 114 4.86 33.04 -13.83
CA ALA J 114 4.62 31.79 -13.11
C ALA J 114 5.90 31.05 -12.77
N TYR J 115 6.86 31.11 -13.69
CA TYR J 115 8.02 30.24 -13.65
C TYR J 115 9.29 30.96 -13.21
N ASP J 116 9.30 32.29 -13.26
CA ASP J 116 10.41 33.05 -12.67
C ASP J 116 10.29 32.93 -11.16
N ASP J 117 9.04 33.11 -10.68
CA ASP J 117 8.69 33.02 -9.27
C ASP J 117 9.33 31.77 -8.71
N GLU J 118 9.06 30.67 -9.41
CA GLU J 118 9.54 29.39 -8.99
C GLU J 118 11.07 29.30 -9.04
N LEU J 119 11.69 29.81 -10.10
CA LEU J 119 13.16 29.81 -10.20
C LEU J 119 13.78 30.56 -9.02
N ALA J 120 13.15 31.65 -8.63
CA ALA J 120 13.64 32.42 -7.52
C ALA J 120 13.62 31.61 -6.22
N PHE J 121 12.56 30.83 -6.04
CA PHE J 121 12.44 29.99 -4.87
C PHE J 121 13.57 28.96 -4.78
N TYR J 122 13.79 28.18 -5.86
CA TYR J 122 14.75 27.06 -5.82
C TYR J 122 16.20 27.50 -5.95
N GLY J 123 16.42 28.81 -6.10
CA GLY J 123 17.78 29.37 -6.09
C GLY J 123 18.51 29.29 -7.41
N ILE J 124 17.75 29.18 -8.49
CA ILE J 124 18.28 29.13 -9.87
C ILE J 124 18.15 30.47 -10.56
N LEU J 125 19.24 30.94 -11.13
CA LEU J 125 19.28 32.27 -11.71
C LEU J 125 18.58 32.33 -13.07
N PRO J 126 17.69 33.34 -13.25
CA PRO J 126 16.88 33.65 -14.43
C PRO J 126 17.47 33.16 -15.74
N GLU J 127 18.67 33.64 -16.10
CA GLU J 127 19.27 33.21 -17.35
C GLU J 127 20.57 32.38 -17.30
N ILE J 128 20.47 31.23 -16.61
CA ILE J 128 21.33 30.08 -16.87
C ILE J 128 20.62 29.24 -17.95
N ILE J 129 19.57 29.82 -18.54
CA ILE J 129 18.81 29.19 -19.61
C ILE J 129 19.70 29.00 -20.83
N GLY J 130 19.65 27.82 -21.41
CA GLY J 130 20.44 27.51 -22.60
C GLY J 130 20.05 28.36 -23.79
N ASP J 131 20.86 28.31 -24.85
CA ASP J 131 20.63 29.09 -26.06
C ASP J 131 19.31 28.77 -26.78
N CYS J 132 18.85 27.53 -26.62
CA CYS J 132 17.60 27.06 -27.22
C CYS J 132 16.37 27.83 -26.73
N CYS J 133 16.38 28.19 -25.45
CA CYS J 133 15.18 28.72 -24.79
C CYS J 133 15.27 30.20 -24.39
N TYR J 134 16.49 30.70 -24.13
CA TYR J 134 16.71 32.10 -23.77
C TYR J 134 16.32 33.00 -24.94
N GLU J 135 16.11 32.37 -26.09
CA GLU J 135 15.51 32.97 -27.26
C GLU J 135 14.04 33.27 -27.00
N GLU J 136 13.29 32.24 -26.60
CA GLU J 136 11.86 32.36 -26.34
C GLU J 136 11.57 33.04 -25.02
N TYR J 137 12.51 32.95 -24.09
CA TYR J 137 12.40 33.60 -22.80
C TYR J 137 12.44 35.12 -23.00
N LYS J 138 13.19 35.53 -24.03
CA LYS J 138 13.23 36.92 -24.40
C LYS J 138 11.89 37.32 -24.98
N ASP J 139 11.51 36.72 -26.10
CA ASP J 139 10.37 37.19 -26.92
C ASP J 139 8.98 37.18 -26.25
N ARG J 140 8.89 36.66 -25.03
CA ARG J 140 7.67 36.84 -24.25
C ARG J 140 7.90 37.18 -22.76
N LYS J 141 8.93 37.97 -22.49
CA LYS J 141 9.14 38.55 -21.16
C LYS J 141 9.31 40.07 -21.23
N ALA K 4 2.45 -7.40 -31.74
CA ALA K 4 2.20 -8.06 -30.41
C ALA K 4 1.08 -9.11 -30.48
N GLY K 5 -0.13 -8.66 -30.84
CA GLY K 5 -1.31 -9.54 -30.94
C GLY K 5 -1.64 -9.90 -32.37
N VAL K 6 -0.66 -9.67 -33.25
CA VAL K 6 -0.78 -10.10 -34.65
C VAL K 6 -0.59 -11.61 -34.76
N ALA K 7 0.12 -12.20 -33.80
CA ALA K 7 0.30 -13.64 -33.72
C ALA K 7 -1.03 -14.40 -33.78
N ALA K 8 -2.05 -13.79 -33.21
CA ALA K 8 -3.39 -14.37 -33.15
C ALA K 8 -4.15 -14.32 -34.49
N TRP K 9 -3.55 -13.71 -35.52
CA TRP K 9 -4.17 -13.67 -36.87
C TRP K 9 -3.54 -14.69 -37.81
N LEU K 10 -2.33 -15.14 -37.49
CA LEU K 10 -1.63 -16.12 -38.30
C LEU K 10 -2.40 -17.41 -38.57
N PRO K 11 -3.09 -17.97 -37.56
CA PRO K 11 -3.77 -19.25 -37.85
C PRO K 11 -4.80 -19.20 -38.99
N PHE K 12 -5.30 -18.01 -39.32
CA PHE K 12 -6.15 -17.81 -40.52
C PHE K 12 -5.33 -18.00 -41.77
N ALA K 13 -4.04 -17.67 -41.71
CA ALA K 13 -3.14 -17.98 -42.81
C ALA K 13 -2.81 -19.47 -42.78
N ARG K 14 -2.28 -19.96 -41.67
CA ARG K 14 -1.91 -21.37 -41.57
C ARG K 14 -3.04 -22.27 -42.09
N ALA K 15 -4.29 -21.83 -41.91
CA ALA K 15 -5.48 -22.61 -42.32
C ALA K 15 -5.52 -22.89 -43.81
N ALA K 16 -5.06 -21.91 -44.59
CA ALA K 16 -5.13 -21.98 -46.04
C ALA K 16 -4.02 -22.83 -46.69
N ALA K 17 -3.07 -23.31 -45.88
CA ALA K 17 -2.03 -24.23 -46.35
C ALA K 17 -2.52 -25.67 -46.46
N ILE K 18 -3.22 -26.12 -45.42
CA ILE K 18 -3.75 -27.48 -45.32
C ILE K 18 -4.17 -28.06 -46.65
N GLY K 19 -3.46 -29.11 -47.08
CA GLY K 19 -3.78 -29.77 -48.34
C GLY K 19 -2.65 -29.76 -49.33
N TRP K 20 -1.59 -29.01 -49.01
CA TRP K 20 -0.37 -28.92 -49.81
C TRP K 20 0.79 -28.39 -48.94
N MET K 21 1.69 -27.61 -49.54
CA MET K 21 2.76 -26.90 -48.82
C MET K 21 3.97 -27.75 -48.38
N PRO K 22 5.13 -27.60 -49.06
CA PRO K 22 6.38 -28.19 -48.54
C PRO K 22 6.88 -27.56 -47.21
N VAL K 23 7.90 -28.19 -46.64
CA VAL K 23 8.62 -27.62 -45.50
C VAL K 23 9.93 -27.03 -45.99
N ALA K 24 10.38 -27.49 -47.16
CA ALA K 24 11.55 -26.91 -47.85
C ALA K 24 11.19 -25.54 -48.45
N ASN K 25 9.96 -25.11 -48.16
CA ASN K 25 9.49 -23.75 -48.40
C ASN K 25 8.44 -23.40 -47.33
N CYS K 26 7.87 -22.19 -47.42
CA CYS K 26 6.75 -21.74 -46.58
C CYS K 26 7.06 -21.53 -45.09
N PRO K 27 7.90 -20.52 -44.77
CA PRO K 27 8.37 -20.27 -43.41
C PRO K 27 7.53 -19.31 -42.55
N MET K 28 6.30 -19.71 -42.25
CA MET K 28 5.45 -19.05 -41.24
C MET K 28 4.09 -19.76 -41.02
N PRO K 29 4.08 -21.12 -40.90
CA PRO K 29 2.89 -21.83 -40.41
C PRO K 29 2.91 -22.27 -38.91
N LEU K 30 3.54 -23.42 -38.61
CA LEU K 30 3.45 -24.10 -37.29
C LEU K 30 3.87 -23.27 -36.08
N ALA K 31 3.12 -23.43 -34.99
CA ALA K 31 3.40 -22.73 -33.73
C ALA K 31 4.47 -23.45 -32.91
N ARG K 38 8.64 -17.13 -22.28
CA ARG K 38 7.69 -16.84 -21.21
C ARG K 38 6.26 -16.68 -21.75
N GLN K 39 5.39 -16.12 -20.91
CA GLN K 39 4.10 -15.63 -21.34
C GLN K 39 4.20 -14.09 -21.21
N ASP K 40 3.10 -13.34 -21.03
CA ASP K 40 3.23 -11.89 -21.02
C ASP K 40 3.08 -11.29 -19.63
N GLU K 41 3.93 -10.30 -19.31
CA GLU K 41 3.89 -9.52 -18.05
C GLU K 41 3.74 -8.05 -18.35
N LEU K 42 3.19 -7.27 -17.42
CA LEU K 42 3.35 -5.82 -17.54
C LEU K 42 4.66 -5.57 -16.88
N ILE K 43 5.47 -4.67 -17.45
CA ILE K 43 6.71 -4.26 -16.79
C ILE K 43 6.56 -2.85 -16.32
N VAL K 44 7.34 -2.45 -15.34
CA VAL K 44 7.10 -1.22 -14.64
C VAL K 44 8.28 -0.31 -14.84
N LEU K 45 8.06 0.82 -15.47
CA LEU K 45 9.16 1.71 -15.75
C LEU K 45 9.05 2.92 -14.85
N ASN K 46 9.85 2.95 -13.81
CA ASN K 46 9.90 4.06 -12.87
C ASN K 46 10.65 5.23 -13.50
N VAL K 47 10.02 6.36 -13.75
CA VAL K 47 10.81 7.41 -14.36
C VAL K 47 10.82 8.67 -13.54
N SER K 48 11.87 8.80 -12.72
CA SER K 48 12.05 9.93 -11.80
C SER K 48 10.95 10.00 -10.78
N GLY K 49 10.19 8.92 -10.67
CA GLY K 49 9.04 8.92 -9.81
C GLY K 49 7.85 8.33 -10.51
N ARG K 50 7.44 8.92 -11.64
CA ARG K 50 6.23 8.47 -12.38
C ARG K 50 6.40 7.01 -12.74
N ARG K 51 5.54 6.16 -12.22
CA ARG K 51 5.65 4.74 -12.48
C ARG K 51 4.89 4.35 -13.71
N PHE K 52 5.55 4.34 -14.85
CA PHE K 52 4.94 3.89 -16.12
C PHE K 52 4.73 2.38 -16.17
N GLN K 53 3.63 1.94 -16.77
CA GLN K 53 3.41 0.52 -16.99
C GLN K 53 3.02 0.18 -18.42
N THR K 54 3.57 -0.92 -18.92
CA THR K 54 3.35 -1.38 -20.27
C THR K 54 3.57 -2.87 -20.36
N TRP K 55 2.97 -3.50 -21.35
CA TRP K 55 3.12 -4.90 -21.65
C TRP K 55 4.47 -5.16 -22.23
N ARG K 56 5.11 -6.25 -21.80
CA ARG K 56 6.50 -6.52 -22.17
C ARG K 56 6.65 -6.51 -23.69
N THR K 57 5.74 -7.22 -24.36
CA THR K 57 5.66 -7.24 -25.80
C THR K 57 5.70 -5.85 -26.41
N THR K 58 4.99 -4.89 -25.83
CA THR K 58 4.99 -3.52 -26.34
C THR K 58 6.40 -3.01 -26.53
N LEU K 59 7.29 -3.37 -25.62
CA LEU K 59 8.65 -2.87 -25.70
C LEU K 59 9.43 -3.65 -26.74
N GLU K 60 9.20 -4.97 -26.74
CA GLU K 60 9.88 -5.90 -27.64
C GLU K 60 9.70 -5.53 -29.10
N ARG K 61 8.72 -4.69 -29.38
CA ARG K 61 8.34 -4.29 -30.72
C ARG K 61 9.45 -3.64 -31.52
N TYR K 62 10.33 -2.88 -30.88
CA TYR K 62 11.48 -2.34 -31.57
C TYR K 62 12.66 -2.77 -30.78
N PRO K 63 13.13 -4.00 -31.01
CA PRO K 63 14.34 -4.35 -30.27
C PRO K 63 15.45 -3.50 -30.86
N ASP K 64 16.62 -3.53 -30.21
CA ASP K 64 17.76 -2.69 -30.60
C ASP K 64 17.54 -1.19 -30.35
N THR K 65 16.53 -0.89 -29.53
CA THR K 65 16.41 0.43 -28.91
C THR K 65 16.35 0.18 -27.41
N LEU K 66 17.06 1.01 -26.64
CA LEU K 66 17.22 0.84 -25.18
C LEU K 66 16.20 -0.05 -24.48
N LEU K 67 14.91 0.33 -24.51
CA LEU K 67 13.89 -0.46 -23.82
C LEU K 67 13.58 -1.73 -24.57
N GLY K 68 13.48 -1.63 -25.88
CA GLY K 68 13.22 -2.79 -26.74
C GLY K 68 14.31 -3.85 -26.67
N SER K 69 15.50 -3.44 -26.23
CA SER K 69 16.65 -4.31 -26.26
C SER K 69 17.00 -4.89 -24.89
N THR K 70 18.22 -5.42 -24.82
CA THR K 70 18.82 -5.96 -23.62
C THR K 70 19.36 -4.84 -22.72
N GLU K 71 19.73 -3.72 -23.35
CA GLU K 71 20.36 -2.58 -22.66
C GLU K 71 19.67 -2.21 -21.34
N LYS K 72 18.35 -2.13 -21.37
CA LYS K 72 17.60 -1.76 -20.18
C LYS K 72 17.90 -2.63 -18.95
N GLU K 73 18.52 -3.80 -19.14
CA GLU K 73 18.88 -4.59 -17.99
C GLU K 73 19.81 -3.84 -17.02
N PHE K 74 20.59 -2.89 -17.55
CA PHE K 74 21.47 -2.02 -16.75
C PHE K 74 20.74 -1.00 -15.89
N PHE K 75 19.41 -0.90 -16.05
CA PHE K 75 18.63 0.06 -15.31
C PHE K 75 17.65 -0.63 -14.40
N PHE K 76 17.73 -1.94 -14.29
CA PHE K 76 16.80 -2.68 -13.46
C PHE K 76 17.27 -2.67 -12.03
N ASN K 77 16.34 -2.47 -11.12
CA ASN K 77 16.65 -2.49 -9.71
C ASN K 77 16.17 -3.80 -9.10
N GLU K 78 17.12 -4.56 -8.60
CA GLU K 78 16.88 -5.85 -7.95
C GLU K 78 15.84 -5.78 -6.82
N ASP K 79 16.02 -4.80 -5.93
CA ASP K 79 15.14 -4.50 -4.79
C ASP K 79 13.78 -3.92 -5.24
N THR K 80 13.78 -2.67 -5.68
CA THR K 80 12.54 -2.04 -6.12
C THR K 80 11.83 -2.87 -7.18
N LYS K 81 12.53 -3.86 -7.73
CA LYS K 81 11.97 -4.80 -8.72
C LYS K 81 11.36 -4.08 -9.93
N GLU K 82 12.02 -3.02 -10.38
CA GLU K 82 11.56 -2.22 -11.51
C GLU K 82 12.68 -1.51 -12.23
N TYR K 83 12.45 -1.18 -13.48
CA TYR K 83 13.40 -0.36 -14.21
C TYR K 83 13.23 1.07 -13.75
N PHE K 84 14.35 1.73 -13.45
CA PHE K 84 14.35 3.13 -13.03
C PHE K 84 15.24 3.97 -13.93
N PHE K 85 14.71 5.08 -14.40
CA PHE K 85 15.46 6.04 -15.19
C PHE K 85 15.37 7.45 -14.55
N ASP K 86 16.52 8.07 -14.31
CA ASP K 86 16.56 9.38 -13.72
C ASP K 86 16.47 10.36 -14.87
N ARG K 87 15.61 10.07 -15.83
CA ARG K 87 15.34 11.04 -16.89
C ARG K 87 14.03 11.80 -16.62
N ASP K 88 13.74 12.76 -17.50
CA ASP K 88 12.52 13.53 -17.47
C ASP K 88 11.37 12.59 -17.73
N PRO K 89 10.31 12.68 -16.91
CA PRO K 89 9.22 11.74 -17.05
C PRO K 89 8.31 12.13 -18.20
N GLU K 90 8.20 13.42 -18.47
CA GLU K 90 7.38 13.89 -19.57
C GLU K 90 7.79 13.36 -20.94
N VAL K 91 9.01 13.61 -21.37
CA VAL K 91 9.38 13.20 -22.72
C VAL K 91 9.19 11.70 -22.88
N PHE K 92 9.52 10.96 -21.82
CA PHE K 92 9.31 9.52 -21.77
C PHE K 92 7.92 9.05 -22.21
N ARG K 93 6.89 9.87 -21.98
CA ARG K 93 5.54 9.60 -22.53
C ARG K 93 5.58 9.31 -24.03
N CYS K 94 6.28 10.15 -24.78
CA CYS K 94 6.34 10.00 -26.22
C CYS K 94 7.13 8.78 -26.58
N VAL K 95 8.31 8.65 -25.98
CA VAL K 95 9.09 7.47 -26.21
C VAL K 95 8.22 6.21 -25.95
N LEU K 96 7.54 6.13 -24.81
CA LEU K 96 6.68 4.96 -24.59
C LEU K 96 5.62 4.87 -25.68
N ASN K 97 4.89 5.97 -25.89
CA ASN K 97 3.85 5.99 -26.90
C ASN K 97 4.25 5.66 -28.31
N PHE K 98 5.55 5.79 -28.60
CA PHE K 98 6.09 5.37 -29.88
C PHE K 98 6.07 3.84 -29.97
N TYR K 99 6.34 3.17 -28.85
CA TYR K 99 6.28 1.71 -28.82
C TYR K 99 4.85 1.22 -28.94
N ARG K 100 3.90 2.08 -28.59
CA ARG K 100 2.49 1.71 -28.57
C ARG K 100 1.81 1.85 -29.94
N THR K 101 1.52 3.07 -30.41
CA THR K 101 1.24 3.27 -31.86
C THR K 101 2.58 3.34 -32.54
N GLY K 102 2.63 2.98 -33.82
CA GLY K 102 3.88 3.03 -34.58
C GLY K 102 4.53 4.40 -34.50
N LYS K 103 3.71 5.44 -34.34
CA LYS K 103 4.15 6.83 -34.55
C LYS K 103 4.88 7.49 -33.37
N LEU K 104 6.01 8.13 -33.68
CA LEU K 104 6.69 9.01 -32.72
C LEU K 104 6.27 10.44 -32.97
N HIS K 105 5.66 11.04 -31.96
CA HIS K 105 5.11 12.38 -32.11
C HIS K 105 6.00 13.43 -31.48
N TYR K 106 6.06 14.61 -32.10
CA TYR K 106 6.70 15.75 -31.49
C TYR K 106 5.69 16.61 -30.74
N PRO K 107 5.78 16.59 -29.39
CA PRO K 107 4.94 17.45 -28.52
C PRO K 107 5.12 18.96 -28.83
N ARG K 108 4.18 19.56 -29.56
CA ARG K 108 4.34 20.95 -30.11
C ARG K 108 4.48 22.04 -29.04
N TYR K 109 5.00 21.66 -27.86
CA TYR K 109 5.26 22.56 -26.72
C TYR K 109 6.70 22.45 -26.20
N GLU K 110 7.20 21.22 -26.04
CA GLU K 110 8.55 20.95 -25.52
C GLU K 110 9.64 21.58 -26.38
N CYS K 111 10.78 21.85 -25.78
CA CYS K 111 11.89 22.41 -26.54
C CYS K 111 12.53 21.32 -27.38
N ILE K 112 12.87 21.66 -28.63
CA ILE K 112 13.54 20.73 -29.55
C ILE K 112 14.69 20.03 -28.85
N SER K 113 15.70 20.81 -28.49
CA SER K 113 16.90 20.31 -27.82
C SER K 113 16.53 19.38 -26.66
N ALA K 114 15.58 19.81 -25.83
CA ALA K 114 15.17 19.03 -24.65
C ALA K 114 14.84 17.59 -24.99
N TYR K 115 14.28 17.40 -26.17
CA TYR K 115 13.65 16.14 -26.56
C TYR K 115 14.46 15.35 -27.57
N ASP K 116 15.41 15.99 -28.26
CA ASP K 116 16.37 15.24 -29.06
C ASP K 116 17.34 14.52 -28.13
N ASP K 117 17.79 15.24 -27.10
CA ASP K 117 18.71 14.74 -26.07
C ASP K 117 18.17 13.42 -25.59
N GLU K 118 16.88 13.44 -25.24
CA GLU K 118 16.18 12.27 -24.74
C GLU K 118 16.06 11.15 -25.78
N LEU K 119 15.71 11.49 -27.02
CA LEU K 119 15.66 10.49 -28.10
C LEU K 119 17.01 9.77 -28.31
N ALA K 120 18.09 10.54 -28.19
CA ALA K 120 19.42 9.98 -28.31
C ALA K 120 19.72 8.95 -27.22
N PHE K 121 19.25 9.23 -26.00
CA PHE K 121 19.41 8.33 -24.88
C PHE K 121 18.69 7.00 -25.08
N TYR K 122 17.40 7.05 -25.42
CA TYR K 122 16.58 5.81 -25.56
C TYR K 122 16.81 5.03 -26.86
N GLY K 123 17.69 5.53 -27.73
CA GLY K 123 18.09 4.82 -28.94
C GLY K 123 17.16 4.99 -30.13
N ILE K 124 16.34 6.05 -30.11
CA ILE K 124 15.38 6.35 -31.18
C ILE K 124 15.94 7.44 -32.09
N LEU K 125 15.88 7.16 -33.38
CA LEU K 125 16.45 8.06 -34.40
C LEU K 125 15.57 9.29 -34.65
N PRO K 126 16.19 10.49 -34.63
CA PRO K 126 15.64 11.83 -34.82
C PRO K 126 14.38 11.87 -35.68
N GLU K 127 14.48 11.41 -36.93
CA GLU K 127 13.30 11.42 -37.81
C GLU K 127 12.73 10.06 -38.27
N ILE K 128 12.36 9.23 -37.30
CA ILE K 128 11.31 8.20 -37.47
C ILE K 128 9.96 8.89 -37.16
N ILE K 129 10.00 10.22 -37.00
CA ILE K 129 8.81 11.03 -36.70
C ILE K 129 7.85 10.95 -37.86
N GLY K 130 6.58 10.72 -37.56
CA GLY K 130 5.53 10.67 -38.58
C GLY K 130 5.38 11.96 -39.36
N ASP K 131 4.61 11.89 -40.44
CA ASP K 131 4.38 13.04 -41.31
C ASP K 131 3.68 14.19 -40.61
N CYS K 132 2.87 13.85 -39.61
CA CYS K 132 2.11 14.83 -38.84
C CYS K 132 3.01 15.82 -38.11
N CYS K 133 4.15 15.34 -37.63
CA CYS K 133 4.97 16.10 -36.69
C CYS K 133 6.33 16.50 -37.24
N TYR K 134 6.87 15.72 -38.18
CA TYR K 134 8.15 16.04 -38.84
C TYR K 134 8.02 17.35 -39.64
N GLU K 135 6.79 17.81 -39.78
CA GLU K 135 6.46 19.14 -40.27
C GLU K 135 6.86 20.21 -39.26
N GLU K 136 6.38 20.06 -38.03
CA GLU K 136 6.66 20.99 -36.94
C GLU K 136 8.07 20.82 -36.36
N TYR K 137 8.61 19.60 -36.48
CA TYR K 137 9.96 19.32 -36.06
C TYR K 137 10.94 20.11 -36.93
N LYS K 138 10.56 20.30 -38.19
CA LYS K 138 11.32 21.13 -39.10
C LYS K 138 11.22 22.59 -38.66
N ASP K 139 10.01 23.15 -38.71
CA ASP K 139 9.82 24.61 -38.57
C ASP K 139 10.26 25.25 -37.24
N ARG K 140 10.71 24.44 -36.27
CA ARG K 140 11.38 25.00 -35.10
C ARG K 140 12.62 24.22 -34.66
N LYS K 141 13.38 23.69 -35.61
CA LYS K 141 14.71 23.15 -35.33
C LYS K 141 15.78 23.78 -36.22
N ALA L 4 -26.72 11.92 -14.42
CA ALA L 4 -26.27 11.05 -13.29
C ALA L 4 -27.05 11.31 -11.99
N GLY L 5 -27.02 12.56 -11.51
CA GLY L 5 -27.70 12.95 -10.28
C GLY L 5 -28.96 13.74 -10.57
N VAL L 6 -29.42 13.67 -11.82
CA VAL L 6 -30.70 14.26 -12.23
C VAL L 6 -31.88 13.42 -11.70
N ALA L 7 -31.64 12.13 -11.49
CA ALA L 7 -32.63 11.24 -10.88
C ALA L 7 -33.18 11.79 -9.58
N ALA L 8 -32.33 12.49 -8.84
CA ALA L 8 -32.71 13.07 -7.55
C ALA L 8 -33.61 14.31 -7.67
N TRP L 9 -33.88 14.76 -8.90
CA TRP L 9 -34.79 15.88 -9.13
C TRP L 9 -36.18 15.45 -9.57
N LEU L 10 -36.32 14.26 -10.14
CA LEU L 10 -37.62 13.78 -10.59
C LEU L 10 -38.73 13.62 -9.49
N PRO L 11 -38.38 13.34 -8.21
CA PRO L 11 -39.50 13.32 -7.24
C PRO L 11 -40.26 14.63 -7.07
N PHE L 12 -39.62 15.78 -7.36
CA PHE L 12 -40.31 17.07 -7.44
C PHE L 12 -41.31 17.09 -8.57
N ALA L 13 -41.04 16.34 -9.65
CA ALA L 13 -42.05 16.13 -10.69
C ALA L 13 -43.13 15.14 -10.23
N ARG L 14 -42.70 13.96 -9.78
CA ARG L 14 -43.64 12.92 -9.38
C ARG L 14 -44.64 13.48 -8.34
N ALA L 15 -44.19 14.46 -7.54
CA ALA L 15 -45.02 15.13 -6.52
C ALA L 15 -46.26 15.81 -7.10
N ALA L 16 -46.09 16.42 -8.28
CA ALA L 16 -47.15 17.20 -8.94
C ALA L 16 -48.22 16.34 -9.67
N ALA L 17 -47.97 15.04 -9.80
CA ALA L 17 -48.97 14.08 -10.30
C ALA L 17 -50.06 13.78 -9.26
N ILE L 18 -49.68 13.41 -8.04
CA ILE L 18 -50.59 12.90 -6.98
C ILE L 18 -51.96 13.61 -7.00
N GLY L 19 -53.03 12.85 -7.19
CA GLY L 19 -54.38 13.43 -7.30
C GLY L 19 -55.07 13.19 -8.63
N TRP L 20 -54.31 12.67 -9.60
CA TRP L 20 -54.78 12.33 -10.95
C TRP L 20 -53.75 11.41 -11.64
N MET L 21 -53.60 11.53 -12.95
CA MET L 21 -52.60 10.77 -13.70
C MET L 21 -52.96 9.28 -13.99
N PRO L 22 -53.53 9.01 -15.18
CA PRO L 22 -53.73 7.67 -15.72
C PRO L 22 -52.70 7.23 -16.80
N VAL L 23 -53.15 6.42 -17.78
CA VAL L 23 -52.32 5.77 -18.82
C VAL L 23 -51.28 4.77 -18.28
N ALA L 24 -51.09 4.84 -16.95
CA ALA L 24 -50.24 3.95 -16.17
C ALA L 24 -50.38 4.30 -14.68
N ASN L 25 -49.87 5.47 -14.30
CA ASN L 25 -49.98 6.05 -12.96
C ASN L 25 -49.15 7.35 -12.93
N CYS L 26 -48.20 7.42 -13.86
CA CYS L 26 -47.41 8.61 -14.22
C CYS L 26 -46.60 8.23 -15.47
N PRO L 27 -47.30 7.83 -16.56
CA PRO L 27 -46.81 6.93 -17.62
C PRO L 27 -45.46 7.32 -18.19
N MET L 28 -45.27 8.62 -18.42
CA MET L 28 -44.07 9.14 -19.06
C MET L 28 -42.78 8.81 -18.28
N PRO L 29 -41.60 8.82 -18.95
CA PRO L 29 -40.31 8.65 -18.28
C PRO L 29 -40.13 9.39 -16.93
N LEU L 30 -41.23 9.82 -16.29
CA LEU L 30 -41.23 10.23 -14.88
C LEU L 30 -42.24 9.40 -14.07
N ALA L 31 -42.02 8.07 -14.00
CA ALA L 31 -42.94 7.16 -13.32
C ALA L 31 -42.83 7.21 -11.80
N PRO L 32 -42.37 6.09 -11.22
CA PRO L 32 -42.18 5.94 -9.78
C PRO L 32 -41.50 4.60 -9.53
N ALA L 33 -42.16 3.53 -10.00
CA ALA L 33 -41.58 2.19 -9.99
C ALA L 33 -40.72 2.00 -11.23
N ASP L 34 -39.56 1.39 -11.04
CA ASP L 34 -38.58 1.13 -12.10
C ASP L 34 -37.71 -0.07 -11.68
N LYS L 35 -36.42 -0.06 -12.06
CA LYS L 35 -35.46 -1.04 -11.56
C LYS L 35 -34.66 -0.39 -10.44
N ASN L 36 -35.05 -0.67 -9.19
CA ASN L 36 -34.40 -0.10 -8.01
C ASN L 36 -32.88 -0.10 -8.19
N LYS L 37 -32.31 1.07 -8.52
CA LYS L 37 -30.91 1.21 -8.99
C LYS L 37 -29.85 0.51 -8.14
N ARG L 38 -28.63 0.37 -8.68
CA ARG L 38 -27.52 -0.27 -7.97
C ARG L 38 -27.14 0.51 -6.70
N GLN L 39 -25.85 0.73 -6.48
CA GLN L 39 -25.39 1.89 -5.74
C GLN L 39 -24.18 2.35 -6.49
N ASP L 40 -23.31 3.15 -5.91
CA ASP L 40 -22.21 3.70 -6.70
C ASP L 40 -20.80 3.40 -6.17
N GLU L 41 -19.87 3.13 -7.08
CA GLU L 41 -18.46 2.86 -6.74
C GLU L 41 -17.62 3.82 -7.54
N LEU L 42 -16.41 4.12 -7.07
CA LEU L 42 -15.43 4.73 -7.97
C LEU L 42 -14.77 3.59 -8.64
N ILE L 43 -14.56 3.71 -9.95
CA ILE L 43 -13.81 2.67 -10.63
C ILE L 43 -12.46 3.23 -10.99
N VAL L 44 -11.49 2.32 -11.16
CA VAL L 44 -10.07 2.68 -11.23
C VAL L 44 -9.57 2.38 -12.62
N LEU L 45 -9.21 3.41 -13.38
CA LEU L 45 -8.74 3.18 -14.72
C LEU L 45 -7.23 3.35 -14.78
N ASN L 46 -6.50 2.23 -14.81
CA ASN L 46 -5.05 2.24 -14.88
C ASN L 46 -4.64 2.56 -16.30
N VAL L 47 -3.96 3.67 -16.55
CA VAL L 47 -3.59 3.94 -17.95
C VAL L 47 -2.10 4.10 -18.17
N SER L 48 -1.45 3.00 -18.53
CA SER L 48 -0.01 2.96 -18.69
C SER L 48 0.74 3.26 -17.38
N GLY L 49 0.02 3.27 -16.25
CA GLY L 49 0.65 3.64 -15.02
C GLY L 49 -0.26 4.57 -14.27
N ARG L 50 -0.62 5.69 -14.88
CA ARG L 50 -1.46 6.71 -14.21
C ARG L 50 -2.76 6.06 -13.84
N ARG L 51 -3.07 6.03 -12.55
CA ARG L 51 -4.29 5.41 -12.07
C ARG L 51 -5.34 6.45 -11.99
N PHE L 52 -6.16 6.53 -13.04
CA PHE L 52 -7.34 7.43 -13.06
C PHE L 52 -8.49 6.89 -12.21
N GLN L 53 -9.22 7.79 -11.58
CA GLN L 53 -10.37 7.39 -10.80
C GLN L 53 -11.60 8.19 -11.15
N THR L 54 -12.73 7.51 -11.27
CA THR L 54 -13.98 8.17 -11.59
C THR L 54 -15.16 7.36 -11.09
N TRP L 55 -16.29 8.04 -10.92
CA TRP L 55 -17.54 7.43 -10.45
C TRP L 55 -18.15 6.60 -11.54
N ARG L 56 -18.59 5.40 -11.20
CA ARG L 56 -19.09 4.47 -12.21
C ARG L 56 -20.14 5.15 -13.09
N THR L 57 -21.08 5.83 -12.45
CA THR L 57 -22.08 6.58 -13.17
C THR L 57 -21.49 7.51 -14.20
N THR L 58 -20.38 8.18 -13.88
CA THR L 58 -19.73 9.07 -14.84
C THR L 58 -19.48 8.37 -16.17
N LEU L 59 -19.09 7.12 -16.12
CA LEU L 59 -18.79 6.41 -17.33
C LEU L 59 -20.07 6.01 -18.00
N GLU L 60 -21.04 5.58 -17.20
CA GLU L 60 -22.33 5.12 -17.69
C GLU L 60 -23.08 6.15 -18.54
N ARG L 61 -22.63 7.40 -18.48
CA ARG L 61 -23.28 8.53 -19.10
C ARG L 61 -23.34 8.44 -20.61
N TYR L 62 -22.37 7.82 -21.25
CA TYR L 62 -22.44 7.60 -22.67
C TYR L 62 -22.23 6.14 -22.86
N PRO L 63 -23.29 5.34 -22.70
CA PRO L 63 -23.02 3.93 -22.95
C PRO L 63 -22.81 3.80 -24.45
N ASP L 64 -22.40 2.62 -24.89
CA ASP L 64 -22.05 2.39 -26.30
C ASP L 64 -20.76 3.13 -26.76
N THR L 65 -19.96 3.56 -25.79
CA THR L 65 -18.58 3.96 -26.07
C THR L 65 -17.75 3.13 -25.13
N LEU L 66 -16.62 2.64 -25.60
CA LEU L 66 -15.76 1.71 -24.84
C LEU L 66 -15.95 1.68 -23.33
N LEU L 67 -15.71 2.79 -22.64
CA LEU L 67 -15.80 2.79 -21.19
C LEU L 67 -17.22 2.79 -20.73
N GLY L 68 -18.03 3.65 -21.34
CA GLY L 68 -19.47 3.68 -21.05
C GLY L 68 -20.20 2.35 -21.26
N SER L 69 -19.61 1.47 -22.07
CA SER L 69 -20.28 0.25 -22.46
C SER L 69 -19.77 -0.94 -21.70
N THR L 70 -20.07 -2.12 -22.27
CA THR L 70 -19.67 -3.42 -21.76
C THR L 70 -18.26 -3.76 -22.21
N GLU L 71 -17.84 -3.16 -23.33
CA GLU L 71 -16.54 -3.44 -23.96
C GLU L 71 -15.38 -3.46 -22.98
N LYS L 72 -15.33 -2.46 -22.11
CA LYS L 72 -14.24 -2.32 -21.16
C LYS L 72 -14.03 -3.57 -20.30
N GLU L 73 -15.00 -4.46 -20.25
CA GLU L 73 -14.82 -5.70 -19.50
C GLU L 73 -13.60 -6.51 -20.00
N PHE L 74 -13.28 -6.35 -21.29
CA PHE L 74 -12.12 -7.00 -21.90
C PHE L 74 -10.80 -6.43 -21.41
N PHE L 75 -10.84 -5.36 -20.63
CA PHE L 75 -9.64 -4.70 -20.20
C PHE L 75 -9.51 -4.79 -18.70
N PHE L 76 -10.42 -5.52 -18.07
CA PHE L 76 -10.39 -5.63 -16.62
C PHE L 76 -9.40 -6.68 -16.19
N ASN L 77 -8.63 -6.37 -15.17
CA ASN L 77 -7.69 -7.33 -14.63
C ASN L 77 -8.22 -7.89 -13.32
N GLU L 78 -8.45 -9.19 -13.33
CA GLU L 78 -8.93 -9.93 -12.17
C GLU L 78 -8.10 -9.69 -10.90
N ASP L 79 -6.77 -9.81 -11.05
CA ASP L 79 -5.77 -9.64 -9.97
C ASP L 79 -5.64 -8.19 -9.51
N THR L 80 -5.02 -7.36 -10.34
CA THR L 80 -4.88 -5.94 -10.04
C THR L 80 -6.23 -5.28 -9.68
N LYS L 81 -7.34 -5.95 -10.03
CA LYS L 81 -8.71 -5.53 -9.72
C LYS L 81 -9.02 -4.16 -10.33
N GLU L 82 -8.53 -3.92 -11.52
CA GLU L 82 -8.69 -2.63 -12.20
C GLU L 82 -8.69 -2.77 -13.75
N TYR L 83 -9.30 -1.79 -14.40
CA TYR L 83 -9.20 -1.68 -15.84
C TYR L 83 -7.83 -1.12 -16.19
N PHE L 84 -7.13 -1.77 -17.11
CA PHE L 84 -5.81 -1.32 -17.54
C PHE L 84 -5.78 -1.10 -19.02
N PHE L 85 -5.28 0.05 -19.45
CA PHE L 85 -5.15 0.35 -20.88
C PHE L 85 -3.71 0.73 -21.18
N ASP L 86 -3.12 0.10 -22.18
CA ASP L 86 -1.75 0.39 -22.52
C ASP L 86 -1.76 1.50 -23.53
N ARG L 87 -2.64 2.46 -23.33
CA ARG L 87 -2.62 3.61 -24.19
C ARG L 87 -1.89 4.79 -23.51
N ASP L 88 -1.78 5.90 -24.23
CA ASP L 88 -1.23 7.14 -23.74
C ASP L 88 -2.08 7.68 -22.63
N PRO L 89 -1.48 8.06 -21.49
CA PRO L 89 -2.27 8.47 -20.35
C PRO L 89 -2.76 9.88 -20.58
N GLU L 90 -1.97 10.69 -21.29
CA GLU L 90 -2.37 12.07 -21.50
C GLU L 90 -3.70 12.24 -22.22
N VAL L 91 -3.84 11.70 -23.42
CA VAL L 91 -5.05 11.93 -24.22
C VAL L 91 -6.26 11.44 -23.43
N PHE L 92 -6.08 10.32 -22.72
CA PHE L 92 -7.10 9.77 -21.85
C PHE L 92 -7.71 10.80 -20.91
N ARG L 93 -6.94 11.78 -20.46
CA ARG L 93 -7.52 12.89 -19.69
C ARG L 93 -8.75 13.48 -20.39
N CYS L 94 -8.63 13.78 -21.69
CA CYS L 94 -9.73 14.41 -22.38
C CYS L 94 -10.87 13.46 -22.47
N VAL L 95 -10.59 12.24 -22.90
CA VAL L 95 -11.62 11.26 -23.00
C VAL L 95 -12.37 11.16 -21.66
N LEU L 96 -11.65 11.06 -20.54
CA LEU L 96 -12.35 10.98 -19.26
C LEU L 96 -13.14 12.24 -19.00
N ASN L 97 -12.47 13.37 -19.16
CA ASN L 97 -13.12 14.66 -18.99
C ASN L 97 -14.34 14.88 -19.87
N PHE L 98 -14.43 14.16 -20.98
CA PHE L 98 -15.61 14.24 -21.83
C PHE L 98 -16.78 13.59 -21.12
N TYR L 99 -16.51 12.53 -20.37
CA TYR L 99 -17.57 11.88 -19.64
C TYR L 99 -17.99 12.76 -18.50
N ARG L 100 -17.11 13.65 -18.06
CA ARG L 100 -17.36 14.49 -16.88
C ARG L 100 -18.20 15.74 -17.15
N THR L 101 -17.64 16.77 -17.81
CA THR L 101 -18.49 17.79 -18.49
C THR L 101 -18.93 17.18 -19.79
N GLY L 102 -20.04 17.65 -20.34
CA GLY L 102 -20.49 17.14 -21.64
C GLY L 102 -19.46 17.30 -22.76
N LYS L 103 -18.58 18.28 -22.60
CA LYS L 103 -17.70 18.73 -23.69
C LYS L 103 -16.43 17.87 -23.91
N LEU L 104 -16.17 17.54 -25.17
CA LEU L 104 -14.88 16.98 -25.55
C LEU L 104 -14.02 18.12 -26.08
N HIS L 105 -12.88 18.32 -25.44
CA HIS L 105 -12.02 19.43 -25.81
C HIS L 105 -10.82 18.92 -26.59
N TYR L 106 -10.38 19.75 -27.55
CA TYR L 106 -9.12 19.50 -28.24
C TYR L 106 -7.98 20.26 -27.56
N PRO L 107 -7.05 19.51 -26.92
CA PRO L 107 -5.84 20.07 -26.31
C PRO L 107 -4.94 20.79 -27.33
N ARG L 108 -4.98 22.13 -27.36
CA ARG L 108 -4.31 22.96 -28.43
C ARG L 108 -2.78 22.82 -28.52
N TYR L 109 -2.27 21.67 -28.07
CA TYR L 109 -0.84 21.33 -28.08
C TYR L 109 -0.58 19.96 -28.74
N GLU L 110 -1.39 18.96 -28.40
CA GLU L 110 -1.25 17.59 -28.91
C GLU L 110 -1.39 17.55 -30.43
N CYS L 111 -0.80 16.53 -31.03
CA CYS L 111 -0.90 16.36 -32.46
C CYS L 111 -2.28 15.81 -32.81
N ILE L 112 -2.87 16.35 -33.88
CA ILE L 112 -4.16 15.91 -34.38
C ILE L 112 -4.20 14.39 -34.46
N SER L 113 -3.39 13.83 -35.37
CA SER L 113 -3.31 12.39 -35.58
C SER L 113 -3.18 11.65 -34.26
N ALA L 114 -2.29 12.12 -33.38
CA ALA L 114 -2.07 11.45 -32.10
C ALA L 114 -3.36 11.19 -31.33
N TYR L 115 -4.31 12.11 -31.48
CA TYR L 115 -5.49 12.18 -30.63
C TYR L 115 -6.77 11.74 -31.34
N ASP L 116 -6.75 11.71 -32.66
CA ASP L 116 -7.83 11.05 -33.39
C ASP L 116 -7.73 9.54 -33.16
N ASP L 117 -6.51 9.01 -33.34
CA ASP L 117 -6.18 7.59 -33.15
C ASP L 117 -6.84 7.13 -31.86
N GLU L 118 -6.55 7.88 -30.81
CA GLU L 118 -7.07 7.59 -29.51
C GLU L 118 -8.62 7.66 -29.49
N LEU L 119 -9.21 8.71 -30.08
CA LEU L 119 -10.68 8.83 -30.05
C LEU L 119 -11.33 7.64 -30.71
N ALA L 120 -10.69 7.15 -31.76
CA ALA L 120 -11.21 6.02 -32.50
C ALA L 120 -11.21 4.77 -31.62
N PHE L 121 -10.17 4.61 -30.82
CA PHE L 121 -10.08 3.48 -29.89
C PHE L 121 -11.23 3.48 -28.87
N TYR L 122 -11.37 4.57 -28.11
CA TYR L 122 -12.38 4.65 -27.03
C TYR L 122 -13.85 4.78 -27.48
N GLY L 123 -14.08 4.84 -28.80
CA GLY L 123 -15.42 4.86 -29.37
C GLY L 123 -16.11 6.21 -29.39
N ILE L 124 -15.32 7.29 -29.36
CA ILE L 124 -15.81 8.67 -29.42
C ILE L 124 -15.66 9.25 -30.84
N LEU L 125 -16.75 9.80 -31.35
CA LEU L 125 -16.77 10.32 -32.70
C LEU L 125 -16.04 11.67 -32.85
N PRO L 126 -15.12 11.76 -33.84
CA PRO L 126 -14.27 12.89 -34.20
C PRO L 126 -14.84 14.24 -33.82
N GLU L 127 -16.01 14.60 -34.34
CA GLU L 127 -16.58 15.90 -34.00
C GLU L 127 -17.89 15.91 -33.19
N ILE L 128 -17.82 15.32 -31.98
CA ILE L 128 -18.71 15.67 -30.86
C ILE L 128 -17.99 16.83 -30.12
N ILE L 129 -16.91 17.33 -30.71
CA ILE L 129 -16.12 18.42 -30.11
C ILE L 129 -16.99 19.65 -30.02
N GLY L 130 -16.96 20.30 -28.86
CA GLY L 130 -17.70 21.54 -28.66
C GLY L 130 -17.26 22.65 -29.60
N ASP L 131 -18.04 23.73 -29.61
CA ASP L 131 -17.78 24.88 -30.47
C ASP L 131 -16.46 25.59 -30.20
N CYS L 132 -16.01 25.51 -28.95
CA CYS L 132 -14.75 26.12 -28.49
C CYS L 132 -13.52 25.54 -29.20
N CYS L 133 -13.56 24.24 -29.48
CA CYS L 133 -12.38 23.52 -29.94
C CYS L 133 -12.45 23.01 -31.38
N TYR L 134 -13.67 22.73 -31.88
CA TYR L 134 -13.87 22.30 -33.28
C TYR L 134 -13.47 23.41 -34.24
N GLU L 135 -13.23 24.59 -33.67
CA GLU L 135 -12.60 25.70 -34.36
C GLU L 135 -11.13 25.39 -34.63
N GLU L 136 -10.41 25.03 -33.57
CA GLU L 136 -8.98 24.74 -33.66
C GLU L 136 -8.71 23.35 -34.23
N TYR L 137 -9.68 22.46 -34.09
CA TYR L 137 -9.61 21.13 -34.67
C TYR L 137 -9.64 21.23 -36.19
N LYS L 138 -10.34 22.25 -36.69
CA LYS L 138 -10.35 22.58 -38.12
C LYS L 138 -9.00 23.12 -38.55
N ASP L 139 -8.60 24.27 -38.01
CA ASP L 139 -7.42 25.01 -38.49
C ASP L 139 -6.05 24.32 -38.42
N ARG L 140 -5.99 23.13 -37.82
CA ARG L 140 -4.78 22.31 -37.92
C ARG L 140 -5.04 20.80 -38.16
N LYS L 141 -6.09 20.49 -38.94
CA LYS L 141 -6.30 19.13 -39.46
C LYS L 141 -6.47 19.13 -40.99
N GLU M 1 23.06 29.57 7.41
CA GLU M 1 21.61 29.36 7.68
C GLU M 1 21.36 27.97 8.31
N GLY M 2 22.44 27.27 8.72
CA GLY M 2 22.39 25.83 9.08
C GLY M 2 21.39 25.45 10.17
N LEU M 3 20.56 24.43 9.91
CA LEU M 3 19.42 24.10 10.79
C LEU M 3 19.74 23.61 12.20
N GLU M 4 20.70 22.71 12.35
CA GLU M 4 20.96 22.16 13.68
C GLU M 4 21.75 23.12 14.60
N GLN M 5 22.39 24.14 14.03
CA GLN M 5 22.94 25.24 14.84
C GLN M 5 21.77 25.98 15.40
N LEU M 6 20.88 26.42 14.50
CA LEU M 6 19.73 27.20 14.89
C LEU M 6 18.96 26.51 15.98
N GLU M 7 18.82 25.19 15.88
CA GLU M 7 18.17 24.42 16.94
C GLU M 7 18.85 24.61 18.31
N ALA M 8 20.17 24.50 18.31
CA ALA M 8 20.96 24.68 19.53
C ALA M 8 20.90 26.13 19.98
N GLN M 9 21.29 27.06 19.10
CA GLN M 9 21.42 28.49 19.45
C GLN M 9 20.13 29.35 19.50
N THR M 10 18.95 28.71 19.46
CA THR M 10 17.68 29.41 19.69
C THR M 10 16.72 28.50 20.46
N ASN M 11 15.58 29.05 20.86
CA ASN M 11 14.60 28.32 21.65
C ASN M 11 13.61 27.52 20.81
N PHE M 12 13.91 27.32 19.55
CA PHE M 12 12.98 26.62 18.70
C PHE M 12 13.45 25.20 18.47
N THR M 13 12.49 24.29 18.28
CA THR M 13 12.81 22.93 17.88
C THR M 13 13.00 22.89 16.35
N LYS M 14 13.63 21.82 15.87
CA LYS M 14 13.86 21.68 14.42
C LYS M 14 12.55 21.84 13.68
N ARG M 15 11.50 21.23 14.25
CA ARG M 15 10.16 21.25 13.68
C ARG M 15 9.71 22.68 13.46
N GLU M 16 9.81 23.48 14.51
CA GLU M 16 9.39 24.87 14.50
C GLU M 16 10.21 25.70 13.54
N LEU M 17 11.53 25.56 13.63
CA LEU M 17 12.43 26.29 12.78
C LEU M 17 12.11 26.08 11.31
N GLN M 18 11.71 24.86 10.97
CA GLN M 18 11.33 24.59 9.61
C GLN M 18 10.12 25.43 9.20
N VAL M 19 9.11 25.47 10.07
CA VAL M 19 7.86 26.18 9.77
C VAL M 19 8.19 27.62 9.58
N LEU M 20 9.01 28.13 10.47
CA LEU M 20 9.49 29.48 10.37
C LEU M 20 10.25 29.74 9.08
N TYR M 21 11.19 28.86 8.72
CA TYR M 21 11.91 29.02 7.46
C TYR M 21 10.99 29.07 6.28
N ARG M 22 10.01 28.17 6.26
CA ARG M 22 9.08 28.07 5.15
C ARG M 22 8.25 29.33 5.07
N GLY M 23 8.01 29.90 6.24
CA GLY M 23 7.35 31.19 6.34
C GLY M 23 8.19 32.28 5.72
N PHE M 24 9.42 32.39 6.16
CA PHE M 24 10.38 33.35 5.63
C PHE M 24 10.61 33.16 4.12
N LYS M 25 10.89 31.93 3.70
CA LYS M 25 11.32 31.70 2.34
C LYS M 25 10.23 32.09 1.37
N ASN M 26 9.01 32.22 1.87
CA ASN M 26 7.89 32.62 1.03
C ASN M 26 7.66 34.12 0.97
N GLU M 27 7.94 34.80 2.07
CA GLU M 27 7.78 36.25 2.13
C GLU M 27 8.88 36.99 1.37
N CYS M 28 10.05 36.35 1.27
CA CYS M 28 11.01 36.67 0.23
C CYS M 28 11.76 35.41 -0.14
N PRO M 29 11.72 35.03 -1.42
CA PRO M 29 12.52 33.93 -1.92
C PRO M 29 13.98 34.37 -1.89
N SER M 30 14.18 35.63 -2.23
CA SER M 30 15.44 36.34 -2.05
C SER M 30 16.38 35.68 -1.04
N GLY M 31 15.86 35.40 0.15
CA GLY M 31 16.68 34.91 1.25
C GLY M 31 17.27 36.06 2.03
N VAL M 32 17.39 37.22 1.36
CA VAL M 32 17.89 38.46 1.96
C VAL M 32 16.82 39.55 1.97
N VAL M 33 16.50 40.05 3.17
CA VAL M 33 15.46 41.04 3.36
C VAL M 33 16.05 42.43 3.46
N ASN M 34 15.81 43.24 2.42
CA ASN M 34 16.07 44.67 2.47
C ASN M 34 14.82 45.41 2.90
N GLU M 35 14.92 46.68 2.95
CA GLU M 35 13.84 47.45 3.58
C GLU M 35 12.55 47.43 2.77
N ASP M 36 12.70 47.40 1.45
CA ASP M 36 11.58 47.45 0.52
C ASP M 36 10.68 46.24 0.66
N THR M 37 11.29 45.06 0.68
CA THR M 37 10.55 43.82 0.97
C THR M 37 9.91 43.97 2.34
N PHE M 38 10.68 44.50 3.28
CA PHE M 38 10.30 44.74 4.69
C PHE M 38 9.01 45.54 4.78
N LYS M 39 8.99 46.65 4.03
CA LYS M 39 7.81 47.51 3.88
C LYS M 39 6.60 46.75 3.33
N GLN M 40 6.74 46.21 2.12
CA GLN M 40 5.63 45.51 1.46
C GLN M 40 5.21 44.22 2.14
N ILE M 41 6.07 43.67 3.00
CA ILE M 41 5.70 42.52 3.83
C ILE M 41 4.64 42.92 4.88
N TYR M 42 4.56 44.23 5.18
CA TYR M 42 3.53 44.75 6.09
C TYR M 42 2.35 45.38 5.35
N ALA M 43 2.51 45.62 4.05
CA ALA M 43 1.40 46.08 3.21
C ALA M 43 0.14 45.27 3.49
N GLN M 44 0.32 43.97 3.71
CA GLN M 44 -0.79 43.09 4.10
C GLN M 44 -1.22 43.36 5.53
N PHE M 45 -0.26 43.30 6.46
CA PHE M 45 -0.51 43.43 7.91
C PHE M 45 -1.83 44.14 8.23
N PHE M 46 -2.02 45.32 7.63
CA PHE M 46 -3.23 46.12 7.80
C PHE M 46 -3.79 46.45 6.42
N PRO M 47 -5.14 46.57 6.28
CA PRO M 47 -5.81 46.86 4.99
C PRO M 47 -5.37 48.16 4.31
N HIS M 48 -6.08 49.25 4.56
CA HIS M 48 -5.66 50.54 4.03
C HIS M 48 -4.96 51.44 5.07
N GLY M 49 -3.77 50.97 5.48
CA GLY M 49 -2.85 51.74 6.32
C GLY M 49 -1.48 51.73 5.65
N ASP M 50 -0.56 52.54 6.17
CA ASP M 50 0.78 52.65 5.59
C ASP M 50 1.87 52.38 6.61
N ALA M 51 2.52 51.22 6.49
CA ALA M 51 3.59 50.85 7.40
C ALA M 51 4.97 51.16 6.85
N SER M 52 5.01 52.02 5.83
CA SER M 52 6.27 52.43 5.19
C SER M 52 7.31 52.94 6.20
N THR M 53 6.91 53.94 6.99
CA THR M 53 7.82 54.55 7.95
C THR M 53 8.26 53.58 9.06
N TYR M 54 7.34 52.75 9.54
CA TYR M 54 7.64 51.76 10.58
C TYR M 54 8.65 50.71 10.10
N ALA M 55 8.47 50.25 8.86
CA ALA M 55 9.42 49.33 8.20
C ALA M 55 10.87 49.75 8.41
N HIS M 56 11.13 51.04 8.25
CA HIS M 56 12.46 51.63 8.41
C HIS M 56 13.00 51.44 9.83
N TYR M 57 12.15 51.70 10.83
CA TYR M 57 12.55 51.55 12.22
C TYR M 57 12.72 50.09 12.56
N LEU M 58 11.87 49.25 12.00
CA LEU M 58 12.03 47.83 12.20
C LEU M 58 13.32 47.36 11.57
N PHE M 59 13.63 47.87 10.38
CA PHE M 59 14.83 47.44 9.68
C PHE M 59 16.11 47.67 10.48
N ASN M 60 16.47 48.93 10.72
CA ASN M 60 17.69 49.14 11.48
C ASN M 60 17.55 48.92 13.00
N ALA M 61 16.50 48.19 13.41
CA ALA M 61 16.45 47.56 14.72
C ALA M 61 17.25 46.26 14.63
N PHE M 62 17.22 45.65 13.44
CA PHE M 62 18.16 44.59 13.08
C PHE M 62 19.44 45.25 12.58
N ASP M 63 19.91 44.80 11.41
CA ASP M 63 21.27 45.07 10.91
C ASP M 63 22.32 44.97 12.02
N THR M 64 22.06 44.07 12.97
CA THR M 64 22.92 43.90 14.14
C THR M 64 24.27 43.33 13.68
N THR M 65 24.22 42.51 12.64
CA THR M 65 25.44 42.03 11.96
C THR M 65 26.12 43.18 11.17
N GLN M 66 25.30 44.15 10.73
CA GLN M 66 25.75 45.30 9.91
C GLN M 66 26.30 44.89 8.54
N THR M 67 25.62 43.94 7.91
CA THR M 67 26.00 43.39 6.61
C THR M 67 25.11 43.91 5.47
N GLY M 68 24.54 45.10 5.67
CA GLY M 68 23.66 45.74 4.70
C GLY M 68 22.22 45.26 4.72
N SER M 69 22.05 43.95 4.90
CA SER M 69 20.75 43.32 4.81
C SER M 69 20.54 42.31 5.94
N VAL M 70 19.26 41.95 6.19
CA VAL M 70 18.91 40.98 7.24
C VAL M 70 18.68 39.57 6.69
N LYS M 71 19.56 38.67 7.11
CA LYS M 71 19.45 37.25 6.77
C LYS M 71 18.52 36.56 7.76
N PHE M 72 18.09 35.36 7.40
CA PHE M 72 17.11 34.58 8.17
C PHE M 72 17.52 34.36 9.62
N GLU M 73 18.81 34.07 9.84
CA GLU M 73 19.33 33.76 11.18
C GLU M 73 19.09 34.91 12.14
N ASP M 74 19.21 36.13 11.65
CA ASP M 74 18.82 37.33 12.40
C ASP M 74 17.33 37.29 12.74
N PHE M 75 16.51 37.10 11.70
CA PHE M 75 15.08 36.97 11.82
C PHE M 75 14.67 35.95 12.92
N VAL M 76 15.29 34.77 12.97
CA VAL M 76 14.89 33.78 13.99
C VAL M 76 15.39 34.05 15.41
N THR M 77 16.59 34.62 15.55
CA THR M 77 17.04 35.06 16.87
C THR M 77 16.03 36.06 17.41
N ALA M 78 15.76 37.09 16.61
CA ALA M 78 14.78 38.12 16.92
C ALA M 78 13.48 37.50 17.43
N LEU M 79 12.98 36.54 16.69
CA LEU M 79 11.78 35.86 17.10
C LEU M 79 11.98 34.95 18.31
N SER M 80 13.15 34.33 18.41
CA SER M 80 13.44 33.48 19.56
C SER M 80 13.36 34.33 20.80
N ILE M 81 13.84 35.57 20.69
CA ILE M 81 13.84 36.49 21.83
C ILE M 81 12.42 36.93 22.09
N LEU M 82 11.73 37.38 21.03
CA LEU M 82 10.41 37.96 21.19
C LEU M 82 9.34 36.98 21.67
N LEU M 83 9.48 35.71 21.33
CA LEU M 83 8.46 34.70 21.65
C LEU M 83 8.83 33.78 22.77
N ARG M 84 10.13 33.69 23.10
CA ARG M 84 10.60 32.68 24.08
C ARG M 84 11.57 33.21 25.13
N GLY M 85 12.31 34.25 24.78
CA GLY M 85 13.29 34.83 25.70
C GLY M 85 12.75 35.33 27.05
N THR M 86 13.70 35.67 27.93
CA THR M 86 13.41 36.24 29.24
C THR M 86 12.77 37.60 29.08
N VAL M 87 11.98 37.99 30.09
CA VAL M 87 11.31 39.30 30.10
C VAL M 87 12.33 40.40 29.82
N HIS M 88 13.44 40.37 30.56
CA HIS M 88 14.58 41.24 30.33
C HIS M 88 14.96 41.31 28.85
N GLU M 89 15.11 40.15 28.22
CA GLU M 89 15.53 40.06 26.82
C GLU M 89 14.48 40.65 25.88
N LYS M 90 13.21 40.35 26.16
CA LYS M 90 12.12 40.78 25.30
C LYS M 90 12.02 42.28 25.45
N LEU M 91 12.18 42.75 26.68
CA LEU M 91 12.13 44.17 26.97
C LEU M 91 13.28 44.96 26.38
N ARG M 92 14.51 44.44 26.54
CA ARG M 92 15.69 45.08 25.97
C ARG M 92 15.51 45.18 24.46
N TRP M 93 14.89 44.15 23.86
CA TRP M 93 14.63 44.15 22.44
C TRP M 93 13.73 45.30 22.02
N THR M 94 12.67 45.53 22.80
CA THR M 94 11.76 46.62 22.52
C THR M 94 12.48 47.96 22.66
N PHE M 95 13.28 48.07 23.72
CA PHE M 95 14.05 49.28 23.99
C PHE M 95 14.92 49.66 22.79
N ASN M 96 15.61 48.68 22.23
CA ASN M 96 16.48 48.95 21.08
C ASN M 96 15.73 49.40 19.85
N LEU M 97 14.50 48.93 19.73
CA LEU M 97 13.63 49.37 18.65
C LEU M 97 13.28 50.84 18.85
N TYR M 98 12.92 51.22 20.08
CA TYR M 98 12.56 52.62 20.38
C TYR M 98 13.75 53.58 20.26
N ASP M 99 14.92 53.13 20.73
CA ASP M 99 16.16 53.92 20.63
C ASP M 99 16.65 53.92 19.18
N ILE M 100 16.03 54.84 18.40
CA ILE M 100 16.30 54.88 16.95
C ILE M 100 17.74 55.06 16.62
N ASN M 101 18.40 56.07 17.17
CA ASN M 101 19.77 56.34 16.75
C ASN M 101 20.87 55.48 17.48
N LYS M 102 20.51 54.38 18.16
CA LYS M 102 21.40 53.53 18.96
C LYS M 102 22.39 54.29 19.85
N ASP M 103 21.83 54.76 20.99
CA ASP M 103 22.66 55.42 22.01
C ASP M 103 22.18 55.11 23.42
N GLY M 104 21.26 54.19 23.57
CA GLY M 104 20.80 53.71 24.88
C GLY M 104 19.86 54.65 25.61
N TYR M 105 19.38 55.67 24.90
CA TYR M 105 18.56 56.73 25.47
C TYR M 105 17.33 56.92 24.59
N ILE M 106 16.14 56.95 25.20
CA ILE M 106 14.92 57.27 24.45
C ILE M 106 14.40 58.64 24.86
N ASN M 107 14.33 59.55 23.88
CA ASN M 107 13.81 60.91 24.13
C ASN M 107 12.49 61.20 23.39
N LYS M 108 11.72 62.17 23.93
CA LYS M 108 10.40 62.54 23.38
C LYS M 108 10.43 62.57 21.85
N GLU M 109 11.45 63.23 21.32
CA GLU M 109 11.76 63.29 19.88
C GLU M 109 11.52 61.98 19.11
N GLU M 110 12.13 60.90 19.58
CA GLU M 110 12.12 59.65 18.83
C GLU M 110 10.98 58.70 19.19
N MET M 111 10.40 58.89 20.38
CA MET M 111 9.23 58.13 20.77
C MET M 111 8.04 58.53 19.91
N MET M 112 7.94 59.84 19.66
CA MET M 112 6.96 60.42 18.74
C MET M 112 7.01 59.76 17.36
N ASP M 113 8.21 59.64 16.82
CA ASP M 113 8.44 58.94 15.56
C ASP M 113 7.80 57.54 15.58
N ILE M 114 8.11 56.75 16.60
CA ILE M 114 7.60 55.39 16.73
C ILE M 114 6.08 55.36 16.72
N VAL M 115 5.49 56.13 17.63
CA VAL M 115 4.04 56.13 17.78
C VAL M 115 3.35 56.58 16.49
N LYS M 116 3.83 57.68 15.90
CA LYS M 116 3.33 58.14 14.59
C LYS M 116 3.50 57.04 13.54
N ALA M 117 4.65 56.37 13.55
CA ALA M 117 4.98 55.31 12.58
C ALA M 117 4.05 54.10 12.67
N ILE M 118 3.58 53.79 13.87
CA ILE M 118 2.62 52.70 14.08
C ILE M 118 1.19 53.15 13.77
N TYR M 119 0.83 54.35 14.26
CA TYR M 119 -0.45 54.98 13.91
C TYR M 119 -0.66 54.96 12.40
N ASP M 120 0.40 55.31 11.66
CA ASP M 120 0.38 55.28 10.20
C ASP M 120 0.10 53.86 9.69
N MET M 121 0.77 52.86 10.29
CA MET M 121 0.63 51.47 9.88
C MET M 121 -0.81 51.00 10.05
N GLU M 132 -6.94 57.56 22.12
CA GLU M 132 -8.13 58.29 22.56
C GLU M 132 -8.11 59.74 22.06
N ASP M 133 -6.92 60.24 21.75
CA ASP M 133 -6.73 61.59 21.18
C ASP M 133 -5.41 61.65 20.40
N THR M 134 -4.58 62.65 20.70
CA THR M 134 -3.32 62.89 19.98
C THR M 134 -2.22 61.85 20.27
N PRO M 135 -1.34 61.58 19.28
CA PRO M 135 -0.10 60.83 19.52
C PRO M 135 0.91 61.57 20.40
N ARG M 136 0.83 62.90 20.46
CA ARG M 136 1.61 63.70 21.43
C ARG M 136 1.17 63.29 22.84
N GLN M 137 -0.13 63.40 23.10
CA GLN M 137 -0.73 63.01 24.38
C GLN M 137 -0.62 61.49 24.64
N HIS M 138 0.29 60.83 23.92
CA HIS M 138 0.51 59.40 24.09
C HIS M 138 1.95 59.11 24.49
N VAL M 139 2.88 59.88 23.92
CA VAL M 139 4.27 59.92 24.37
C VAL M 139 4.33 60.48 25.79
N ASP M 140 3.51 61.51 26.04
CA ASP M 140 3.44 62.15 27.35
C ASP M 140 3.05 61.18 28.46
N VAL M 141 2.03 60.34 28.23
CA VAL M 141 1.60 59.35 29.24
C VAL M 141 2.72 58.35 29.50
N PHE M 142 3.39 57.98 28.41
CA PHE M 142 4.57 57.12 28.45
C PHE M 142 5.67 57.69 29.36
N PHE M 143 6.16 58.88 29.03
CA PHE M 143 7.24 59.51 29.79
C PHE M 143 6.88 59.82 31.24
N GLN M 144 5.69 60.36 31.45
CA GLN M 144 5.26 60.74 32.80
C GLN M 144 5.05 59.50 33.68
N LYS M 145 4.99 58.32 33.06
CA LYS M 145 4.87 57.06 33.78
C LYS M 145 6.00 56.05 33.47
N MET M 146 7.11 56.55 32.93
CA MET M 146 8.29 55.72 32.61
C MET M 146 9.59 56.39 33.07
N ASP M 147 9.74 57.64 32.71
CA ASP M 147 10.89 58.48 33.12
C ASP M 147 10.73 58.79 34.62
N LYS M 148 11.41 57.96 35.41
CA LYS M 148 11.35 58.05 36.84
C LYS M 148 11.72 59.43 37.41
N ASN M 149 12.94 59.95 37.18
CA ASN M 149 13.27 61.19 37.90
C ASN M 149 12.77 62.51 37.27
N LYS M 150 12.19 62.48 36.04
CA LYS M 150 11.63 63.62 35.28
C LYS M 150 12.65 64.52 34.57
N ASP M 151 13.74 63.89 34.09
CA ASP M 151 14.79 64.60 33.36
C ASP M 151 14.50 64.54 31.85
N GLY M 152 13.32 64.03 31.51
CA GLY M 152 12.85 63.96 30.13
C GLY M 152 13.57 62.94 29.25
N ILE M 153 14.33 62.06 29.89
CA ILE M 153 15.14 61.08 29.16
C ILE M 153 14.99 59.73 29.83
N VAL M 154 14.60 58.72 29.07
CA VAL M 154 14.34 57.38 29.63
C VAL M 154 15.41 56.38 29.22
N THR M 155 16.08 55.83 30.23
CA THR M 155 17.19 54.91 30.00
C THR M 155 16.71 53.48 30.12
N LEU M 156 17.56 52.53 29.73
CA LEU M 156 17.18 51.12 29.69
C LEU M 156 16.74 50.63 31.07
N ASP M 157 17.52 50.95 32.09
CA ASP M 157 17.20 50.58 33.48
C ASP M 157 15.90 51.21 33.94
N GLU M 158 15.68 52.46 33.54
CA GLU M 158 14.46 53.19 33.85
C GLU M 158 13.28 52.49 33.19
N PHE M 159 13.47 52.06 31.94
CA PHE M 159 12.43 51.38 31.17
C PHE M 159 12.20 49.94 31.64
N LEU M 160 13.27 49.25 32.03
CA LEU M 160 13.18 47.90 32.56
C LEU M 160 12.40 47.85 33.87
N GLU M 161 12.91 48.57 34.88
CA GLU M 161 12.30 48.62 36.21
C GLU M 161 10.85 49.15 36.15
N SER M 162 10.60 50.05 35.20
CA SER M 162 9.29 50.70 35.02
C SER M 162 8.20 49.72 34.57
N CYS M 163 8.59 48.78 33.71
CA CYS M 163 7.67 47.77 33.12
C CYS M 163 7.42 46.59 34.05
N GLN M 164 8.43 46.20 34.82
CA GLN M 164 8.27 45.17 35.86
C GLN M 164 7.23 45.59 36.90
N GLU M 165 7.17 46.89 37.20
CA GLU M 165 6.19 47.43 38.13
C GLU M 165 4.78 47.33 37.55
N ASP M 166 4.67 47.23 36.22
CA ASP M 166 3.37 47.27 35.52
C ASP M 166 2.71 45.91 35.41
N ASP M 167 1.82 45.60 36.37
CA ASP M 167 1.13 44.32 36.47
C ASP M 167 0.67 43.72 35.14
N ASN M 168 0.28 44.54 34.18
CA ASN M 168 -0.24 44.04 32.91
C ASN M 168 0.68 44.01 31.69
N ILE M 169 1.57 44.99 31.57
CA ILE M 169 2.55 44.93 30.49
C ILE M 169 3.39 43.65 30.69
N MET M 170 3.44 43.16 31.93
CA MET M 170 4.18 41.95 32.31
C MET M 170 3.40 40.69 31.98
N ARG M 171 2.08 40.72 32.17
CA ARG M 171 1.18 39.61 31.82
C ARG M 171 1.08 39.50 30.31
N SER M 172 1.27 40.63 29.64
CA SER M 172 1.36 40.67 28.19
C SER M 172 2.51 39.80 27.73
N LEU M 173 3.73 40.22 28.04
CA LEU M 173 4.96 39.59 27.55
C LEU M 173 4.97 38.07 27.62
N GLN M 174 4.63 37.54 28.79
CA GLN M 174 4.91 36.13 29.12
C GLN M 174 4.05 35.02 28.41
N LEU M 175 2.72 35.16 28.39
CA LEU M 175 1.83 34.22 27.68
C LEU M 175 2.51 33.48 26.50
N PHE M 176 2.63 32.16 26.65
CA PHE M 176 3.46 31.30 25.78
C PHE M 176 3.06 31.36 24.32
N GLN M 177 3.69 32.32 23.63
CA GLN M 177 3.60 32.44 22.19
C GLN M 177 4.13 31.12 21.59
N ASN M 178 3.46 30.61 20.58
CA ASN M 178 3.63 29.23 20.17
C ASN M 178 3.57 29.08 18.66
N VAL M 179 4.72 28.92 18.01
CA VAL M 179 4.78 28.77 16.55
C VAL M 179 4.41 27.35 16.22
N MET M 180 3.94 27.10 15.00
CA MET M 180 3.61 25.74 14.59
C MET M 180 2.34 25.70 13.72
N GLY N 2 26.22 -7.42 -23.37
CA GLY N 2 25.30 -8.20 -22.49
C GLY N 2 25.78 -8.24 -21.05
N LEU N 3 24.88 -8.00 -20.10
CA LEU N 3 25.25 -7.81 -18.69
C LEU N 3 25.83 -9.02 -17.96
N GLU N 4 25.24 -10.19 -18.14
CA GLU N 4 25.72 -11.36 -17.40
C GLU N 4 27.01 -11.97 -17.94
N GLN N 5 27.37 -11.62 -19.19
CA GLN N 5 28.71 -11.92 -19.70
C GLN N 5 29.71 -11.05 -18.95
N LEU N 6 29.45 -9.75 -18.94
CA LEU N 6 30.34 -8.80 -18.29
C LEU N 6 30.58 -9.14 -16.84
N GLU N 7 29.55 -9.63 -16.15
CA GLU N 7 29.69 -10.10 -14.79
C GLU N 7 30.71 -11.22 -14.66
N ALA N 8 30.58 -12.22 -15.54
CA ALA N 8 31.52 -13.33 -15.61
C ALA N 8 32.89 -12.86 -16.02
N GLN N 9 32.99 -12.25 -17.22
CA GLN N 9 34.27 -11.84 -17.82
C GLN N 9 34.96 -10.54 -17.29
N THR N 10 34.50 -10.00 -16.15
CA THR N 10 35.22 -8.92 -15.47
C THR N 10 35.12 -9.12 -13.96
N ASN N 11 35.79 -8.24 -13.22
CA ASN N 11 35.81 -8.35 -11.76
C ASN N 11 34.69 -7.59 -11.09
N PHE N 12 33.68 -7.21 -11.87
CA PHE N 12 32.59 -6.43 -11.32
C PHE N 12 31.36 -7.27 -11.08
N THR N 13 30.60 -6.91 -10.04
CA THR N 13 29.31 -7.51 -9.79
C THR N 13 28.25 -6.87 -10.69
N LYS N 14 27.12 -7.54 -10.88
CA LYS N 14 26.05 -6.99 -11.69
C LYS N 14 25.71 -5.60 -11.21
N ARG N 15 25.65 -5.47 -9.88
CA ARG N 15 25.30 -4.22 -9.23
C ARG N 15 26.21 -3.12 -9.73
N GLU N 16 27.51 -3.40 -9.65
CA GLU N 16 28.55 -2.45 -9.99
C GLU N 16 28.51 -2.12 -11.45
N LEU N 17 28.47 -3.15 -12.27
CA LEU N 17 28.39 -2.97 -13.71
C LEU N 17 27.27 -2.02 -14.11
N GLN N 18 26.13 -2.12 -13.43
CA GLN N 18 25.01 -1.26 -13.71
C GLN N 18 25.38 0.19 -13.47
N VAL N 19 26.02 0.45 -12.33
CA VAL N 19 26.39 1.83 -11.97
C VAL N 19 27.34 2.36 -13.00
N LEU N 20 28.27 1.53 -13.38
CA LEU N 20 29.22 1.88 -14.41
C LEU N 20 28.53 2.17 -15.74
N TYR N 21 27.66 1.27 -16.19
CA TYR N 21 26.88 1.54 -17.41
C TYR N 21 26.12 2.86 -17.38
N ARG N 22 25.44 3.14 -16.25
CA ARG N 22 24.65 4.36 -16.12
C ARG N 22 25.55 5.59 -16.15
N GLY N 23 26.79 5.37 -15.68
CA GLY N 23 27.85 6.36 -15.76
C GLY N 23 28.20 6.62 -17.20
N PHE N 24 28.59 5.57 -17.89
CA PHE N 24 28.89 5.62 -19.31
C PHE N 24 27.75 6.19 -20.19
N LYS N 25 26.55 5.62 -20.05
CA LYS N 25 25.45 5.97 -20.90
C LYS N 25 25.13 7.45 -20.79
N ASN N 26 25.60 8.10 -19.73
CA ASN N 26 25.34 9.51 -19.54
C ASN N 26 26.42 10.41 -20.11
N GLU N 27 27.65 9.94 -20.08
CA GLU N 27 28.76 10.72 -20.63
C GLU N 27 28.76 10.71 -22.16
N CYS N 28 28.20 9.64 -22.72
CA CYS N 28 27.72 9.65 -24.11
C CYS N 28 26.49 8.73 -24.22
N PRO N 29 25.35 9.30 -24.65
CA PRO N 29 24.18 8.49 -24.96
C PRO N 29 24.49 7.65 -26.18
N SER N 30 25.16 8.28 -27.15
CA SER N 30 25.78 7.63 -28.30
C SER N 30 26.00 6.11 -28.15
N GLY N 31 26.58 5.69 -27.02
CA GLY N 31 26.95 4.30 -26.81
C GLY N 31 28.34 4.01 -27.38
N VAL N 32 28.73 4.83 -28.35
CA VAL N 32 30.04 4.72 -28.99
C VAL N 32 30.89 6.00 -28.76
N VAL N 33 32.05 5.79 -28.14
CA VAL N 33 32.96 6.89 -27.79
C VAL N 33 34.03 7.07 -28.85
N ASN N 34 33.93 8.17 -29.59
CA ASN N 34 35.01 8.63 -30.46
C ASN N 34 35.88 9.62 -29.70
N GLU N 35 36.89 10.05 -30.34
CA GLU N 35 37.91 10.82 -29.64
C GLU N 35 37.39 12.18 -29.12
N ASP N 36 36.49 12.77 -29.89
CA ASP N 36 35.93 14.07 -29.57
C ASP N 36 35.14 14.05 -28.28
N THR N 37 34.24 13.08 -28.14
CA THR N 37 33.54 12.87 -26.88
C THR N 37 34.59 12.64 -25.79
N PHE N 38 35.59 11.84 -26.13
CA PHE N 38 36.71 11.51 -25.25
C PHE N 38 37.40 12.74 -24.68
N LYS N 39 37.70 13.67 -25.57
CA LYS N 39 38.28 14.95 -25.21
C LYS N 39 37.37 15.74 -24.26
N GLN N 40 36.15 16.03 -24.71
CA GLN N 40 35.23 16.86 -23.92
C GLN N 40 34.71 16.19 -22.65
N ILE N 41 34.87 14.87 -22.56
CA ILE N 41 34.59 14.13 -21.31
C ILE N 41 35.63 14.48 -20.20
N TYR N 42 36.79 14.99 -20.61
CA TYR N 42 37.81 15.48 -19.68
C TYR N 42 37.81 17.01 -19.51
N ALA N 43 37.13 17.72 -20.41
CA ALA N 43 36.94 19.17 -20.29
C ALA N 43 36.56 19.52 -18.85
N GLN N 44 35.73 18.67 -18.23
CA GLN N 44 35.37 18.82 -16.82
C GLN N 44 36.52 18.46 -15.92
N PHE N 45 37.09 17.26 -16.12
CA PHE N 45 38.17 16.71 -15.27
C PHE N 45 38.94 17.79 -14.50
N PHE N 46 39.42 18.80 -15.24
CA PHE N 46 40.12 19.95 -14.67
C PHE N 46 39.46 21.26 -15.14
N PRO N 47 39.52 22.32 -14.29
CA PRO N 47 38.87 23.61 -14.60
C PRO N 47 39.38 24.26 -15.89
N HIS N 48 40.37 25.13 -15.78
CA HIS N 48 40.95 25.73 -16.98
C HIS N 48 42.28 25.08 -17.38
N GLY N 49 42.18 23.83 -17.79
CA GLY N 49 43.27 23.08 -18.39
C GLY N 49 42.80 22.48 -19.71
N ASP N 50 43.72 21.94 -20.49
CA ASP N 50 43.39 21.37 -21.79
C ASP N 50 43.85 19.92 -21.93
N ALA N 51 42.90 19.00 -21.91
CA ALA N 51 43.18 17.56 -22.02
C ALA N 51 43.04 17.05 -23.44
N SER N 52 43.00 17.97 -24.39
CA SER N 52 42.84 17.63 -25.80
C SER N 52 43.88 16.59 -26.24
N THR N 53 45.16 16.90 -26.02
CA THR N 53 46.23 16.04 -26.51
C THR N 53 46.25 14.69 -25.80
N TYR N 54 45.96 14.69 -24.50
CA TYR N 54 45.92 13.44 -23.73
C TYR N 54 44.80 12.50 -24.18
N ALA N 55 43.64 13.09 -24.47
CA ALA N 55 42.48 12.36 -24.99
C ALA N 55 42.91 11.42 -26.11
N HIS N 56 43.75 11.93 -27.02
CA HIS N 56 44.28 11.18 -28.17
C HIS N 56 45.08 9.94 -27.76
N TYR N 57 45.95 10.12 -26.78
CA TYR N 57 46.76 9.02 -26.29
C TYR N 57 45.87 8.02 -25.57
N LEU N 58 44.91 8.54 -24.80
CA LEU N 58 43.97 7.66 -24.13
C LEU N 58 43.16 6.89 -25.13
N PHE N 59 42.74 7.54 -26.20
CA PHE N 59 41.93 6.87 -27.20
C PHE N 59 42.64 5.66 -27.79
N ASN N 60 43.73 5.86 -28.53
CA ASN N 60 44.36 4.69 -29.13
C ASN N 60 45.23 3.88 -28.16
N ALA N 61 44.98 4.07 -26.86
CA ALA N 61 45.38 3.09 -25.87
C ALA N 61 44.34 1.98 -25.88
N PHE N 62 43.09 2.35 -26.18
CA PHE N 62 42.05 1.39 -26.50
C PHE N 62 42.16 1.04 -27.99
N ASP N 63 41.02 1.15 -28.69
CA ASP N 63 40.86 0.59 -30.04
C ASP N 63 41.52 -0.76 -30.19
N THR N 64 41.53 -1.51 -29.08
CA THR N 64 42.16 -2.83 -29.03
C THR N 64 41.38 -3.81 -29.96
N THR N 65 40.07 -3.59 -30.07
CA THR N 65 39.22 -4.29 -31.03
C THR N 65 39.51 -3.79 -32.46
N GLN N 66 39.97 -2.54 -32.57
CA GLN N 66 40.25 -1.88 -33.87
C GLN N 66 39.01 -1.74 -34.78
N THR N 67 37.89 -1.36 -34.16
CA THR N 67 36.61 -1.19 -34.85
C THR N 67 36.25 0.29 -35.04
N GLY N 68 37.28 1.13 -35.10
CA GLY N 68 37.12 2.59 -35.24
C GLY N 68 36.83 3.35 -33.95
N SER N 69 36.00 2.78 -33.11
CA SER N 69 35.50 3.46 -31.92
C SER N 69 35.50 2.53 -30.72
N VAL N 70 35.41 3.11 -29.52
CA VAL N 70 35.41 2.34 -28.25
C VAL N 70 34.01 2.13 -27.68
N LYS N 71 33.61 0.86 -27.64
CA LYS N 71 32.34 0.46 -27.07
C LYS N 71 32.51 0.27 -25.57
N PHE N 72 31.38 0.25 -24.87
CA PHE N 72 31.33 0.13 -23.41
C PHE N 72 32.11 -1.05 -22.87
N GLU N 73 32.00 -2.21 -23.53
CA GLU N 73 32.68 -3.44 -23.08
C GLU N 73 34.20 -3.26 -22.96
N ASP N 74 34.79 -2.52 -23.91
CA ASP N 74 36.19 -2.10 -23.80
C ASP N 74 36.41 -1.26 -22.53
N PHE N 75 35.60 -0.21 -22.38
CA PHE N 75 35.62 0.67 -21.25
C PHE N 75 35.58 -0.06 -19.92
N VAL N 76 34.76 -1.12 -19.79
CA VAL N 76 34.71 -1.85 -18.50
C VAL N 76 35.82 -2.86 -18.25
N THR N 77 36.35 -3.48 -19.31
CA THR N 77 37.53 -4.32 -19.15
C THR N 77 38.68 -3.45 -18.64
N ALA N 78 38.93 -2.35 -19.37
CA ALA N 78 39.93 -1.35 -19.00
C ALA N 78 39.86 -1.04 -17.52
N LEU N 79 38.64 -0.72 -17.07
CA LEU N 79 38.40 -0.40 -15.68
C LEU N 79 38.56 -1.60 -14.79
N SER N 80 38.12 -2.76 -15.26
CA SER N 80 38.23 -3.97 -14.47
C SER N 80 39.70 -4.23 -14.21
N ILE N 81 40.54 -3.93 -15.19
CA ILE N 81 41.99 -4.09 -15.06
C ILE N 81 42.56 -3.04 -14.13
N LEU N 82 42.26 -1.78 -14.41
CA LEU N 82 42.77 -0.66 -13.63
C LEU N 82 42.35 -0.61 -12.15
N LEU N 83 41.15 -1.10 -11.84
CA LEU N 83 40.68 -1.07 -10.46
C LEU N 83 40.80 -2.39 -9.70
N ARG N 84 40.87 -3.51 -10.39
CA ARG N 84 40.78 -4.81 -9.73
C ARG N 84 41.86 -5.80 -10.12
N GLY N 85 42.40 -5.64 -11.32
CA GLY N 85 43.40 -6.56 -11.85
C GLY N 85 44.68 -6.71 -11.05
N THR N 86 45.48 -7.70 -11.45
CA THR N 86 46.77 -7.92 -10.85
C THR N 86 47.69 -6.73 -11.12
N VAL N 87 48.69 -6.59 -10.27
CA VAL N 87 49.70 -5.53 -10.39
C VAL N 87 50.29 -5.55 -11.79
N HIS N 88 50.73 -6.74 -12.18
CA HIS N 88 51.19 -7.02 -13.53
C HIS N 88 50.24 -6.42 -14.58
N GLU N 89 48.95 -6.73 -14.46
CA GLU N 89 47.93 -6.30 -15.40
C GLU N 89 47.78 -4.79 -15.41
N LYS N 90 47.75 -4.21 -14.22
CA LYS N 90 47.56 -2.78 -14.07
C LYS N 90 48.75 -2.08 -14.70
N LEU N 91 49.93 -2.64 -14.44
CA LEU N 91 51.19 -2.11 -14.93
C LEU N 91 51.36 -2.24 -16.44
N ARG N 92 51.01 -3.41 -16.99
CA ARG N 92 51.09 -3.63 -18.42
C ARG N 92 50.16 -2.65 -19.11
N TRP N 93 49.02 -2.36 -18.46
CA TRP N 93 48.06 -1.40 -19.00
C TRP N 93 48.65 0.00 -19.12
N THR N 94 49.38 0.42 -18.08
CA THR N 94 50.05 1.73 -18.11
C THR N 94 51.11 1.76 -19.19
N PHE N 95 51.88 0.68 -19.29
CA PHE N 95 52.93 0.56 -20.28
C PHE N 95 52.38 0.78 -21.69
N ASN N 96 51.25 0.15 -22.01
CA ASN N 96 50.65 0.27 -23.35
C ASN N 96 50.16 1.67 -23.67
N LEU N 97 49.80 2.41 -22.61
CA LEU N 97 49.42 3.80 -22.75
C LEU N 97 50.65 4.63 -23.10
N TYR N 98 51.75 4.38 -22.41
CA TYR N 98 52.99 5.11 -22.66
C TYR N 98 53.59 4.78 -24.04
N ASP N 99 53.57 3.49 -24.41
CA ASP N 99 54.05 3.05 -25.72
C ASP N 99 53.07 3.49 -26.81
N ILE N 100 53.23 4.78 -27.21
CA ILE N 100 52.27 5.40 -28.15
C ILE N 100 52.16 4.65 -29.44
N ASN N 101 53.25 4.37 -30.11
CA ASN N 101 53.14 3.76 -31.44
C ASN N 101 52.96 2.18 -31.43
N LYS N 102 52.61 1.57 -30.30
CA LYS N 102 52.50 0.11 -30.12
C LYS N 102 53.64 -0.71 -30.74
N ASP N 103 54.76 -0.72 -30.00
CA ASP N 103 55.91 -1.54 -30.39
C ASP N 103 56.65 -2.12 -29.18
N GLY N 104 56.09 -1.95 -28.00
CA GLY N 104 56.60 -2.55 -26.76
C GLY N 104 57.82 -1.87 -26.19
N TYR N 105 58.11 -0.68 -26.72
CA TYR N 105 59.31 0.07 -26.35
C TYR N 105 58.88 1.49 -25.99
N ILE N 106 59.34 2.00 -24.85
CA ILE N 106 59.11 3.41 -24.51
C ILE N 106 60.40 4.21 -24.60
N ASN N 107 60.43 5.20 -25.50
CA ASN N 107 61.61 6.06 -25.65
C ASN N 107 61.36 7.52 -25.22
N LYS N 108 62.45 8.22 -24.87
CA LYS N 108 62.40 9.61 -24.39
C LYS N 108 61.40 10.43 -25.20
N GLU N 109 61.51 10.33 -26.52
CA GLU N 109 60.59 10.92 -27.49
C GLU N 109 59.14 10.89 -27.08
N GLU N 110 58.63 9.70 -26.74
CA GLU N 110 57.20 9.52 -26.52
C GLU N 110 56.75 9.65 -25.06
N MET N 111 57.70 9.52 -24.15
CA MET N 111 57.44 9.78 -22.73
C MET N 111 57.19 11.28 -22.53
N MET N 112 58.00 12.09 -23.21
CA MET N 112 57.84 13.54 -23.27
C MET N 112 56.42 13.93 -23.68
N ASP N 113 55.94 13.32 -24.76
CA ASP N 113 54.57 13.53 -25.21
C ASP N 113 53.56 13.33 -24.09
N ILE N 114 53.66 12.20 -23.38
CA ILE N 114 52.73 11.83 -22.31
C ILE N 114 52.74 12.89 -21.21
N VAL N 115 53.93 13.18 -20.68
CA VAL N 115 54.07 14.11 -19.57
C VAL N 115 53.57 15.52 -19.96
N LYS N 116 53.94 16.00 -21.14
CA LYS N 116 53.43 17.26 -21.68
C LYS N 116 51.90 17.21 -21.80
N ALA N 117 51.40 16.08 -22.32
CA ALA N 117 49.96 15.87 -22.52
C ALA N 117 49.13 15.90 -21.22
N ILE N 118 49.72 15.45 -20.11
CA ILE N 118 49.08 15.50 -18.79
C ILE N 118 49.25 16.88 -18.15
N TYR N 119 50.46 17.43 -18.24
CA TYR N 119 50.73 18.80 -17.81
C TYR N 119 49.72 19.77 -18.43
N ASP N 120 49.45 19.58 -19.72
CA ASP N 120 48.45 20.37 -20.43
C ASP N 120 47.08 20.18 -19.81
N MET N 121 46.72 18.93 -19.51
CA MET N 121 45.42 18.58 -18.94
C MET N 121 45.22 19.31 -17.61
N ASP N 133 60.32 22.98 -10.65
CA ASP N 133 59.84 21.89 -11.52
C ASP N 133 59.98 22.18 -13.02
N THR N 134 60.12 21.12 -13.82
CA THR N 134 60.23 21.20 -15.28
C THR N 134 59.39 20.10 -15.95
N PRO N 135 59.80 19.63 -17.14
CA PRO N 135 59.07 18.56 -17.82
C PRO N 135 60.00 17.59 -18.59
N ARG N 136 61.06 18.15 -19.18
CA ARG N 136 62.21 17.38 -19.66
C ARG N 136 62.87 16.74 -18.45
N GLN N 137 63.15 17.56 -17.43
CA GLN N 137 63.73 17.09 -16.17
C GLN N 137 62.79 16.16 -15.38
N HIS N 138 61.79 15.61 -16.08
CA HIS N 138 60.82 14.69 -15.45
C HIS N 138 60.84 13.33 -16.14
N VAL N 139 61.02 13.34 -17.46
CA VAL N 139 61.30 12.15 -18.24
C VAL N 139 62.68 11.61 -17.84
N ASP N 140 63.60 12.53 -17.59
CA ASP N 140 64.97 12.18 -17.20
C ASP N 140 65.02 11.40 -15.88
N VAL N 141 64.28 11.86 -14.88
CA VAL N 141 64.23 11.14 -13.60
C VAL N 141 63.62 9.74 -13.78
N PHE N 142 62.61 9.67 -14.64
CA PHE N 142 61.95 8.42 -15.03
C PHE N 142 62.94 7.43 -15.63
N PHE N 143 63.60 7.81 -16.72
CA PHE N 143 64.56 6.94 -17.40
C PHE N 143 65.79 6.57 -16.58
N GLN N 144 66.36 7.54 -15.87
CA GLN N 144 67.54 7.28 -15.06
C GLN N 144 67.23 6.36 -13.86
N LYS N 145 65.93 6.18 -13.56
CA LYS N 145 65.48 5.28 -12.48
C LYS N 145 64.48 4.21 -12.96
N MET N 146 64.45 3.95 -14.28
CA MET N 146 63.59 2.91 -14.88
C MET N 146 64.35 2.07 -15.93
N ASP N 147 65.07 2.74 -16.80
CA ASP N 147 65.94 2.12 -17.82
C ASP N 147 67.18 1.57 -17.10
N LYS N 148 67.08 0.27 -16.79
CA LYS N 148 68.11 -0.42 -16.05
C LYS N 148 69.50 -0.35 -16.70
N ASN N 149 69.69 -0.83 -17.93
CA ASN N 149 71.10 -0.87 -18.39
C ASN N 149 71.67 0.43 -19.01
N LYS N 150 70.83 1.49 -19.20
CA LYS N 150 71.19 2.83 -19.73
C LYS N 150 71.35 2.90 -21.26
N ASP N 151 70.54 2.12 -21.97
CA ASP N 151 70.55 2.10 -23.44
C ASP N 151 69.50 3.10 -23.97
N GLY N 152 68.91 3.87 -23.04
CA GLY N 152 67.94 4.92 -23.38
C GLY N 152 66.59 4.42 -23.89
N ILE N 153 66.34 3.13 -23.69
CA ILE N 153 65.12 2.51 -24.17
C ILE N 153 64.57 1.61 -23.04
N VAL N 154 63.32 1.84 -22.64
CA VAL N 154 62.73 1.08 -21.55
C VAL N 154 61.69 0.08 -22.04
N THR N 155 61.93 -1.21 -21.76
CA THR N 155 61.05 -2.28 -22.20
C THR N 155 60.08 -2.68 -21.10
N LEU N 156 59.12 -3.53 -21.45
CA LEU N 156 58.06 -3.90 -20.52
C LEU N 156 58.63 -4.54 -19.28
N ASP N 157 59.52 -5.51 -19.46
CA ASP N 157 60.15 -6.19 -18.33
C ASP N 157 60.97 -5.24 -17.47
N GLU N 158 61.64 -4.28 -18.12
CA GLU N 158 62.41 -3.26 -17.44
C GLU N 158 61.49 -2.39 -16.60
N PHE N 159 60.34 -2.03 -17.18
CA PHE N 159 59.33 -1.22 -16.51
C PHE N 159 58.59 -1.98 -15.41
N LEU N 160 58.34 -3.27 -15.64
CA LEU N 160 57.68 -4.13 -14.65
C LEU N 160 58.54 -4.32 -13.40
N GLU N 161 59.74 -4.87 -13.59
CA GLU N 161 60.66 -5.14 -12.49
C GLU N 161 61.06 -3.86 -11.76
N SER N 162 61.10 -2.75 -12.49
CA SER N 162 61.49 -1.44 -11.96
C SER N 162 60.48 -0.86 -10.96
N CYS N 163 59.20 -1.12 -11.20
CA CYS N 163 58.11 -0.63 -10.37
C CYS N 163 57.87 -1.50 -9.16
N GLN N 164 58.10 -2.81 -9.31
CA GLN N 164 58.00 -3.74 -8.17
C GLN N 164 59.02 -3.38 -7.10
N GLU N 165 60.17 -2.86 -7.52
CA GLU N 165 61.22 -2.44 -6.59
C GLU N 165 60.81 -1.17 -5.83
N ASP N 166 59.85 -0.44 -6.38
CA ASP N 166 59.42 0.86 -5.83
C ASP N 166 58.30 0.72 -4.78
N ASP N 167 58.66 0.62 -3.50
CA ASP N 167 57.67 0.39 -2.44
C ASP N 167 56.38 1.19 -2.56
N ASN N 168 56.48 2.46 -2.97
CA ASN N 168 55.30 3.32 -3.00
C ASN N 168 54.46 3.31 -4.28
N ILE N 169 55.10 3.23 -5.46
CA ILE N 169 54.34 3.02 -6.71
C ILE N 169 53.45 1.79 -6.53
N MET N 170 53.96 0.83 -5.75
CA MET N 170 53.31 -0.43 -5.48
C MET N 170 52.12 -0.32 -4.55
N ARG N 171 52.22 0.51 -3.52
CA ARG N 171 51.10 0.67 -2.58
C ARG N 171 49.95 1.48 -3.19
N SER N 172 50.28 2.29 -4.20
CA SER N 172 49.27 3.03 -4.96
C SER N 172 48.44 2.08 -5.84
N LEU N 173 49.13 1.20 -6.57
CA LEU N 173 48.53 0.24 -7.50
C LEU N 173 47.97 -1.00 -6.80
N GLN N 174 47.57 -0.87 -5.53
CA GLN N 174 46.85 -1.95 -4.86
C GLN N 174 45.63 -1.49 -4.04
N LEU N 175 45.87 -0.65 -3.04
CA LEU N 175 44.78 -0.17 -2.18
C LEU N 175 43.45 -0.23 -2.95
N PHE N 176 42.53 -1.08 -2.48
CA PHE N 176 41.33 -1.48 -3.23
C PHE N 176 40.33 -0.38 -3.54
N GLN N 177 40.23 -0.01 -4.81
CA GLN N 177 39.29 1.00 -5.27
C GLN N 177 37.88 0.40 -5.57
N ASN N 178 36.83 0.95 -4.93
CA ASN N 178 35.46 0.41 -5.09
C ASN N 178 34.34 1.35 -5.53
N VAL N 179 34.51 1.99 -6.69
CA VAL N 179 33.46 2.82 -7.31
C VAL N 179 32.09 2.16 -7.16
N MET N 180 31.17 2.92 -6.55
CA MET N 180 29.87 2.48 -6.03
C MET N 180 29.26 3.66 -5.26
N GLY O 2 -20.45 -9.80 -25.95
CA GLY O 2 -20.37 -10.00 -24.48
C GLY O 2 -19.42 -11.11 -24.08
N LEU O 3 -18.56 -10.84 -23.09
CA LEU O 3 -17.46 -11.75 -22.74
C LEU O 3 -17.85 -13.12 -22.17
N GLU O 4 -18.82 -13.17 -21.26
CA GLU O 4 -19.15 -14.46 -20.65
C GLU O 4 -19.97 -15.40 -21.56
N GLN O 5 -20.60 -14.84 -22.61
CA GLN O 5 -21.15 -15.67 -23.68
C GLN O 5 -20.01 -16.35 -24.40
N LEU O 6 -19.08 -15.54 -24.88
CA LEU O 6 -17.96 -16.03 -25.67
C LEU O 6 -17.22 -17.14 -24.95
N GLU O 7 -17.11 -17.01 -23.64
CA GLU O 7 -16.48 -18.03 -22.81
C GLU O 7 -17.22 -19.35 -22.92
N ALA O 8 -18.55 -19.26 -22.81
CA ALA O 8 -19.40 -20.44 -22.92
C ALA O 8 -19.36 -20.97 -24.36
N GLN O 9 -19.71 -20.12 -25.32
CA GLN O 9 -19.87 -20.54 -26.72
C GLN O 9 -18.59 -20.65 -27.57
N THR O 10 -17.42 -20.66 -26.93
CA THR O 10 -16.19 -20.99 -27.64
C THR O 10 -15.28 -21.75 -26.72
N ASN O 11 -14.15 -22.21 -27.25
CA ASN O 11 -13.22 -23.03 -26.47
C ASN O 11 -12.20 -22.23 -25.71
N PHE O 12 -12.41 -20.93 -25.61
CA PHE O 12 -11.45 -20.09 -24.91
C PHE O 12 -11.88 -19.72 -23.50
N THR O 13 -10.91 -19.56 -22.62
CA THR O 13 -11.20 -19.09 -21.27
C THR O 13 -11.32 -17.59 -21.29
N LYS O 14 -11.89 -17.02 -20.25
CA LYS O 14 -12.03 -15.56 -20.16
C LYS O 14 -10.70 -14.88 -20.33
N ARG O 15 -9.68 -15.47 -19.69
CA ARG O 15 -8.33 -14.95 -19.75
C ARG O 15 -7.89 -14.81 -21.19
N GLU O 16 -8.06 -15.91 -21.94
CA GLU O 16 -7.65 -16.02 -23.34
C GLU O 16 -8.41 -15.04 -24.21
N LEU O 17 -9.73 -15.08 -24.09
CA LEU O 17 -10.59 -14.18 -24.83
C LEU O 17 -10.19 -12.71 -24.69
N GLN O 18 -9.73 -12.32 -23.51
CA GLN O 18 -9.30 -10.95 -23.30
C GLN O 18 -8.08 -10.62 -24.14
N VAL O 19 -7.10 -11.52 -24.14
CA VAL O 19 -5.86 -11.31 -24.87
C VAL O 19 -6.21 -11.20 -26.34
N LEU O 20 -7.07 -12.10 -26.80
CA LEU O 20 -7.55 -12.08 -28.18
C LEU O 20 -8.22 -10.77 -28.50
N TYR O 21 -9.17 -10.33 -27.65
CA TYR O 21 -9.82 -9.04 -27.87
C TYR O 21 -8.85 -7.88 -27.94
N ARG O 22 -7.87 -7.86 -27.04
CA ARG O 22 -6.88 -6.78 -27.00
C ARG O 22 -6.04 -6.82 -28.29
N GLY O 23 -5.82 -8.03 -28.78
CA GLY O 23 -5.19 -8.26 -30.08
C GLY O 23 -6.02 -7.62 -31.18
N PHE O 24 -7.27 -8.04 -31.28
CA PHE O 24 -8.22 -7.51 -32.24
C PHE O 24 -8.38 -5.99 -32.15
N LYS O 25 -8.66 -5.49 -30.95
CA LYS O 25 -8.98 -4.09 -30.76
C LYS O 25 -7.82 -3.20 -31.19
N ASN O 26 -6.65 -3.80 -31.34
CA ASN O 26 -5.49 -3.02 -31.75
C ASN O 26 -5.26 -3.04 -33.23
N GLU O 27 -5.61 -4.15 -33.87
CA GLU O 27 -5.44 -4.28 -35.32
C GLU O 27 -6.51 -3.51 -36.09
N CYS O 28 -7.65 -3.30 -35.46
CA CYS O 28 -8.58 -2.22 -35.84
C CYS O 28 -9.33 -1.75 -34.60
N PRO O 29 -9.19 -0.46 -34.27
CA PRO O 29 -9.96 0.13 -33.19
C PRO O 29 -11.42 0.11 -33.61
N SER O 30 -11.63 0.42 -34.88
CA SER O 30 -12.91 0.28 -35.57
C SER O 30 -13.90 -0.66 -34.86
N GLY O 31 -13.44 -1.85 -34.50
CA GLY O 31 -14.33 -2.89 -33.98
C GLY O 31 -14.97 -3.69 -35.11
N VAL O 32 -15.02 -3.07 -36.28
CA VAL O 32 -15.54 -3.72 -37.49
C VAL O 32 -14.49 -3.83 -38.60
N VAL O 33 -14.21 -5.06 -38.99
CA VAL O 33 -13.19 -5.34 -40.00
C VAL O 33 -13.79 -5.47 -41.40
N ASN O 34 -13.54 -4.46 -42.23
CA ASN O 34 -13.81 -4.56 -43.66
C ASN O 34 -12.58 -5.09 -44.40
N GLU O 35 -12.70 -5.28 -45.67
CA GLU O 35 -11.66 -5.99 -46.43
C GLU O 35 -10.31 -5.24 -46.48
N ASP O 36 -10.40 -3.91 -46.52
CA ASP O 36 -9.23 -3.06 -46.60
C ASP O 36 -8.34 -3.18 -45.38
N THR O 37 -8.95 -3.10 -44.19
CA THR O 37 -8.22 -3.37 -42.95
C THR O 37 -7.63 -4.77 -43.04
N PHE O 38 -8.45 -5.71 -43.54
CA PHE O 38 -8.14 -7.10 -43.70
C PHE O 38 -6.86 -7.29 -44.51
N LYS O 39 -6.81 -6.58 -45.63
CA LYS O 39 -5.64 -6.55 -46.48
C LYS O 39 -4.42 -6.04 -45.71
N GLN O 40 -4.49 -4.80 -45.24
CA GLN O 40 -3.33 -4.17 -44.61
C GLN O 40 -2.93 -4.81 -43.28
N ILE O 41 -3.83 -5.60 -42.69
CA ILE O 41 -3.48 -6.38 -41.48
C ILE O 41 -2.50 -7.52 -41.84
N TYR O 42 -2.41 -7.86 -43.13
CA TYR O 42 -1.44 -8.84 -43.62
C TYR O 42 -0.22 -8.22 -44.29
N ALA O 43 -0.33 -6.92 -44.60
CA ALA O 43 0.81 -6.16 -45.12
C ALA O 43 2.05 -6.48 -44.29
N GLN O 44 1.86 -6.64 -42.97
CA GLN O 44 2.95 -7.02 -42.07
C GLN O 44 3.31 -8.48 -42.26
N PHE O 45 2.30 -9.35 -42.18
CA PHE O 45 2.47 -10.81 -42.26
C PHE O 45 3.76 -11.24 -42.95
N PHE O 46 3.99 -10.70 -44.15
CA PHE O 46 5.22 -10.93 -44.92
C PHE O 46 5.86 -9.59 -45.34
N PRO O 47 7.21 -9.55 -45.46
CA PRO O 47 7.92 -8.31 -45.80
C PRO O 47 7.50 -7.69 -47.15
N HIS O 48 8.21 -8.01 -48.23
CA HIS O 48 7.79 -7.51 -49.54
C HIS O 48 7.04 -8.56 -50.37
N GLY O 49 5.85 -8.88 -49.88
CA GLY O 49 4.88 -9.70 -50.59
C GLY O 49 3.56 -8.96 -50.62
N ASP O 50 2.61 -9.46 -51.41
CA ASP O 50 1.30 -8.82 -51.56
C ASP O 50 0.16 -9.78 -51.24
N ALA O 51 -0.49 -9.57 -50.10
CA ALA O 51 -1.60 -10.42 -49.66
C ALA O 51 -2.95 -9.80 -50.01
N SER O 52 -2.95 -8.85 -50.93
CA SER O 52 -4.17 -8.18 -51.35
C SER O 52 -5.25 -9.18 -51.76
N THR O 53 -4.91 -10.04 -52.73
CA THR O 53 -5.90 -10.98 -53.31
C THR O 53 -6.37 -12.02 -52.33
N TYR O 54 -5.47 -12.52 -51.48
CA TYR O 54 -5.83 -13.45 -50.43
C TYR O 54 -6.79 -12.86 -49.36
N ALA O 55 -6.56 -11.61 -48.97
CA ALA O 55 -7.45 -10.88 -48.06
C ALA O 55 -8.90 -11.02 -48.46
N HIS O 56 -9.15 -10.95 -49.78
CA HIS O 56 -10.50 -11.06 -50.36
C HIS O 56 -11.12 -12.42 -50.11
N TYR O 57 -10.34 -13.47 -50.33
CA TYR O 57 -10.81 -14.83 -50.10
C TYR O 57 -11.02 -15.09 -48.60
N LEU O 58 -10.11 -14.59 -47.77
CA LEU O 58 -10.28 -14.68 -46.35
C LEU O 58 -11.52 -13.96 -45.90
N PHE O 59 -11.76 -12.78 -46.45
CA PHE O 59 -12.90 -12.00 -46.03
C PHE O 59 -14.21 -12.73 -46.26
N ASN O 60 -14.58 -13.03 -47.50
CA ASN O 60 -15.84 -13.74 -47.71
C ASN O 60 -15.75 -15.25 -47.44
N ALA O 61 -14.74 -15.64 -46.68
CA ALA O 61 -14.76 -16.91 -45.96
C ALA O 61 -15.55 -16.71 -44.68
N PHE O 62 -15.48 -15.50 -44.14
CA PHE O 62 -16.40 -15.07 -43.10
C PHE O 62 -17.66 -14.53 -43.77
N ASP O 63 -18.07 -13.32 -43.37
CA ASP O 63 -19.40 -12.77 -43.67
C ASP O 63 -20.50 -13.83 -43.54
N THR O 64 -20.29 -14.76 -42.61
CA THR O 64 -21.21 -15.88 -42.39
C THR O 64 -22.54 -15.33 -41.83
N THR O 65 -22.44 -14.25 -41.04
CA THR O 65 -23.61 -13.48 -40.59
C THR O 65 -24.22 -12.71 -41.77
N GLN O 66 -23.38 -12.36 -42.76
CA GLN O 66 -23.78 -11.57 -43.95
C GLN O 66 -24.28 -10.16 -43.59
N THR O 67 -23.55 -9.51 -42.69
CA THR O 67 -23.91 -8.17 -42.21
C THR O 67 -22.96 -7.11 -42.79
N GLY O 68 -22.41 -7.42 -43.97
CA GLY O 68 -21.47 -6.54 -44.67
C GLY O 68 -20.04 -6.62 -44.17
N SER O 69 -19.87 -6.72 -42.85
CA SER O 69 -18.56 -6.65 -42.21
C SER O 69 -18.40 -7.73 -41.15
N VAL O 70 -17.15 -8.02 -40.78
CA VAL O 70 -16.86 -9.05 -39.76
C VAL O 70 -16.61 -8.47 -38.39
N LYS O 71 -17.52 -8.80 -37.47
CA LYS O 71 -17.38 -8.42 -36.07
C LYS O 71 -16.46 -9.39 -35.32
N PHE O 72 -15.98 -8.97 -34.16
CA PHE O 72 -15.04 -9.74 -33.34
C PHE O 72 -15.55 -11.15 -33.05
N GLU O 73 -16.83 -11.28 -32.69
CA GLU O 73 -17.40 -12.60 -32.35
C GLU O 73 -17.19 -13.65 -33.46
N ASP O 74 -17.30 -13.20 -34.72
CA ASP O 74 -16.99 -14.04 -35.89
C ASP O 74 -15.54 -14.48 -35.83
N PHE O 75 -14.65 -13.49 -35.68
CA PHE O 75 -13.21 -13.68 -35.57
C PHE O 75 -12.82 -14.68 -34.48
N VAL O 76 -13.49 -14.64 -33.32
CA VAL O 76 -13.14 -15.61 -32.27
C VAL O 76 -13.70 -17.03 -32.45
N THR O 77 -14.91 -17.15 -33.00
CA THR O 77 -15.40 -18.48 -33.38
C THR O 77 -14.42 -19.10 -34.37
N ALA O 78 -14.14 -18.35 -35.43
CA ALA O 78 -13.22 -18.78 -36.46
C ALA O 78 -11.97 -19.34 -35.83
N LEU O 79 -11.41 -18.57 -34.90
CA LEU O 79 -10.20 -18.98 -34.19
C LEU O 79 -10.39 -20.15 -33.25
N SER O 80 -11.56 -20.18 -32.60
CA SER O 80 -11.92 -21.26 -31.69
C SER O 80 -11.96 -22.59 -32.47
N ILE O 81 -12.43 -22.51 -33.72
CA ILE O 81 -12.49 -23.68 -34.61
C ILE O 81 -11.07 -24.04 -35.03
N LEU O 82 -10.34 -23.05 -35.56
CA LEU O 82 -9.02 -23.27 -36.12
C LEU O 82 -7.96 -23.75 -35.13
N LEU O 83 -8.06 -23.31 -33.88
CA LEU O 83 -7.07 -23.68 -32.86
C LEU O 83 -7.49 -24.80 -31.91
N ARG O 84 -8.79 -25.03 -31.77
CA ARG O 84 -9.31 -25.93 -30.72
C ARG O 84 -10.35 -26.95 -31.18
N GLY O 85 -11.08 -26.63 -32.25
CA GLY O 85 -12.14 -27.49 -32.74
C GLY O 85 -11.69 -28.87 -33.20
N THR O 86 -12.66 -29.72 -33.50
CA THR O 86 -12.44 -31.06 -33.99
C THR O 86 -11.81 -31.01 -35.37
N VAL O 87 -11.11 -32.09 -35.73
CA VAL O 87 -10.45 -32.24 -37.05
C VAL O 87 -11.41 -31.95 -38.17
N HIS O 88 -12.56 -32.59 -38.08
CA HIS O 88 -13.67 -32.30 -38.96
C HIS O 88 -13.93 -30.80 -39.10
N GLU O 89 -14.08 -30.10 -37.96
CA GLU O 89 -14.41 -28.69 -37.93
C GLU O 89 -13.31 -27.83 -38.53
N LYS O 90 -12.07 -28.12 -38.16
CA LYS O 90 -10.92 -27.41 -38.67
C LYS O 90 -10.88 -27.62 -40.20
N LEU O 91 -11.14 -28.85 -40.64
CA LEU O 91 -11.10 -29.24 -42.06
C LEU O 91 -12.25 -28.66 -42.87
N ARG O 92 -13.44 -28.70 -42.31
CA ARG O 92 -14.60 -28.10 -42.98
C ARG O 92 -14.34 -26.61 -43.16
N TRP O 93 -13.70 -25.99 -42.16
CA TRP O 93 -13.35 -24.58 -42.24
C TRP O 93 -12.40 -24.25 -43.41
N THR O 94 -11.37 -25.08 -43.61
CA THR O 94 -10.45 -24.90 -44.73
C THR O 94 -11.21 -25.10 -46.04
N PHE O 95 -12.08 -26.11 -46.07
CA PHE O 95 -12.87 -26.39 -47.25
C PHE O 95 -13.67 -25.16 -47.68
N ASN O 96 -14.33 -24.51 -46.74
CA ASN O 96 -15.15 -23.36 -47.09
C ASN O 96 -14.36 -22.18 -47.58
N LEU O 97 -13.10 -22.13 -47.17
CA LEU O 97 -12.18 -21.10 -47.64
C LEU O 97 -11.81 -21.38 -49.11
N TYR O 98 -11.56 -22.64 -49.42
CA TYR O 98 -11.22 -23.01 -50.77
C TYR O 98 -12.40 -22.87 -51.74
N ASP O 99 -13.58 -23.28 -51.30
CA ASP O 99 -14.81 -23.16 -52.08
C ASP O 99 -15.24 -21.69 -52.15
N ILE O 100 -14.59 -20.97 -53.09
CA ILE O 100 -14.77 -19.50 -53.20
C ILE O 100 -16.20 -19.12 -53.40
N ASN O 101 -16.89 -19.67 -54.37
CA ASN O 101 -18.24 -19.19 -54.66
C ASN O 101 -19.37 -19.83 -53.75
N LYS O 102 -19.04 -20.47 -52.64
CA LYS O 102 -19.97 -21.19 -51.75
C LYS O 102 -21.00 -22.06 -52.47
N ASP O 103 -20.51 -23.24 -52.88
CA ASP O 103 -21.39 -24.26 -53.48
C ASP O 103 -20.98 -25.68 -53.11
N GLY O 104 -20.07 -25.82 -52.19
CA GLY O 104 -19.66 -27.12 -51.66
C GLY O 104 -18.81 -27.95 -52.61
N TYR O 105 -18.30 -27.31 -53.64
CA TYR O 105 -17.50 -27.96 -54.67
C TYR O 105 -16.22 -27.18 -54.91
N ILE O 106 -15.06 -27.85 -54.90
CA ILE O 106 -13.79 -27.18 -55.24
C ILE O 106 -13.29 -27.66 -56.60
N ASN O 107 -13.18 -26.74 -57.55
CA ASN O 107 -12.68 -27.07 -58.90
C ASN O 107 -11.33 -26.43 -59.22
N LYS O 108 -10.60 -27.05 -60.16
CA LYS O 108 -9.26 -26.57 -60.57
C LYS O 108 -9.20 -25.05 -60.70
N GLU O 109 -10.22 -24.50 -61.37
CA GLU O 109 -10.44 -23.06 -61.50
C GLU O 109 -10.16 -22.23 -60.24
N GLU O 110 -10.77 -22.61 -59.11
CA GLU O 110 -10.71 -21.81 -57.87
C GLU O 110 -9.60 -22.19 -56.90
N MET O 111 -9.07 -23.39 -57.04
CA MET O 111 -7.92 -23.82 -56.26
C MET O 111 -6.67 -23.04 -56.71
N MET O 112 -6.56 -22.86 -58.03
CA MET O 112 -5.54 -22.01 -58.68
C MET O 112 -5.53 -20.61 -58.08
N ASP O 113 -6.71 -20.02 -57.98
CA ASP O 113 -6.86 -18.72 -57.34
C ASP O 113 -6.21 -18.71 -55.96
N ILE O 114 -6.56 -19.69 -55.12
CA ILE O 114 -6.08 -19.76 -53.75
C ILE O 114 -4.57 -19.83 -53.73
N VAL O 115 -4.03 -20.80 -54.46
CA VAL O 115 -2.59 -21.02 -54.46
C VAL O 115 -1.84 -19.79 -54.97
N LYS O 116 -2.31 -19.21 -56.08
CA LYS O 116 -1.75 -17.95 -56.58
C LYS O 116 -1.85 -16.85 -55.51
N ALA O 117 -3.01 -16.75 -54.87
CA ALA O 117 -3.27 -15.72 -53.85
C ALA O 117 -2.35 -15.80 -52.63
N ILE O 118 -1.95 -17.01 -52.25
CA ILE O 118 -0.97 -17.21 -51.16
C ILE O 118 0.48 -17.01 -51.65
N TYR O 119 0.79 -17.55 -52.83
CA TYR O 119 2.08 -17.32 -53.45
C TYR O 119 2.35 -15.83 -53.54
N ASP O 120 1.34 -15.06 -53.93
CA ASP O 120 1.44 -13.61 -53.98
C ASP O 120 1.73 -13.05 -52.58
N MET O 121 1.04 -13.56 -51.57
CA MET O 121 1.19 -13.07 -50.20
C MET O 121 2.64 -13.22 -49.73
N MET O 122 3.31 -14.30 -50.09
CA MET O 122 4.67 -14.46 -49.62
C MET O 122 5.68 -13.82 -50.61
N GLY O 123 6.65 -13.08 -50.07
CA GLY O 123 7.63 -12.36 -50.90
C GLY O 123 8.43 -13.25 -51.84
N ASP O 133 7.56 -23.18 -56.26
CA ASP O 133 6.79 -22.18 -57.07
C ASP O 133 6.44 -22.73 -58.47
N THR O 134 5.65 -23.80 -58.47
CA THR O 134 4.97 -24.29 -59.67
C THR O 134 3.49 -24.49 -59.30
N PRO O 135 2.74 -23.39 -59.38
CA PRO O 135 1.36 -23.31 -58.91
C PRO O 135 0.28 -24.04 -59.73
N ARG O 136 0.46 -24.20 -61.05
CA ARG O 136 -0.38 -25.12 -61.85
C ARG O 136 -0.02 -26.54 -61.38
N GLN O 137 1.27 -26.85 -61.45
CA GLN O 137 1.82 -28.14 -61.02
C GLN O 137 1.70 -28.34 -59.50
N HIS O 138 0.83 -27.54 -58.87
CA HIS O 138 0.60 -27.63 -57.43
C HIS O 138 -0.87 -27.96 -57.10
N VAL O 139 -1.77 -27.40 -57.90
CA VAL O 139 -3.19 -27.77 -57.93
C VAL O 139 -3.31 -29.20 -58.43
N ASP O 140 -2.50 -29.53 -59.43
CA ASP O 140 -2.52 -30.86 -60.01
C ASP O 140 -2.16 -31.94 -59.01
N VAL O 141 -1.13 -31.71 -58.19
CA VAL O 141 -0.76 -32.71 -57.17
C VAL O 141 -1.87 -32.86 -56.14
N PHE O 142 -2.50 -31.74 -55.81
CA PHE O 142 -3.66 -31.68 -54.93
C PHE O 142 -4.80 -32.55 -55.45
N PHE O 143 -5.29 -32.26 -56.66
CA PHE O 143 -6.41 -32.99 -57.26
C PHE O 143 -6.13 -34.48 -57.49
N GLN O 144 -4.95 -34.78 -58.03
CA GLN O 144 -4.57 -36.16 -58.35
C GLN O 144 -4.41 -36.99 -57.07
N LYS O 145 -4.34 -36.31 -55.92
CA LYS O 145 -4.25 -36.98 -54.62
C LYS O 145 -5.34 -36.54 -53.63
N MET O 146 -6.43 -35.98 -54.15
CA MET O 146 -7.58 -35.56 -53.32
C MET O 146 -8.91 -35.96 -53.97
N ASP O 147 -9.05 -35.69 -55.26
CA ASP O 147 -10.21 -36.07 -56.08
C ASP O 147 -10.13 -37.59 -56.32
N LYS O 148 -10.85 -38.31 -55.46
CA LYS O 148 -10.87 -39.74 -55.48
C LYS O 148 -11.28 -40.36 -56.83
N ASN O 149 -12.48 -40.08 -57.35
CA ASN O 149 -12.84 -40.84 -58.56
C ASN O 149 -12.33 -40.31 -59.92
N LYS O 150 -11.68 -39.10 -59.94
CA LYS O 150 -11.08 -38.43 -61.12
C LYS O 150 -12.09 -37.71 -62.04
N ASP O 151 -13.13 -37.14 -61.44
CA ASP O 151 -14.16 -36.39 -62.17
C ASP O 151 -13.79 -34.90 -62.18
N GLY O 152 -12.57 -34.61 -61.68
CA GLY O 152 -12.06 -33.23 -61.71
C GLY O 152 -12.75 -32.27 -60.74
N ILE O 153 -13.53 -32.82 -59.81
CA ILE O 153 -14.29 -32.01 -58.87
C ILE O 153 -14.14 -32.63 -57.49
N VAL O 154 -13.69 -31.84 -56.52
CA VAL O 154 -13.48 -32.35 -55.15
C VAL O 154 -14.56 -31.85 -54.18
N THR O 155 -15.27 -32.80 -53.58
CA THR O 155 -16.35 -32.50 -52.64
C THR O 155 -15.87 -32.56 -51.19
N LEU O 156 -16.71 -32.10 -50.27
CA LEU O 156 -16.32 -32.02 -48.86
C LEU O 156 -15.93 -33.40 -48.36
N ASP O 157 -16.78 -34.39 -48.61
CA ASP O 157 -16.51 -35.73 -48.15
C ASP O 157 -15.24 -36.29 -48.77
N GLU O 158 -15.02 -35.95 -50.04
CA GLU O 158 -13.82 -36.37 -50.75
C GLU O 158 -12.58 -35.75 -50.09
N PHE O 159 -12.68 -34.47 -49.72
CA PHE O 159 -11.60 -33.72 -49.08
C PHE O 159 -11.39 -34.16 -47.63
N LEU O 160 -12.49 -34.47 -46.94
CA LEU O 160 -12.43 -34.92 -45.55
C LEU O 160 -11.70 -36.25 -45.44
N GLU O 161 -12.26 -37.28 -46.11
CA GLU O 161 -11.71 -38.65 -46.09
C GLU O 161 -10.28 -38.73 -46.64
N SER O 162 -9.98 -37.84 -47.59
CA SER O 162 -8.66 -37.74 -48.23
C SER O 162 -7.55 -37.25 -47.28
N CYS O 163 -7.89 -36.33 -46.39
CA CYS O 163 -6.95 -35.77 -45.43
C CYS O 163 -6.73 -36.63 -44.20
N GLN O 164 -7.78 -37.35 -43.77
CA GLN O 164 -7.68 -38.33 -42.66
C GLN O 164 -6.70 -39.44 -43.03
N GLU O 165 -6.67 -39.81 -44.32
CA GLU O 165 -5.72 -40.78 -44.84
C GLU O 165 -4.27 -40.28 -44.76
N ASP O 166 -4.11 -38.95 -44.77
CA ASP O 166 -2.79 -38.32 -44.84
C ASP O 166 -2.06 -38.22 -43.50
N ASP O 167 -1.27 -39.27 -43.28
CA ASP O 167 -0.17 -39.37 -42.32
C ASP O 167 0.16 -38.12 -41.50
N ASN O 168 0.39 -37.01 -42.19
CA ASN O 168 0.97 -35.79 -41.65
C ASN O 168 0.08 -34.58 -41.75
N ILE O 169 -0.77 -34.56 -42.78
CA ILE O 169 -1.87 -33.58 -42.91
C ILE O 169 -2.97 -33.91 -41.89
N MET O 170 -2.58 -34.57 -40.80
CA MET O 170 -3.41 -34.84 -39.63
C MET O 170 -2.68 -34.59 -38.33
N ARG O 171 -1.55 -35.27 -38.16
CA ARG O 171 -0.60 -34.97 -37.10
C ARG O 171 -0.29 -33.47 -37.18
N SER O 172 -0.64 -32.86 -38.31
CA SER O 172 -0.54 -31.44 -38.54
C SER O 172 -1.57 -30.72 -37.69
N LEU O 173 -2.81 -30.78 -38.17
CA LEU O 173 -3.95 -30.09 -37.54
C LEU O 173 -4.45 -30.85 -36.33
N GLN O 174 -3.59 -30.98 -35.33
CA GLN O 174 -3.96 -31.37 -33.95
C GLN O 174 -3.01 -30.73 -32.93
N LEU O 175 -1.71 -31.03 -33.08
CA LEU O 175 -0.64 -30.43 -32.29
C LEU O 175 -1.04 -29.05 -31.73
N PHE O 176 -1.54 -29.09 -30.50
CA PHE O 176 -2.04 -27.97 -29.64
C PHE O 176 -1.66 -26.50 -30.02
N GLN O 177 -2.59 -25.57 -29.81
CA GLN O 177 -2.25 -24.13 -29.90
C GLN O 177 -2.60 -23.31 -28.62
N ASN O 178 -1.62 -22.51 -28.18
CA ASN O 178 -1.75 -21.65 -26.99
C ASN O 178 -1.43 -20.18 -27.33
N GLY P 2 -24.33 24.04 5.74
CA GLY P 2 -23.37 23.17 6.51
C GLY P 2 -23.85 21.74 6.63
N LEU P 3 -22.95 20.78 6.46
CA LEU P 3 -23.30 19.36 6.33
C LEU P 3 -23.85 18.64 7.57
N GLU P 4 -23.25 18.86 8.73
CA GLU P 4 -23.73 18.16 9.92
C GLU P 4 -25.03 18.72 10.50
N GLN P 5 -25.39 19.96 10.14
CA GLN P 5 -26.73 20.48 10.42
C GLN P 5 -27.72 19.67 9.61
N LEU P 6 -27.52 19.68 8.29
CA LEU P 6 -28.39 19.00 7.35
C LEU P 6 -28.63 17.56 7.76
N GLU P 7 -27.59 16.90 8.22
CA GLU P 7 -27.73 15.53 8.73
C GLU P 7 -28.73 15.46 9.88
N ALA P 8 -28.61 16.39 10.82
CA ALA P 8 -29.51 16.45 11.96
C ALA P 8 -30.91 16.85 11.51
N GLN P 9 -31.03 18.00 10.85
CA GLN P 9 -32.34 18.61 10.48
C GLN P 9 -33.03 18.05 9.19
N THR P 10 -32.58 16.93 8.64
CA THR P 10 -33.33 16.22 7.58
C THR P 10 -33.23 14.72 7.80
N ASN P 11 -33.87 13.96 6.93
CA ASN P 11 -33.89 12.51 7.08
C ASN P 11 -32.77 11.79 6.35
N PHE P 12 -31.75 12.53 5.93
CA PHE P 12 -30.67 11.95 5.17
C PHE P 12 -29.42 11.76 6.01
N THR P 13 -28.68 10.70 5.72
CA THR P 13 -27.37 10.47 6.32
C THR P 13 -26.32 11.34 5.62
N LYS P 14 -25.17 11.55 6.27
CA LYS P 14 -24.09 12.35 5.69
C LYS P 14 -23.75 11.82 4.32
N ARG P 15 -23.62 10.49 4.22
CA ARG P 15 -23.37 9.81 2.96
C ARG P 15 -24.33 10.30 1.87
N GLU P 16 -25.63 10.20 2.15
CA GLU P 16 -26.68 10.54 1.20
C GLU P 16 -26.60 11.98 0.84
N LEU P 17 -26.52 12.83 1.86
CA LEU P 17 -26.47 14.27 1.64
C LEU P 17 -25.35 14.66 0.69
N GLN P 18 -24.23 13.96 0.77
CA GLN P 18 -23.13 14.24 -0.13
C GLN P 18 -23.51 13.96 -1.58
N VAL P 19 -24.13 12.81 -1.81
CA VAL P 19 -24.50 12.40 -3.14
C VAL P 19 -25.44 13.43 -3.68
N LEU P 20 -26.38 13.83 -2.85
CA LEU P 20 -27.34 14.84 -3.22
C LEU P 20 -26.69 16.17 -3.57
N TYR P 21 -25.77 16.63 -2.71
CA TYR P 21 -25.00 17.84 -3.02
C TYR P 21 -24.25 17.76 -4.32
N ARG P 22 -23.57 16.64 -4.57
CA ARG P 22 -22.81 16.48 -5.80
C ARG P 22 -23.73 16.49 -7.03
N GLY P 23 -24.94 15.97 -6.81
CA GLY P 23 -26.01 16.04 -7.79
C GLY P 23 -26.34 17.48 -8.08
N PHE P 24 -26.73 18.21 -7.03
CA PHE P 24 -27.06 19.64 -7.12
C PHE P 24 -25.93 20.47 -7.70
N LYS P 25 -24.73 20.34 -7.14
CA LYS P 25 -23.62 21.18 -7.52
C LYS P 25 -23.30 21.03 -9.01
N ASN P 26 -23.82 19.98 -9.63
CA ASN P 26 -23.58 19.75 -11.06
C ASN P 26 -24.66 20.29 -11.95
N GLU P 27 -25.89 20.29 -11.45
CA GLU P 27 -27.01 20.81 -12.24
C GLU P 27 -27.00 22.32 -12.25
N CYS P 28 -26.42 22.91 -11.21
CA CYS P 28 -25.95 24.29 -11.27
C CYS P 28 -24.72 24.46 -10.38
N PRO P 29 -23.59 24.87 -10.97
CA PRO P 29 -22.40 25.19 -10.19
C PRO P 29 -22.71 26.42 -9.36
N SER P 30 -23.39 27.37 -10.00
CA SER P 30 -24.02 28.53 -9.38
C SER P 30 -24.21 28.40 -7.85
N GLY P 31 -24.77 27.27 -7.40
CA GLY P 31 -25.13 27.12 -6.00
C GLY P 31 -26.50 27.74 -5.70
N VAL P 32 -26.91 28.68 -6.55
CA VAL P 32 -28.24 29.31 -6.47
C VAL P 32 -29.07 29.08 -7.72
N VAL P 33 -30.22 28.43 -7.50
CA VAL P 33 -31.15 28.06 -8.58
C VAL P 33 -32.24 29.10 -8.77
N ASN P 34 -32.13 29.82 -9.89
CA ASN P 34 -33.22 30.68 -10.35
C ASN P 34 -34.10 29.89 -11.31
N GLU P 35 -35.14 30.49 -11.76
CA GLU P 35 -36.18 29.75 -12.49
C GLU P 35 -35.67 29.21 -13.84
N ASP P 36 -34.79 29.99 -14.48
CA ASP P 36 -34.21 29.66 -15.79
C ASP P 36 -33.42 28.37 -15.77
N THR P 37 -32.52 28.23 -14.79
CA THR P 37 -31.84 26.95 -14.51
C THR P 37 -32.89 25.88 -14.25
N PHE P 38 -33.89 26.26 -13.47
CA PHE P 38 -34.95 25.39 -13.06
C PHE P 38 -35.63 24.76 -14.27
N LYS P 39 -35.93 25.63 -15.24
CA LYS P 39 -36.56 25.25 -16.50
C LYS P 39 -35.68 24.29 -17.30
N GLN P 40 -34.45 24.70 -17.55
CA GLN P 40 -33.53 23.91 -18.38
C GLN P 40 -33.03 22.64 -17.67
N ILE P 41 -33.17 22.58 -16.36
CA ILE P 41 -32.89 21.35 -15.61
C ILE P 41 -33.94 20.24 -15.89
N TYR P 42 -35.11 20.64 -16.41
CA TYR P 42 -36.11 19.68 -16.86
C TYR P 42 -36.13 19.50 -18.38
N ALA P 43 -35.46 20.40 -19.10
CA ALA P 43 -35.32 20.21 -20.55
C ALA P 43 -34.94 18.76 -20.84
N GLN P 44 -34.10 18.16 -19.99
CA GLN P 44 -33.71 16.76 -20.16
C GLN P 44 -34.86 15.86 -19.77
N PHE P 45 -35.42 16.11 -18.59
CA PHE P 45 -36.51 15.28 -18.00
C PHE P 45 -37.28 14.48 -19.07
N PHE P 46 -37.72 15.20 -20.11
CA PHE P 46 -38.47 14.59 -21.19
C PHE P 46 -37.88 15.03 -22.50
N PRO P 47 -37.91 14.18 -23.54
CA PRO P 47 -37.28 14.47 -24.83
C PRO P 47 -37.80 15.74 -25.49
N HIS P 48 -38.80 15.60 -26.34
CA HIS P 48 -39.37 16.77 -27.00
C HIS P 48 -40.71 17.19 -26.38
N GLY P 49 -40.57 17.65 -25.14
CA GLY P 49 -41.66 18.27 -24.39
C GLY P 49 -41.19 19.60 -23.83
N ASP P 50 -42.11 20.39 -23.27
CA ASP P 50 -41.77 21.71 -22.76
C ASP P 50 -42.21 21.89 -21.30
N ALA P 51 -41.25 21.94 -20.40
CA ALA P 51 -41.56 22.05 -18.98
C ALA P 51 -41.37 23.48 -18.53
N SER P 52 -41.32 24.39 -19.48
CA SER P 52 -41.15 25.78 -19.14
C SER P 52 -42.16 26.27 -18.11
N THR P 53 -43.45 26.03 -18.37
CA THR P 53 -44.51 26.57 -17.51
C THR P 53 -44.53 25.89 -16.14
N TYR P 54 -44.25 24.60 -16.10
CA TYR P 54 -44.22 23.88 -14.84
C TYR P 54 -43.07 24.33 -13.95
N ALA P 55 -41.91 24.60 -14.54
CA ALA P 55 -40.77 25.13 -13.82
C ALA P 55 -41.18 26.30 -12.93
N HIS P 56 -42.07 27.13 -13.44
CA HIS P 56 -42.54 28.34 -12.73
C HIS P 56 -43.31 27.97 -11.48
N TYR P 57 -44.20 27.00 -11.63
CA TYR P 57 -45.00 26.56 -10.50
C TYR P 57 -44.12 25.87 -9.48
N LEU P 58 -43.17 25.06 -9.97
CA LEU P 58 -42.20 24.41 -9.10
C LEU P 58 -41.38 25.42 -8.34
N PHE P 59 -40.95 26.48 -9.02
CA PHE P 59 -40.11 27.48 -8.38
C PHE P 59 -40.82 28.13 -7.23
N ASN P 60 -41.95 28.80 -7.47
CA ASN P 60 -42.54 29.47 -6.30
C ASN P 60 -43.37 28.57 -5.42
N ALA P 61 -43.14 27.27 -5.56
CA ALA P 61 -43.54 26.29 -4.55
C ALA P 61 -42.49 26.33 -3.46
N PHE P 62 -41.23 26.58 -3.86
CA PHE P 62 -40.16 26.95 -2.93
C PHE P 62 -40.29 28.46 -2.65
N ASP P 63 -39.18 29.18 -2.80
CA ASP P 63 -39.00 30.53 -2.26
C ASP P 63 -39.64 30.70 -0.88
N THR P 64 -39.67 29.61 -0.11
CA THR P 64 -40.27 29.61 1.22
C THR P 64 -39.47 30.57 2.14
N THR P 65 -38.15 30.62 1.94
CA THR P 65 -37.29 31.62 2.59
C THR P 65 -37.59 33.03 2.04
N GLN P 66 -38.07 33.08 0.80
CA GLN P 66 -38.35 34.35 0.08
C GLN P 66 -37.12 35.25 -0.10
N THR P 67 -36.00 34.62 -0.48
CA THR P 67 -34.72 35.31 -0.67
C THR P 67 -34.38 35.47 -2.17
N GLY P 68 -35.43 35.50 -3.00
CA GLY P 68 -35.33 35.64 -4.45
C GLY P 68 -35.01 34.36 -5.18
N SER P 69 -34.14 33.55 -4.58
CA SER P 69 -33.62 32.32 -5.20
C SER P 69 -33.61 31.12 -4.23
N VAL P 70 -33.58 29.90 -4.77
CA VAL P 70 -33.58 28.69 -3.96
C VAL P 70 -32.19 28.13 -3.75
N LYS P 71 -31.75 28.14 -2.50
CA LYS P 71 -30.49 27.55 -2.11
C LYS P 71 -30.63 26.03 -1.90
N PHE P 72 -29.50 25.34 -1.88
CA PHE P 72 -29.46 23.89 -1.73
C PHE P 72 -30.23 23.38 -0.50
N GLU P 73 -30.10 24.06 0.63
CA GLU P 73 -30.77 23.62 1.88
C GLU P 73 -32.29 23.52 1.70
N ASP P 74 -32.86 24.45 0.94
CA ASP P 74 -34.26 24.36 0.55
C ASP P 74 -34.49 23.08 -0.24
N PHE P 75 -33.68 22.91 -1.28
CA PHE P 75 -33.74 21.73 -2.13
C PHE P 75 -33.68 20.40 -1.36
N VAL P 76 -32.87 20.31 -0.30
CA VAL P 76 -32.80 19.04 0.47
C VAL P 76 -33.94 18.81 1.46
N THR P 77 -34.42 19.88 2.09
CA THR P 77 -35.62 19.76 2.92
C THR P 77 -36.77 19.24 2.06
N ALA P 78 -37.03 19.97 0.98
CA ALA P 78 -38.01 19.58 -0.03
C ALA P 78 -37.93 18.06 -0.34
N LEU P 79 -36.73 17.60 -0.66
CA LEU P 79 -36.54 16.20 -0.91
C LEU P 79 -36.68 15.32 0.32
N SER P 80 -36.25 15.84 1.47
CA SER P 80 -36.33 15.08 2.71
C SER P 80 -37.79 14.87 3.03
N ILE P 81 -38.64 15.83 2.63
CA ILE P 81 -40.10 15.71 2.83
C ILE P 81 -40.68 14.72 1.85
N LEU P 82 -40.40 14.96 0.58
CA LEU P 82 -40.93 14.14 -0.50
C LEU P 82 -40.52 12.69 -0.50
N LEU P 83 -39.31 12.36 -0.03
CA LEU P 83 -38.84 10.96 -0.04
C LEU P 83 -38.97 10.26 1.30
N ARG P 84 -39.02 11.00 2.40
CA ARG P 84 -38.91 10.37 3.72
C ARG P 84 -39.96 10.81 4.73
N GLY P 85 -40.45 12.04 4.51
CA GLY P 85 -41.45 12.64 5.41
C GLY P 85 -42.70 11.79 5.65
N THR P 86 -43.50 12.22 6.61
CA THR P 86 -44.82 11.63 6.86
C THR P 86 -45.79 11.85 5.68
N VAL P 87 -46.77 10.96 5.54
CA VAL P 87 -47.79 11.06 4.50
C VAL P 87 -48.38 12.43 4.55
N HIS P 88 -48.77 12.88 5.73
CA HIS P 88 -49.24 14.23 5.93
C HIS P 88 -48.31 15.27 5.32
N GLU P 89 -47.02 15.17 5.63
CA GLU P 89 -46.01 16.12 5.16
C GLU P 89 -45.85 16.12 3.63
N LYS P 90 -45.87 14.91 3.05
CA LYS P 90 -45.64 14.69 1.64
C LYS P 90 -46.84 15.26 0.96
N LEU P 91 -48.03 15.06 1.54
CA LEU P 91 -49.30 15.53 0.98
C LEU P 91 -49.47 17.03 1.07
N ARG P 92 -49.18 17.59 2.24
CA ARG P 92 -49.21 19.04 2.40
C ARG P 92 -48.28 19.68 1.37
N TRP P 93 -47.16 19.04 1.08
CA TRP P 93 -46.18 19.57 0.14
C TRP P 93 -46.79 19.65 -1.24
N THR P 94 -47.52 18.61 -1.63
CA THR P 94 -48.16 18.61 -2.94
C THR P 94 -49.24 19.70 -2.95
N PHE P 95 -49.99 19.81 -1.86
CA PHE P 95 -51.06 20.79 -1.80
C PHE P 95 -50.51 22.19 -2.04
N ASN P 96 -49.39 22.53 -1.45
CA ASN P 96 -48.82 23.88 -1.63
C ASN P 96 -48.33 24.15 -3.03
N LEU P 97 -47.98 23.09 -3.74
CA LEU P 97 -47.60 23.17 -5.13
C LEU P 97 -48.83 23.48 -5.94
N TYR P 98 -49.94 22.80 -5.68
CA TYR P 98 -51.17 23.03 -6.41
C TYR P 98 -51.75 24.41 -6.10
N ASP P 99 -51.73 24.81 -4.82
CA ASP P 99 -52.25 26.13 -4.43
C ASP P 99 -51.29 27.21 -4.93
N ILE P 100 -51.43 27.59 -6.19
CA ILE P 100 -50.48 28.52 -6.86
C ILE P 100 -50.36 29.82 -6.14
N ASN P 101 -51.46 30.51 -5.87
CA ASN P 101 -51.33 31.86 -5.30
C ASN P 101 -51.12 31.89 -3.73
N LYS P 102 -50.78 30.77 -3.08
CA LYS P 102 -50.64 30.64 -1.63
C LYS P 102 -51.78 31.28 -0.82
N ASP P 103 -52.89 30.54 -0.76
CA ASP P 103 -54.04 30.94 0.07
C ASP P 103 -54.76 29.76 0.68
N GLY P 104 -54.23 28.57 0.54
CA GLY P 104 -54.74 27.36 1.19
C GLY P 104 -55.96 26.79 0.53
N TYR P 105 -56.24 27.28 -0.67
CA TYR P 105 -57.43 26.89 -1.41
C TYR P 105 -57.01 26.48 -2.84
N ILE P 106 -57.47 25.31 -3.29
CA ILE P 106 -57.28 24.92 -4.69
C ILE P 106 -58.60 25.01 -5.46
N ASN P 107 -58.64 25.87 -6.49
CA ASN P 107 -59.82 26.01 -7.34
C ASN P 107 -59.61 25.51 -8.76
N LYS P 108 -60.69 25.12 -9.44
CA LYS P 108 -60.65 24.63 -10.83
C LYS P 108 -59.66 25.42 -11.69
N GLU P 109 -59.76 26.74 -11.61
CA GLU P 109 -58.87 27.70 -12.24
C GLU P 109 -57.40 27.28 -12.24
N GLU P 110 -56.86 26.96 -11.07
CA GLU P 110 -55.42 26.75 -10.87
C GLU P 110 -54.99 25.29 -10.97
N MET P 111 -55.93 24.37 -10.83
CA MET P 111 -55.67 22.97 -11.03
C MET P 111 -55.49 22.72 -12.52
N MET P 112 -56.29 23.40 -13.33
CA MET P 112 -56.12 23.39 -14.78
C MET P 112 -54.70 23.78 -15.17
N ASP P 113 -54.21 24.87 -14.59
CA ASP P 113 -52.87 25.32 -14.84
C ASP P 113 -51.86 24.22 -14.63
N ILE P 114 -51.96 23.53 -13.50
CA ILE P 114 -51.02 22.47 -13.12
C ILE P 114 -51.05 21.36 -14.16
N VAL P 115 -52.25 20.86 -14.43
CA VAL P 115 -52.40 19.74 -15.31
C VAL P 115 -51.90 20.09 -16.71
N LYS P 116 -52.32 21.24 -17.25
CA LYS P 116 -51.78 21.72 -18.53
C LYS P 116 -50.24 21.84 -18.47
N ALA P 117 -49.73 22.40 -17.38
CA ALA P 117 -48.29 22.58 -17.18
C ALA P 117 -47.48 21.28 -17.14
N ILE P 118 -48.08 20.20 -16.65
CA ILE P 118 -47.43 18.88 -16.72
C ILE P 118 -47.60 18.23 -18.12
N TYR P 119 -48.81 18.27 -18.66
CA TYR P 119 -49.08 17.78 -19.98
C TYR P 119 -48.08 18.41 -20.93
N ASP P 120 -47.81 19.69 -20.76
CA ASP P 120 -46.85 20.38 -21.60
C ASP P 120 -45.46 19.79 -21.43
N MET P 121 -45.10 19.51 -20.18
CA MET P 121 -43.79 18.97 -19.86
C MET P 121 -43.57 17.68 -20.66
N MET P 122 -44.65 17.05 -21.10
CA MET P 122 -44.54 15.94 -22.07
C MET P 122 -45.00 16.20 -23.53
N GLY P 123 -46.23 16.72 -23.69
CA GLY P 123 -46.82 16.91 -25.01
C GLY P 123 -48.07 16.06 -25.14
N ALA P 131 -53.34 9.68 -19.90
CA ALA P 131 -54.58 10.46 -19.90
C ALA P 131 -55.74 9.62 -20.41
N GLU P 132 -57.00 9.85 -19.96
CA GLU P 132 -58.02 9.28 -20.72
C GLU P 132 -57.86 9.87 -22.04
N ASP P 133 -57.96 11.17 -21.99
CA ASP P 133 -57.43 12.03 -23.04
C ASP P 133 -57.49 13.46 -22.58
N THR P 134 -58.69 14.04 -22.37
CA THR P 134 -58.88 15.45 -22.06
C THR P 134 -58.18 15.91 -20.78
N PRO P 135 -57.79 17.20 -20.73
CA PRO P 135 -57.30 17.84 -19.50
C PRO P 135 -58.36 18.56 -18.64
N ARG P 136 -59.35 19.22 -19.25
CA ARG P 136 -60.52 19.70 -18.48
C ARG P 136 -61.19 18.51 -17.78
N GLN P 137 -61.45 17.46 -18.57
CA GLN P 137 -62.04 16.21 -18.07
C GLN P 137 -61.09 15.45 -17.12
N HIS P 138 -60.10 16.15 -16.60
CA HIS P 138 -59.13 15.56 -15.68
C HIS P 138 -59.11 16.27 -14.32
N VAL P 139 -59.26 17.59 -14.34
CA VAL P 139 -59.55 18.40 -13.18
C VAL P 139 -60.93 18.02 -12.65
N ASP P 140 -61.87 17.75 -13.56
CA ASP P 140 -63.24 17.38 -13.19
C ASP P 140 -63.29 16.09 -12.40
N VAL P 141 -62.56 15.07 -12.83
CA VAL P 141 -62.49 13.82 -12.06
C VAL P 141 -61.87 14.04 -10.67
N PHE P 142 -60.81 14.85 -10.62
CA PHE P 142 -60.15 15.28 -9.39
C PHE P 142 -61.14 15.93 -8.43
N PHE P 143 -61.79 17.02 -8.84
CA PHE P 143 -62.75 17.72 -7.96
C PHE P 143 -63.96 16.90 -7.54
N GLN P 144 -64.56 16.16 -8.48
CA GLN P 144 -65.76 15.37 -8.19
C GLN P 144 -65.43 14.19 -7.26
N LYS P 145 -64.14 13.93 -7.07
CA LYS P 145 -63.69 12.89 -6.14
C LYS P 145 -62.65 13.40 -5.12
N MET P 146 -62.67 14.71 -4.86
CA MET P 146 -61.77 15.34 -3.87
C MET P 146 -62.55 16.40 -3.07
N ASP P 147 -63.25 17.26 -3.74
CA ASP P 147 -64.11 18.30 -3.14
C ASP P 147 -65.34 17.60 -2.55
N LYS P 148 -65.24 17.31 -1.25
CA LYS P 148 -66.25 16.61 -0.53
C LYS P 148 -67.65 17.26 -0.60
N ASN P 149 -67.84 18.51 -0.15
CA ASN P 149 -69.24 18.97 -0.11
C ASN P 149 -69.83 19.55 -1.43
N LYS P 150 -68.98 19.71 -2.50
CA LYS P 150 -69.36 20.20 -3.85
C LYS P 150 -69.51 21.72 -3.97
N ASP P 151 -68.69 22.45 -3.22
CA ASP P 151 -68.70 23.93 -3.24
C ASP P 151 -67.66 24.42 -4.26
N GLY P 152 -67.07 23.48 -5.01
CA GLY P 152 -66.13 23.82 -6.08
C GLY P 152 -64.77 24.32 -5.59
N ILE P 153 -64.50 24.14 -4.31
CA ILE P 153 -63.28 24.61 -3.71
C ILE P 153 -62.72 23.52 -2.80
N VAL P 154 -61.47 23.10 -3.03
CA VAL P 154 -60.87 22.02 -2.25
C VAL P 154 -59.82 22.56 -1.28
N THR P 155 -60.04 22.29 0.02
CA THR P 155 -59.15 22.79 1.09
C THR P 155 -58.19 21.69 1.51
N LEU P 156 -57.22 22.06 2.34
CA LEU P 156 -56.16 21.14 2.74
C LEU P 156 -56.73 19.91 3.42
N ASP P 157 -57.64 20.14 4.37
CA ASP P 157 -58.25 19.05 5.08
C ASP P 157 -59.09 18.18 4.17
N GLU P 158 -59.76 18.82 3.22
CA GLU P 158 -60.53 18.10 2.20
C GLU P 158 -59.63 17.19 1.37
N PHE P 159 -58.47 17.73 0.98
CA PHE P 159 -57.46 17.03 0.16
C PHE P 159 -56.74 15.96 0.96
N LEU P 160 -56.49 16.23 2.24
CA LEU P 160 -55.79 15.27 3.13
C LEU P 160 -56.63 14.03 3.35
N GLU P 161 -57.82 14.22 3.93
CA GLU P 161 -58.77 13.14 4.22
C GLU P 161 -59.20 12.37 2.95
N SER P 162 -59.24 13.07 1.83
CA SER P 162 -59.64 12.49 0.54
C SER P 162 -58.62 11.50 -0.03
N CYS P 163 -57.34 11.79 0.19
CA CYS P 163 -56.25 10.94 -0.28
C CYS P 163 -55.97 9.75 0.64
N GLN P 164 -56.19 9.92 1.95
CA GLN P 164 -56.09 8.80 2.90
C GLN P 164 -57.11 7.71 2.57
N GLU P 165 -58.28 8.13 2.07
CA GLU P 165 -59.32 7.22 1.66
C GLU P 165 -58.94 6.41 0.42
N ASP P 166 -58.00 6.95 -0.36
CA ASP P 166 -57.62 6.36 -1.64
C ASP P 166 -56.56 5.23 -1.54
N ASP P 167 -57.05 3.99 -1.52
CA ASP P 167 -56.26 2.75 -1.55
C ASP P 167 -54.83 2.86 -2.11
N ASN P 168 -54.73 3.49 -3.26
CA ASN P 168 -53.51 3.43 -4.07
C ASN P 168 -52.69 4.71 -4.07
N ILE P 169 -53.34 5.87 -4.00
CA ILE P 169 -52.60 7.12 -3.80
C ILE P 169 -51.61 6.88 -2.67
N MET P 170 -52.13 6.27 -1.60
CA MET P 170 -51.44 6.05 -0.33
C MET P 170 -50.34 5.04 -0.42
N ARG P 171 -50.75 3.85 -0.87
CA ARG P 171 -49.89 2.78 -1.34
C ARG P 171 -48.68 3.37 -2.06
N SER P 172 -48.96 4.43 -2.84
CA SER P 172 -48.00 5.09 -3.71
C SER P 172 -46.93 5.90 -2.97
N LEU P 173 -47.37 6.81 -2.09
CA LEU P 173 -46.47 7.81 -1.51
C LEU P 173 -45.40 7.13 -0.69
N GLN P 174 -45.81 6.06 0.01
CA GLN P 174 -44.98 5.43 1.04
C GLN P 174 -43.76 4.69 0.46
N LEU P 175 -43.96 4.05 -0.71
CA LEU P 175 -42.89 3.39 -1.50
C LEU P 175 -41.51 4.02 -1.29
N PHE P 176 -40.62 3.25 -0.66
CA PHE P 176 -39.35 3.76 -0.12
C PHE P 176 -38.36 4.27 -1.17
N GLN P 177 -38.15 5.56 -1.25
CA GLN P 177 -37.14 6.02 -2.19
C GLN P 177 -35.78 5.71 -1.59
N ASN P 178 -34.72 5.89 -2.38
CA ASN P 178 -33.37 5.90 -1.84
C ASN P 178 -32.52 6.88 -2.62
N VAL P 179 -32.18 8.01 -1.99
CA VAL P 179 -31.15 8.90 -2.51
C VAL P 179 -29.80 8.19 -2.32
N MET P 180 -29.11 7.85 -3.42
CA MET P 180 -27.84 7.08 -3.34
C MET P 180 -27.32 6.71 -4.75
ZN ZN Q . -13.49 -19.25 28.86
ZN ZN R . -6.33 -33.15 16.10
ZN ZN S . 12.39 -28.36 21.03
ZN ZN T . 5.23 -14.32 33.61
CA CA U . -59.18 -13.15 18.93
CA CA V . -67.16 -3.50 17.30
NA NA W . -34.97 -1.62 -1.85
CA CA X . -3.89 -59.38 -24.52
CA CA Y . -9.10 -60.16 -35.32
NA NA Z . 3.47 -26.56 -23.49
CA CA AA . 59.23 -18.48 15.64
CA CA BA . 67.94 -16.95 7.27
NA NA CA . 35.15 0.65 2.95
CA CA DA . 1.36 26.72 56.73
CA CA EA . 6.09 38.24 57.04
NA NA FA . -2.03 25.51 23.47
ZN ZN GA . 0.50 34.32 -15.25
ZN ZN HA . 15.38 24.60 -24.39
ZN ZN IA . 2.01 13.83 -34.46
ZN ZN JA . -12.66 23.58 -25.51
CA CA KA . 18.24 58.41 21.38
CA CA LA . 15.90 59.40 33.90
CA CA MA . 57.90 3.17 -29.08
CA CA NA . 67.05 -1.17 -22.15
CA CA OA . -17.21 -23.62 -55.69
CA CA PA . -14.86 -35.96 -57.47
CA CA QA . -55.55 29.21 -4.34
CA CA RA . -65.09 21.81 -0.51
#